data_6XGO
# 
_entry.id   6XGO 
# 
_audit_conform.dict_name       mmcif_pdbx.dic 
_audit_conform.dict_version    5.380 
_audit_conform.dict_location   http://mmcif.pdb.org/dictionaries/ascii/mmcif_pdbx.dic 
# 
loop_
_database_2.database_id 
_database_2.database_code 
_database_2.pdbx_database_accession 
_database_2.pdbx_DOI 
PDB   6XGO         pdb_00006xgo 10.2210/pdb6xgo/pdb 
WWPDB D_1000249220 ?            ?                   
# 
_pdbx_database_status.status_code                     REL 
_pdbx_database_status.status_code_sf                  REL 
_pdbx_database_status.status_code_mr                  ? 
_pdbx_database_status.entry_id                        6XGO 
_pdbx_database_status.recvd_initial_deposition_date   2020-06-17 
_pdbx_database_status.SG_entry                        N 
_pdbx_database_status.deposit_site                    RCSB 
_pdbx_database_status.process_site                    RCSB 
_pdbx_database_status.status_code_cs                  ? 
_pdbx_database_status.status_code_nmr_data            ? 
_pdbx_database_status.methods_development_category    ? 
_pdbx_database_status.pdb_format_compatible           Y 
# 
loop_
_audit_author.name 
_audit_author.pdbx_ordinal 
_audit_author.identifier_ORCID 
'Simmons, C.R.'      1 0000-0002-2290-6132 
'MacCulloch, T.'     2 0000-0001-5875-3361 
'Stephanopoulos, N.' 3 0000-0001-7859-410X 
'Yan, H.'            4 0000-0001-7397-9852 
# 
_citation.abstract                  ? 
_citation.abstract_id_CAS           ? 
_citation.book_id_ISBN              ? 
_citation.book_publisher            ? 
_citation.book_publisher_city       ? 
_citation.book_title                ? 
_citation.coordinate_linkage        ? 
_citation.country                   UK 
_citation.database_id_Medline       ? 
_citation.details                   ? 
_citation.id                        primary 
_citation.journal_abbrev            'Nat Commun' 
_citation.journal_id_ASTM           ? 
_citation.journal_id_CSD            ? 
_citation.journal_id_ISSN           2041-1723 
_citation.journal_full              ? 
_citation.journal_issue             ? 
_citation.journal_volume            13 
_citation.language                  ? 
_citation.page_first                3112 
_citation.page_last                 3112 
_citation.title                     'The influence of Holliday junction sequence and dynamics on DNA crystal self-assembly.' 
_citation.year                      2022 
_citation.database_id_CSD           ? 
_citation.pdbx_database_id_DOI      10.1038/s41467-022-30779-6 
_citation.pdbx_database_id_PubMed   35662248 
_citation.unpublished_flag          ? 
# 
loop_
_citation_author.citation_id 
_citation_author.name 
_citation_author.ordinal 
_citation_author.identifier_ORCID 
primary 'Simmons, C.R.'      1  ?                   
primary 'MacCulloch, T.'     2  ?                   
primary 'Krepl, M.'          3  0000-0002-9833-4281 
primary 'Matthies, M.'       4  ?                   
primary 'Buchberger, A.'     5  ?                   
primary 'Crawford, I.'       6  ?                   
primary 'Sponer, J.'         7  0000-0001-6558-6186 
primary 'Sulc, P.'           8  0000-0003-1565-6769 
primary 'Stephanopoulos, N.' 9  0000-0001-7859-410X 
primary 'Yan, H.'            10 0000-0001-7397-9852 
# 
_cell.angle_alpha                  90.000 
_cell.angle_alpha_esd              ? 
_cell.angle_beta                   90.000 
_cell.angle_beta_esd               ? 
_cell.angle_gamma                  120.000 
_cell.angle_gamma_esd              ? 
_cell.entry_id                     6XGO 
_cell.details                      ? 
_cell.formula_units_Z              ? 
_cell.length_a                     68.810 
_cell.length_a_esd                 ? 
_cell.length_b                     68.810 
_cell.length_b_esd                 ? 
_cell.length_c                     59.712 
_cell.length_c_esd                 ? 
_cell.volume                       ? 
_cell.volume_esd                   ? 
_cell.Z_PDB                        3 
_cell.reciprocal_angle_alpha       ? 
_cell.reciprocal_angle_beta        ? 
_cell.reciprocal_angle_gamma       ? 
_cell.reciprocal_angle_alpha_esd   ? 
_cell.reciprocal_angle_beta_esd    ? 
_cell.reciprocal_angle_gamma_esd   ? 
_cell.reciprocal_length_a          ? 
_cell.reciprocal_length_b          ? 
_cell.reciprocal_length_c          ? 
_cell.reciprocal_length_a_esd      ? 
_cell.reciprocal_length_b_esd      ? 
_cell.reciprocal_length_c_esd      ? 
_cell.pdbx_unique_axis             ? 
# 
_symmetry.entry_id                         6XGO 
_symmetry.cell_setting                     ? 
_symmetry.Int_Tables_number                145 
_symmetry.space_group_name_Hall            ? 
_symmetry.space_group_name_H-M             'P 32' 
_symmetry.pdbx_full_space_group_name_H-M   ? 
# 
loop_
_entity.id 
_entity.type 
_entity.src_method 
_entity.pdbx_description 
_entity.formula_weight 
_entity.pdbx_number_of_molecules 
_entity.pdbx_ec 
_entity.pdbx_mutation 
_entity.pdbx_fragment 
_entity.details 
1 polymer     syn 
;DNA (5'-D(*GP*AP*GP*CP*AP*GP*AP*CP*AP*AP*G)-3')
;
3416.263 1 ? ? ? ? 
2 polymer     syn 
;DNA (5'-D(P*AP*CP*TP*CP*CP*AP*CP*TP*CP*A)-3')
;
2948.958 1 ? ? ? ? 
3 polymer     syn 
;DNA (5'-D(P*CP*TP*AP*GP*T)-3')
;
1495.023 1 ? ? ? ? 
4 polymer     syn 
;DNA (5'-D(*TP*CP*TP*GP*AP*GP*TP*GP*GP*TP*GP*TP*CP*TP*GP*C)-3')
;
4936.186 1 ? ? ? ? 
5 non-polymer syn 'MAGNESIUM ION'                                                  24.305   2 ? ? ? ? 
# 
loop_
_entity_poly.entity_id 
_entity_poly.type 
_entity_poly.nstd_linkage 
_entity_poly.nstd_monomer 
_entity_poly.pdbx_seq_one_letter_code 
_entity_poly.pdbx_seq_one_letter_code_can 
_entity_poly.pdbx_strand_id 
_entity_poly.pdbx_target_identifier 
1 polydeoxyribonucleotide no no '(DG)(DA)(DG)(DC)(DA)(DG)(DA)(DC)(DA)(DA)(DG)'                     GAGCAGACAAG      A ? 
2 polydeoxyribonucleotide no no '(DA)(DC)(DT)(DC)(DC)(DA)(DC)(DT)(DC)(DA)'                         ACTCCACTCA       B ? 
3 polydeoxyribonucleotide no no '(DC)(DT)(DA)(DG)(DT)'                                             CTAGT            C ? 
4 polydeoxyribonucleotide no no '(DT)(DC)(DT)(DG)(DA)(DG)(DT)(DG)(DG)(DT)(DG)(DT)(DC)(DT)(DG)(DC)' TCTGAGTGGTGTCTGC D ? 
# 
loop_
_entity_poly_seq.entity_id 
_entity_poly_seq.num 
_entity_poly_seq.mon_id 
_entity_poly_seq.hetero 
1 1  DG n 
1 2  DA n 
1 3  DG n 
1 4  DC n 
1 5  DA n 
1 6  DG n 
1 7  DA n 
1 8  DC n 
1 9  DA n 
1 10 DA n 
1 11 DG n 
2 1  DA n 
2 2  DC n 
2 3  DT n 
2 4  DC n 
2 5  DC n 
2 6  DA n 
2 7  DC n 
2 8  DT n 
2 9  DC n 
2 10 DA n 
3 1  DC n 
3 2  DT n 
3 3  DA n 
3 4  DG n 
3 5  DT n 
4 1  DT n 
4 2  DC n 
4 3  DT n 
4 4  DG n 
4 5  DA n 
4 6  DG n 
4 7  DT n 
4 8  DG n 
4 9  DG n 
4 10 DT n 
4 11 DG n 
4 12 DT n 
4 13 DC n 
4 14 DT n 
4 15 DG n 
4 16 DC n 
# 
loop_
_pdbx_entity_src_syn.entity_id 
_pdbx_entity_src_syn.pdbx_src_id 
_pdbx_entity_src_syn.pdbx_alt_source_flag 
_pdbx_entity_src_syn.pdbx_beg_seq_num 
_pdbx_entity_src_syn.pdbx_end_seq_num 
_pdbx_entity_src_syn.organism_scientific 
_pdbx_entity_src_syn.organism_common_name 
_pdbx_entity_src_syn.ncbi_taxonomy_id 
_pdbx_entity_src_syn.details 
1 1 sample 1 11 'synthetic construct' ? 32630 ? 
2 1 sample 1 10 'synthetic construct' ? 32630 ? 
3 1 sample 1 5  'synthetic construct' ? 32630 ? 
4 1 sample 1 16 'synthetic construct' ? 32630 ? 
# 
loop_
_struct_ref.id 
_struct_ref.db_name 
_struct_ref.db_code 
_struct_ref.pdbx_db_accession 
_struct_ref.pdbx_db_isoform 
_struct_ref.entity_id 
_struct_ref.pdbx_seq_one_letter_code 
_struct_ref.pdbx_align_begin 
1 PDB 6XGO 6XGO ? 1 ? 1 
2 PDB 6XGO 6XGO ? 2 ? 1 
3 PDB 6XGO 6XGO ? 3 ? 1 
4 PDB 6XGO 6XGO ? 4 ? 1 
# 
loop_
_struct_ref_seq.align_id 
_struct_ref_seq.ref_id 
_struct_ref_seq.pdbx_PDB_id_code 
_struct_ref_seq.pdbx_strand_id 
_struct_ref_seq.seq_align_beg 
_struct_ref_seq.pdbx_seq_align_beg_ins_code 
_struct_ref_seq.seq_align_end 
_struct_ref_seq.pdbx_seq_align_end_ins_code 
_struct_ref_seq.pdbx_db_accession 
_struct_ref_seq.db_align_beg 
_struct_ref_seq.pdbx_db_align_beg_ins_code 
_struct_ref_seq.db_align_end 
_struct_ref_seq.pdbx_db_align_end_ins_code 
_struct_ref_seq.pdbx_auth_seq_align_beg 
_struct_ref_seq.pdbx_auth_seq_align_end 
1 1 6XGO A 1 ? 11 ? 6XGO 1  ? 11 ? 1  11 
2 2 6XGO B 1 ? 10 ? 6XGO 12 ? 21 ? 12 21 
3 3 6XGO C 1 ? 5  ? 6XGO 1  ? 5  ? 1  5  
4 4 6XGO D 1 ? 16 ? 6XGO 1  ? 16 ? 1  16 
# 
loop_
_chem_comp.id 
_chem_comp.type 
_chem_comp.mon_nstd_flag 
_chem_comp.name 
_chem_comp.pdbx_synonyms 
_chem_comp.formula 
_chem_comp.formula_weight 
DA 'DNA linking' y "2'-DEOXYADENOSINE-5'-MONOPHOSPHATE" ? 'C10 H14 N5 O6 P' 331.222 
DC 'DNA linking' y "2'-DEOXYCYTIDINE-5'-MONOPHOSPHATE"  ? 'C9 H14 N3 O7 P'  307.197 
DG 'DNA linking' y "2'-DEOXYGUANOSINE-5'-MONOPHOSPHATE" ? 'C10 H14 N5 O7 P' 347.221 
DT 'DNA linking' y "THYMIDINE-5'-MONOPHOSPHATE"         ? 'C10 H15 N2 O8 P' 322.208 
MG non-polymer   . 'MAGNESIUM ION'                      ? 'Mg 2'            24.305  
# 
_exptl.absorpt_coefficient_mu     ? 
_exptl.absorpt_correction_T_max   ? 
_exptl.absorpt_correction_T_min   ? 
_exptl.absorpt_correction_type    ? 
_exptl.absorpt_process_details    ? 
_exptl.entry_id                   6XGO 
_exptl.crystals_number            1 
_exptl.details                    ? 
_exptl.method                     'X-RAY DIFFRACTION' 
_exptl.method_details             ? 
# 
_exptl_crystal.colour                      ? 
_exptl_crystal.density_diffrn              ? 
_exptl_crystal.density_Matthews            6.38 
_exptl_crystal.density_method              ? 
_exptl_crystal.density_percent_sol         80.71 
_exptl_crystal.description                 ? 
_exptl_crystal.F_000                       ? 
_exptl_crystal.id                          1 
_exptl_crystal.preparation                 ? 
_exptl_crystal.size_max                    ? 
_exptl_crystal.size_mid                    ? 
_exptl_crystal.size_min                    ? 
_exptl_crystal.size_rad                    ? 
_exptl_crystal.colour_lustre               ? 
_exptl_crystal.colour_modifier             ? 
_exptl_crystal.colour_primary              ? 
_exptl_crystal.density_meas                ? 
_exptl_crystal.density_meas_esd            ? 
_exptl_crystal.density_meas_gt             ? 
_exptl_crystal.density_meas_lt             ? 
_exptl_crystal.density_meas_temp           ? 
_exptl_crystal.density_meas_temp_esd       ? 
_exptl_crystal.density_meas_temp_gt        ? 
_exptl_crystal.density_meas_temp_lt        ? 
_exptl_crystal.pdbx_crystal_image_url      ? 
_exptl_crystal.pdbx_crystal_image_format   ? 
_exptl_crystal.pdbx_mosaicity              ? 
_exptl_crystal.pdbx_mosaicity_esd          ? 
# 
_exptl_crystal_grow.apparatus       ? 
_exptl_crystal_grow.atmosphere      ? 
_exptl_crystal_grow.crystal_id      1 
_exptl_crystal_grow.details         ? 
_exptl_crystal_grow.method          'VAPOR DIFFUSION, SITTING DROP' 
_exptl_crystal_grow.method_ref      ? 
_exptl_crystal_grow.pH              ? 
_exptl_crystal_grow.pressure        ? 
_exptl_crystal_grow.pressure_esd    ? 
_exptl_crystal_grow.seeding         ? 
_exptl_crystal_grow.seeding_ref     ? 
_exptl_crystal_grow.temp            298 
_exptl_crystal_grow.temp_details    'temperature gradient generated from 60 to 25 C at 0.3 degrees per hour' 
_exptl_crystal_grow.temp_esd        ? 
_exptl_crystal_grow.time            ? 
_exptl_crystal_grow.pdbx_details    
;0.5 mL of 0.05 M HEPES pH 7.5 with 20 mM MgCl2, 1.0 mM spermine, and 5% PEG 8000  was added to the reservoir with 2 uL added to the drop containing 4 uL of DNA stock
;
_exptl_crystal_grow.pdbx_pH_range   ? 
# 
_diffrn.ambient_environment              ? 
_diffrn.ambient_temp                     100 
_diffrn.ambient_temp_details             ? 
_diffrn.ambient_temp_esd                 ? 
_diffrn.crystal_id                       1 
_diffrn.crystal_support                  ? 
_diffrn.crystal_treatment                ? 
_diffrn.details                          ? 
_diffrn.id                               1 
_diffrn.ambient_pressure                 ? 
_diffrn.ambient_pressure_esd             ? 
_diffrn.ambient_pressure_gt              ? 
_diffrn.ambient_pressure_lt              ? 
_diffrn.ambient_temp_gt                  ? 
_diffrn.ambient_temp_lt                  ? 
_diffrn.pdbx_serial_crystal_experiment   N 
# 
_diffrn_detector.details                      ? 
_diffrn_detector.detector                     PIXEL 
_diffrn_detector.diffrn_id                    1 
_diffrn_detector.type                         'DECTRIS PILATUS3 6M' 
_diffrn_detector.area_resol_mean              ? 
_diffrn_detector.dtime                        ? 
_diffrn_detector.pdbx_frames_total            ? 
_diffrn_detector.pdbx_collection_time_total   ? 
_diffrn_detector.pdbx_collection_date         2017-10-15 
_diffrn_detector.pdbx_frequency               ? 
# 
_diffrn_radiation.collimation                      ? 
_diffrn_radiation.diffrn_id                        1 
_diffrn_radiation.filter_edge                      ? 
_diffrn_radiation.inhomogeneity                    ? 
_diffrn_radiation.monochromator                    ? 
_diffrn_radiation.polarisn_norm                    ? 
_diffrn_radiation.polarisn_ratio                   ? 
_diffrn_radiation.probe                            ? 
_diffrn_radiation.type                             ? 
_diffrn_radiation.xray_symbol                      ? 
_diffrn_radiation.wavelength_id                    1 
_diffrn_radiation.pdbx_monochromatic_or_laue_m_l   M 
_diffrn_radiation.pdbx_wavelength_list             ? 
_diffrn_radiation.pdbx_wavelength                  ? 
_diffrn_radiation.pdbx_diffrn_protocol             'SINGLE WAVELENGTH' 
_diffrn_radiation.pdbx_analyzer                    ? 
_diffrn_radiation.pdbx_scattering_type             x-ray 
# 
_diffrn_radiation_wavelength.id           1 
_diffrn_radiation_wavelength.wavelength   0.98 
_diffrn_radiation_wavelength.wt           1.0 
# 
_diffrn_source.current                     ? 
_diffrn_source.details                     ? 
_diffrn_source.diffrn_id                   1 
_diffrn_source.power                       ? 
_diffrn_source.size                        ? 
_diffrn_source.source                      SYNCHROTRON 
_diffrn_source.target                      ? 
_diffrn_source.type                        'APS BEAMLINE 19-ID' 
_diffrn_source.voltage                     ? 
_diffrn_source.take-off_angle              ? 
_diffrn_source.pdbx_wavelength_list        0.98 
_diffrn_source.pdbx_wavelength             ? 
_diffrn_source.pdbx_synchrotron_beamline   19-ID 
_diffrn_source.pdbx_synchrotron_site       APS 
# 
_reflns.B_iso_Wilson_estimate            ? 
_reflns.entry_id                         6XGO 
_reflns.data_reduction_details           ? 
_reflns.data_reduction_method            ? 
_reflns.d_resolution_high                3.000 
_reflns.d_resolution_low                 59.59 
_reflns.details                          ? 
_reflns.limit_h_max                      ? 
_reflns.limit_h_min                      ? 
_reflns.limit_k_max                      ? 
_reflns.limit_k_min                      ? 
_reflns.limit_l_max                      ? 
_reflns.limit_l_min                      ? 
_reflns.number_all                       ? 
_reflns.number_obs                       6287 
_reflns.observed_criterion               ? 
_reflns.observed_criterion_F_max         ? 
_reflns.observed_criterion_F_min         ? 
_reflns.observed_criterion_I_max         ? 
_reflns.observed_criterion_I_min         ? 
_reflns.observed_criterion_sigma_F       ? 
_reflns.observed_criterion_sigma_I       ? 
_reflns.percent_possible_obs             99.400 
_reflns.R_free_details                   ? 
_reflns.Rmerge_F_all                     ? 
_reflns.Rmerge_F_obs                     ? 
_reflns.Friedel_coverage                 ? 
_reflns.number_gt                        ? 
_reflns.threshold_expression             ? 
_reflns.pdbx_redundancy                  5.800 
_reflns.pdbx_Rmerge_I_obs                0.131 
_reflns.pdbx_Rmerge_I_all                ? 
_reflns.pdbx_Rsym_value                  ? 
_reflns.pdbx_netI_over_av_sigmaI         ? 
_reflns.pdbx_netI_over_sigmaI            8.800 
_reflns.pdbx_res_netI_over_av_sigmaI_2   ? 
_reflns.pdbx_res_netI_over_sigmaI_2      ? 
_reflns.pdbx_chi_squared                 1.742 
_reflns.pdbx_scaling_rejects             ? 
_reflns.pdbx_d_res_high_opt              ? 
_reflns.pdbx_d_res_low_opt               ? 
_reflns.pdbx_d_res_opt_method            ? 
_reflns.phase_calculation_details        ? 
_reflns.pdbx_Rrim_I_all                  0.144 
_reflns.pdbx_Rpim_I_all                  0.059 
_reflns.pdbx_d_opt                       ? 
_reflns.pdbx_number_measured_all         ? 
_reflns.pdbx_diffrn_id                   1 
_reflns.pdbx_ordinal                     1 
_reflns.pdbx_CC_half                     ? 
_reflns.pdbx_CC_star                     ? 
_reflns.pdbx_R_split                     ? 
# 
loop_
_reflns_shell.d_res_high 
_reflns_shell.d_res_low 
_reflns_shell.meanI_over_sigI_all 
_reflns_shell.meanI_over_sigI_obs 
_reflns_shell.number_measured_all 
_reflns_shell.number_measured_obs 
_reflns_shell.number_possible 
_reflns_shell.number_unique_all 
_reflns_shell.number_unique_obs 
_reflns_shell.percent_possible_all 
_reflns_shell.percent_possible_obs 
_reflns_shell.Rmerge_F_all 
_reflns_shell.Rmerge_F_obs 
_reflns_shell.Rmerge_I_all 
_reflns_shell.Rmerge_I_obs 
_reflns_shell.meanI_over_sigI_gt 
_reflns_shell.meanI_over_uI_all 
_reflns_shell.meanI_over_uI_gt 
_reflns_shell.number_measured_gt 
_reflns_shell.number_unique_gt 
_reflns_shell.percent_possible_gt 
_reflns_shell.Rmerge_F_gt 
_reflns_shell.Rmerge_I_gt 
_reflns_shell.pdbx_redundancy 
_reflns_shell.pdbx_Rsym_value 
_reflns_shell.pdbx_chi_squared 
_reflns_shell.pdbx_netI_over_sigmaI_all 
_reflns_shell.pdbx_netI_over_sigmaI_obs 
_reflns_shell.pdbx_Rrim_I_all 
_reflns_shell.pdbx_Rpim_I_all 
_reflns_shell.pdbx_rejects 
_reflns_shell.pdbx_ordinal 
_reflns_shell.pdbx_diffrn_id 
_reflns_shell.pdbx_CC_half 
_reflns_shell.pdbx_CC_star 
_reflns_shell.pdbx_R_split 
3.000 3.050  ? ? ? ? ? ? 281 95.600  ? ? ? ? 0.747 ? ? ? ? ? ? ? ? 4.700 ? 0.518 ? ? 0.825 0.343 ? 1  1 0.915 ? ? 
3.050 3.110  ? ? ? ? ? ? 309 96.600  ? ? ? ? 0.318 ? ? ? ? ? ? ? ? 4.900 ? 0.603 ? ? 0.351 0.145 ? 2  1 0.980 ? ? 
3.110 3.170  ? ? ? ? ? ? 300 97.700  ? ? ? ? 0.202 ? ? ? ? ? ? ? ? 4.900 ? 0.790 ? ? 0.222 0.091 ? 3  1 0.992 ? ? 
3.170 3.230  ? ? ? ? ? ? 330 100.000 ? ? ? ? 0.131 ? ? ? ? ? ? ? ? 4.800 ? 1.135 ? ? 0.148 0.067 ? 4  1 0.989 ? ? 
3.230 3.300  ? ? ? ? ? ? 322 99.400  ? ? ? ? 0.163 ? ? ? ? ? ? ? ? 5.000 ? 1.314 ? ? 0.187 0.089 ? 5  1 0.980 ? ? 
3.300 3.380  ? ? ? ? ? ? 304 100.000 ? ? ? ? 0.160 ? ? ? ? ? ? ? ? 6.000 ? 1.224 ? ? 0.174 0.069 ? 6  1 0.990 ? ? 
3.380 3.460  ? ? ? ? ? ? 311 100.000 ? ? ? ? 0.178 ? ? ? ? ? ? ? ? 5.900 ? 2.321 ? ? 0.197 0.084 ? 7  1 0.988 ? ? 
3.460 3.560  ? ? ? ? ? ? 330 100.000 ? ? ? ? 0.156 ? ? ? ? ? ? ? ? 6.200 ? 1.139 ? ? 0.170 0.067 ? 8  1 0.994 ? ? 
3.560 3.660  ? ? ? ? ? ? 316 100.000 ? ? ? ? 0.224 ? ? ? ? ? ? ? ? 6.000 ? 1.660 ? ? 0.245 0.100 ? 9  1 0.991 ? ? 
3.660 3.780  ? ? ? ? ? ? 310 100.000 ? ? ? ? 0.181 ? ? ? ? ? ? ? ? 6.100 ? 1.379 ? ? 0.198 0.079 ? 10 1 0.988 ? ? 
3.780 3.910  ? ? ? ? ? ? 337 100.000 ? ? ? ? 0.200 ? ? ? ? ? ? ? ? 5.800 ? 2.393 ? ? 0.218 0.087 ? 11 1 0.990 ? ? 
3.910 4.070  ? ? ? ? ? ? 304 100.000 ? ? ? ? 0.125 ? ? ? ? ? ? ? ? 5.500 ? 1.983 ? ? 0.138 0.058 ? 12 1 0.990 ? ? 
4.070 4.260  ? ? ? ? ? ? 327 100.000 ? ? ? ? 0.118 ? ? ? ? ? ? ? ? 6.300 ? 2.058 ? ? 0.129 0.051 ? 13 1 0.988 ? ? 
4.260 4.480  ? ? ? ? ? ? 298 100.000 ? ? ? ? 0.113 ? ? ? ? ? ? ? ? 6.300 ? 2.295 ? ? 0.123 0.048 ? 14 1 0.991 ? ? 
4.480 4.760  ? ? ? ? ? ? 333 99.700  ? ? ? ? 0.102 ? ? ? ? ? ? ? ? 6.200 ? 2.060 ? ? 0.111 0.044 ? 15 1 0.991 ? ? 
4.760 5.130  ? ? ? ? ? ? 307 100.000 ? ? ? ? 0.101 ? ? ? ? ? ? ? ? 6.000 ? 2.739 ? ? 0.111 0.046 ? 16 1 0.986 ? ? 
5.130 5.640  ? ? ? ? ? ? 332 100.000 ? ? ? ? 0.090 ? ? ? ? ? ? ? ? 5.900 ? 3.062 ? ? 0.098 0.039 ? 17 1 0.993 ? ? 
5.640 6.460  ? ? ? ? ? ? 293 100.000 ? ? ? ? 0.098 ? ? ? ? ? ? ? ? 6.400 ? 2.149 ? ? 0.106 0.041 ? 18 1 0.989 ? ? 
6.460 8.130  ? ? ? ? ? ? 319 99.400  ? ? ? ? 0.088 ? ? ? ? ? ? ? ? 5.900 ? 2.601 ? ? 0.097 0.040 ? 19 1 0.989 ? ? 
8.130 50.000 ? ? ? ? ? ? 324 98.800  ? ? ? ? 0.138 ? ? ? ? ? ? ? ? 6.000 ? 0.329 ? ? 0.152 0.063 ? 20 1 0.938 ? ? 
# 
_refine.aniso_B[1][1]                            0.0100 
_refine.aniso_B[1][2]                            0.0100 
_refine.aniso_B[1][3]                            0.0000 
_refine.aniso_B[2][2]                            0.0100 
_refine.aniso_B[2][3]                            0.0000 
_refine.aniso_B[3][3]                            -0.0500 
_refine.B_iso_max                                220.270 
_refine.B_iso_mean                               97.8700 
_refine.B_iso_min                                40.680 
_refine.correlation_coeff_Fo_to_Fc               0.9590 
_refine.correlation_coeff_Fo_to_Fc_free          0.9630 
_refine.details                                  
'HYDROGENS HAVE BEEN ADDED IN THE RIDING POSITIONS U VALUES      : REFINED INDIVIDUALLY' 
_refine.diff_density_max                         ? 
_refine.diff_density_max_esd                     ? 
_refine.diff_density_min                         ? 
_refine.diff_density_min_esd                     ? 
_refine.diff_density_rms                         ? 
_refine.diff_density_rms_esd                     ? 
_refine.entry_id                                 6XGO 
_refine.pdbx_refine_id                           'X-RAY DIFFRACTION' 
_refine.ls_abs_structure_details                 ? 
_refine.ls_abs_structure_Flack                   ? 
_refine.ls_abs_structure_Flack_esd               ? 
_refine.ls_abs_structure_Rogers                  ? 
_refine.ls_abs_structure_Rogers_esd              ? 
_refine.ls_d_res_high                            3.0000 
_refine.ls_d_res_low                             50.00 
_refine.ls_extinction_coef                       ? 
_refine.ls_extinction_coef_esd                   ? 
_refine.ls_extinction_expression                 ? 
_refine.ls_extinction_method                     ? 
_refine.ls_goodness_of_fit_all                   ? 
_refine.ls_goodness_of_fit_all_esd               ? 
_refine.ls_goodness_of_fit_obs                   ? 
_refine.ls_goodness_of_fit_obs_esd               ? 
_refine.ls_hydrogen_treatment                    ? 
_refine.ls_matrix_type                           ? 
_refine.ls_number_constraints                    ? 
_refine.ls_number_parameters                     ? 
_refine.ls_number_reflns_all                     ? 
_refine.ls_number_reflns_obs                     5790 
_refine.ls_number_reflns_R_free                  311 
_refine.ls_number_reflns_R_work                  ? 
_refine.ls_number_restraints                     ? 
_refine.ls_percent_reflns_obs                    96.6300 
_refine.ls_percent_reflns_R_free                 5.1000 
_refine.ls_R_factor_all                          ? 
_refine.ls_R_factor_obs                          0.2124 
_refine.ls_R_factor_R_free                       0.2336 
_refine.ls_R_factor_R_free_error                 ? 
_refine.ls_R_factor_R_free_error_details         ? 
_refine.ls_R_factor_R_work                       0.2112 
_refine.ls_R_Fsqd_factor_obs                     ? 
_refine.ls_R_I_factor_obs                        ? 
_refine.ls_redundancy_reflns_all                 ? 
_refine.ls_redundancy_reflns_obs                 ? 
_refine.ls_restrained_S_all                      ? 
_refine.ls_restrained_S_obs                      ? 
_refine.ls_shift_over_esd_max                    ? 
_refine.ls_shift_over_esd_mean                   ? 
_refine.ls_structure_factor_coef                 ? 
_refine.ls_weighting_details                     ? 
_refine.ls_weighting_scheme                      ? 
_refine.ls_wR_factor_all                         ? 
_refine.ls_wR_factor_obs                         ? 
_refine.ls_wR_factor_R_free                      ? 
_refine.ls_wR_factor_R_work                      ? 
_refine.occupancy_max                            ? 
_refine.occupancy_min                            ? 
_refine.solvent_model_details                    MASK 
_refine.solvent_model_param_bsol                 ? 
_refine.solvent_model_param_ksol                 ? 
_refine.pdbx_R_complete                          ? 
_refine.ls_R_factor_gt                           ? 
_refine.ls_goodness_of_fit_gt                    ? 
_refine.ls_goodness_of_fit_ref                   ? 
_refine.ls_shift_over_su_max                     ? 
_refine.ls_shift_over_su_max_lt                  ? 
_refine.ls_shift_over_su_mean                    ? 
_refine.ls_shift_over_su_mean_lt                 ? 
_refine.pdbx_ls_sigma_I                          ? 
_refine.pdbx_ls_sigma_F                          0.000 
_refine.pdbx_ls_sigma_Fsqd                       ? 
_refine.pdbx_data_cutoff_high_absF               ? 
_refine.pdbx_data_cutoff_high_rms_absF           ? 
_refine.pdbx_data_cutoff_low_absF                ? 
_refine.pdbx_isotropic_thermal_model             ? 
_refine.pdbx_ls_cross_valid_method               THROUGHOUT 
_refine.pdbx_method_to_determine_struct          'MOLECULAR REPLACEMENT' 
_refine.pdbx_starting_model                      6x8c 
_refine.pdbx_stereochemistry_target_values       'MAXIMUM LIKELIHOOD' 
_refine.pdbx_R_Free_selection_details            RANDOM 
_refine.pdbx_stereochem_target_val_spec_case     ? 
_refine.pdbx_overall_ESU_R                       0.3930 
_refine.pdbx_overall_ESU_R_Free                  0.2780 
_refine.pdbx_solvent_vdw_probe_radii             1.2000 
_refine.pdbx_solvent_ion_probe_radii             0.8000 
_refine.pdbx_solvent_shrinkage_radii             0.8000 
_refine.pdbx_real_space_R                        ? 
_refine.pdbx_density_correlation                 ? 
_refine.pdbx_pd_number_of_powder_patterns        ? 
_refine.pdbx_pd_number_of_points                 ? 
_refine.pdbx_pd_meas_number_of_points            ? 
_refine.pdbx_pd_proc_ls_prof_R_factor            ? 
_refine.pdbx_pd_proc_ls_prof_wR_factor           ? 
_refine.pdbx_pd_Marquardt_correlation_coeff      ? 
_refine.pdbx_pd_Fsqrd_R_factor                   ? 
_refine.pdbx_pd_ls_matrix_band_width             ? 
_refine.pdbx_overall_phase_error                 ? 
_refine.pdbx_overall_SU_R_free_Cruickshank_DPI   ? 
_refine.pdbx_overall_SU_R_free_Blow_DPI          ? 
_refine.pdbx_overall_SU_R_Blow_DPI               ? 
_refine.pdbx_TLS_residual_ADP_flag               ? 
_refine.pdbx_diffrn_id                           1 
_refine.overall_SU_B                             13.9190 
_refine.overall_SU_ML                            0.2480 
_refine.overall_SU_R_Cruickshank_DPI             ? 
_refine.overall_SU_R_free                        ? 
_refine.overall_FOM_free_R_set                   ? 
_refine.overall_FOM_work_R_set                   ? 
_refine.pdbx_average_fsc_overall                 ? 
_refine.pdbx_average_fsc_work                    ? 
_refine.pdbx_average_fsc_free                    ? 
# 
_refine_hist.pdbx_refine_id                   'X-RAY DIFFRACTION' 
_refine_hist.cycle_id                         final 
_refine_hist.details                          ? 
_refine_hist.d_res_high                       3.0000 
_refine_hist.d_res_low                        50.00 
_refine_hist.number_atoms_solvent             0 
_refine_hist.number_atoms_total               857 
_refine_hist.number_reflns_all                ? 
_refine_hist.number_reflns_obs                ? 
_refine_hist.number_reflns_R_free             ? 
_refine_hist.number_reflns_R_work             ? 
_refine_hist.R_factor_all                     ? 
_refine_hist.R_factor_obs                     ? 
_refine_hist.R_factor_R_free                  ? 
_refine_hist.R_factor_R_work                  ? 
_refine_hist.pdbx_number_residues_total       42 
_refine_hist.pdbx_B_iso_mean_ligand           69.07 
_refine_hist.pdbx_B_iso_mean_solvent          ? 
_refine_hist.pdbx_number_atoms_protein        0 
_refine_hist.pdbx_number_atoms_nucleic_acid   855 
_refine_hist.pdbx_number_atoms_ligand         2 
_refine_hist.pdbx_number_atoms_lipid          ? 
_refine_hist.pdbx_number_atoms_carb           ? 
_refine_hist.pdbx_pseudo_atom_details         ? 
# 
_refine_ls_shell.pdbx_refine_id                   'X-RAY DIFFRACTION' 
_refine_ls_shell.d_res_high                       3.0010 
_refine_ls_shell.d_res_low                        3.0790 
_refine_ls_shell.number_reflns_all                419 
_refine_ls_shell.number_reflns_obs                ? 
_refine_ls_shell.number_reflns_R_free             22 
_refine_ls_shell.number_reflns_R_work             397 
_refine_ls_shell.percent_reflns_obs               94.3700 
_refine_ls_shell.percent_reflns_R_free            ? 
_refine_ls_shell.R_factor_all                     ? 
_refine_ls_shell.R_factor_obs                     ? 
_refine_ls_shell.R_factor_R_free                  0.3850 
_refine_ls_shell.R_factor_R_free_error            0.0000 
_refine_ls_shell.R_factor_R_work                  0.3360 
_refine_ls_shell.redundancy_reflns_all            ? 
_refine_ls_shell.redundancy_reflns_obs            ? 
_refine_ls_shell.wR_factor_all                    ? 
_refine_ls_shell.wR_factor_obs                    ? 
_refine_ls_shell.wR_factor_R_free                 ? 
_refine_ls_shell.wR_factor_R_work                 ? 
_refine_ls_shell.pdbx_R_complete                  ? 
_refine_ls_shell.pdbx_total_number_of_bins_used   20 
_refine_ls_shell.pdbx_phase_error                 ? 
_refine_ls_shell.pdbx_fsc_work                    ? 
_refine_ls_shell.pdbx_fsc_free                    ? 
# 
_struct.entry_id                     6XGO 
_struct.title                        
'Self-assembly of a 3D DNA crystal lattice (4x5 junction version) containing the J34 immobile Holliday junction' 
_struct.pdbx_model_details           ? 
_struct.pdbx_formula_weight          ? 
_struct.pdbx_formula_weight_method   ? 
_struct.pdbx_model_type_details      ? 
_struct.pdbx_CASP_flag               N 
# 
_struct_keywords.entry_id        6XGO 
_struct_keywords.text            
'Structural DNA nanotechnology, immobile Holliday junctions, 3D DNA self-assembly, designer DNA crystals, DNA' 
_struct_keywords.pdbx_keywords   DNA 
# 
loop_
_struct_asym.id 
_struct_asym.pdbx_blank_PDB_chainid_flag 
_struct_asym.pdbx_modified 
_struct_asym.entity_id 
_struct_asym.details 
A N N 1 ? 
B N N 2 ? 
C N N 3 ? 
D N N 4 ? 
E N N 5 ? 
F N N 5 ? 
# 
loop_
_struct_conn.id 
_struct_conn.conn_type_id 
_struct_conn.pdbx_leaving_atom_flag 
_struct_conn.pdbx_PDB_id 
_struct_conn.ptnr1_label_asym_id 
_struct_conn.ptnr1_label_comp_id 
_struct_conn.ptnr1_label_seq_id 
_struct_conn.ptnr1_label_atom_id 
_struct_conn.pdbx_ptnr1_label_alt_id 
_struct_conn.pdbx_ptnr1_PDB_ins_code 
_struct_conn.pdbx_ptnr1_standard_comp_id 
_struct_conn.ptnr1_symmetry 
_struct_conn.ptnr2_label_asym_id 
_struct_conn.ptnr2_label_comp_id 
_struct_conn.ptnr2_label_seq_id 
_struct_conn.ptnr2_label_atom_id 
_struct_conn.pdbx_ptnr2_label_alt_id 
_struct_conn.pdbx_ptnr2_PDB_ins_code 
_struct_conn.ptnr1_auth_asym_id 
_struct_conn.ptnr1_auth_comp_id 
_struct_conn.ptnr1_auth_seq_id 
_struct_conn.ptnr2_auth_asym_id 
_struct_conn.ptnr2_auth_comp_id 
_struct_conn.ptnr2_auth_seq_id 
_struct_conn.ptnr2_symmetry 
_struct_conn.pdbx_ptnr3_label_atom_id 
_struct_conn.pdbx_ptnr3_label_seq_id 
_struct_conn.pdbx_ptnr3_label_comp_id 
_struct_conn.pdbx_ptnr3_label_asym_id 
_struct_conn.pdbx_ptnr3_label_alt_id 
_struct_conn.pdbx_ptnr3_PDB_ins_code 
_struct_conn.details 
_struct_conn.pdbx_dist_value 
_struct_conn.pdbx_value_order 
_struct_conn.pdbx_role 
hydrog1  hydrog ? ? A DG 3  O6 ? ? ? 1_555 D DG 15 N1 ? ? A DG 3  D DG 15 1_555 ? ? ? ? ? ? 'DG-DG MISPAIR' ? ? ? 
hydrog2  hydrog ? ? A DG 3  O6 ? ? ? 1_555 D DC 16 N4 ? ? A DG 3  D DC 16 1_555 ? ? ? ? ? ? 'DG-DC PAIR'    ? ? ? 
hydrog3  hydrog ? ? A DC 4  N4 ? ? ? 1_555 D DT 14 O4 ? ? A DC 4  D DT 14 1_555 ? ? ? ? ? ? 'DC-DT MISPAIR' ? ? ? 
hydrog4  hydrog ? ? A DC 4  N3 ? ? ? 1_555 D DG 15 N2 ? ? A DC 4  D DG 15 1_555 ? ? ? ? ? ? 'DC-DG PAIR'    ? ? ? 
hydrog5  hydrog ? ? A DA 5  N1 ? ? ? 1_555 D DT 14 N3 ? ? A DA 5  D DT 14 1_555 ? ? ? ? ? ? WATSON-CRICK    ? ? ? 
hydrog6  hydrog ? ? A DA 5  N6 ? ? ? 1_555 D DT 14 O4 ? ? A DA 5  D DT 14 1_555 ? ? ? ? ? ? WATSON-CRICK    ? ? ? 
hydrog7  hydrog ? ? A DG 6  N1 ? ? ? 1_555 D DC 13 N3 ? ? A DG 6  D DC 13 1_555 ? ? ? ? ? ? WATSON-CRICK    ? ? ? 
hydrog8  hydrog ? ? A DG 6  N2 ? ? ? 1_555 D DC 13 O2 ? ? A DG 6  D DC 13 1_555 ? ? ? ? ? ? WATSON-CRICK    ? ? ? 
hydrog9  hydrog ? ? A DG 6  O6 ? ? ? 1_555 D DC 13 N4 ? ? A DG 6  D DC 13 1_555 ? ? ? ? ? ? WATSON-CRICK    ? ? ? 
hydrog10 hydrog ? ? A DA 7  N1 ? ? ? 1_555 D DT 12 N3 ? ? A DA 7  D DT 12 1_555 ? ? ? ? ? ? WATSON-CRICK    ? ? ? 
hydrog11 hydrog ? ? A DA 7  N6 ? ? ? 1_555 D DT 12 O4 ? ? A DA 7  D DT 12 1_555 ? ? ? ? ? ? WATSON-CRICK    ? ? ? 
hydrog12 hydrog ? ? A DC 8  N3 ? ? ? 1_555 D DG 11 N1 ? ? A DC 8  D DG 11 1_555 ? ? ? ? ? ? WATSON-CRICK    ? ? ? 
hydrog13 hydrog ? ? A DC 8  N4 ? ? ? 1_555 D DG 11 O6 ? ? A DC 8  D DG 11 1_555 ? ? ? ? ? ? WATSON-CRICK    ? ? ? 
hydrog14 hydrog ? ? A DC 8  O2 ? ? ? 1_555 D DG 11 N2 ? ? A DC 8  D DG 11 1_555 ? ? ? ? ? ? WATSON-CRICK    ? ? ? 
hydrog15 hydrog ? ? A DA 9  N1 ? ? ? 1_555 D DT 10 N3 ? ? A DA 9  D DT 10 1_555 ? ? ? ? ? ? WATSON-CRICK    ? ? ? 
hydrog16 hydrog ? ? A DA 9  N6 ? ? ? 1_555 D DT 10 O4 ? ? A DA 9  D DT 10 1_555 ? ? ? ? ? ? WATSON-CRICK    ? ? ? 
hydrog17 hydrog ? ? A DA 10 N1 ? ? ? 1_555 C DT 2  N3 ? ? A DA 10 C DT 2  1_555 ? ? ? ? ? ? WATSON-CRICK    ? ? ? 
hydrog18 hydrog ? ? A DA 10 N6 ? ? ? 1_555 C DT 2  O4 ? ? A DA 10 C DT 2  1_555 ? ? ? ? ? ? WATSON-CRICK    ? ? ? 
hydrog19 hydrog ? ? A DG 11 N1 ? ? ? 1_555 C DC 1  N3 ? ? A DG 11 C DC 1  1_555 ? ? ? ? ? ? WATSON-CRICK    ? ? ? 
hydrog20 hydrog ? ? A DG 11 N2 ? ? ? 1_555 C DC 1  O2 ? ? A DG 11 C DC 1  1_555 ? ? ? ? ? ? WATSON-CRICK    ? ? ? 
hydrog21 hydrog ? ? A DG 11 O6 ? ? ? 1_555 C DC 1  N4 ? ? A DG 11 C DC 1  1_555 ? ? ? ? ? ? WATSON-CRICK    ? ? ? 
hydrog22 hydrog ? ? B DA 1  N1 ? ? ? 1_555 C DT 5  N3 ? ? B DA 12 C DT 5  1_555 ? ? ? ? ? ? WATSON-CRICK    ? ? ? 
hydrog23 hydrog ? ? B DA 1  N6 ? ? ? 1_555 C DT 5  O4 ? ? B DA 12 C DT 5  1_555 ? ? ? ? ? ? WATSON-CRICK    ? ? ? 
hydrog24 hydrog ? ? B DC 2  N3 ? ? ? 1_555 C DG 4  N1 ? ? B DC 13 C DG 4  1_555 ? ? ? ? ? ? WATSON-CRICK    ? ? ? 
hydrog25 hydrog ? ? B DC 2  N4 ? ? ? 1_555 C DG 4  O6 ? ? B DC 13 C DG 4  1_555 ? ? ? ? ? ? WATSON-CRICK    ? ? ? 
hydrog26 hydrog ? ? B DC 2  O2 ? ? ? 1_555 C DG 4  N2 ? ? B DC 13 C DG 4  1_555 ? ? ? ? ? ? WATSON-CRICK    ? ? ? 
hydrog27 hydrog ? ? B DT 3  N3 ? ? ? 1_555 C DA 3  N1 ? ? B DT 14 C DA 3  1_555 ? ? ? ? ? ? WATSON-CRICK    ? ? ? 
hydrog28 hydrog ? ? B DT 3  O4 ? ? ? 1_555 C DA 3  N6 ? ? B DT 14 C DA 3  1_555 ? ? ? ? ? ? WATSON-CRICK    ? ? ? 
hydrog29 hydrog ? ? B DC 4  N3 ? ? ? 1_555 D DG 9  N1 ? ? B DC 15 D DG 9  1_555 ? ? ? ? ? ? WATSON-CRICK    ? ? ? 
hydrog30 hydrog ? ? B DC 4  N4 ? ? ? 1_555 D DG 9  O6 ? ? B DC 15 D DG 9  1_555 ? ? ? ? ? ? WATSON-CRICK    ? ? ? 
hydrog31 hydrog ? ? B DC 4  O2 ? ? ? 1_555 D DG 9  N2 ? ? B DC 15 D DG 9  1_555 ? ? ? ? ? ? WATSON-CRICK    ? ? ? 
hydrog32 hydrog ? ? B DC 5  N3 ? ? ? 1_555 D DG 8  N1 ? ? B DC 16 D DG 8  1_555 ? ? ? ? ? ? WATSON-CRICK    ? ? ? 
hydrog33 hydrog ? ? B DC 5  N4 ? ? ? 1_555 D DG 8  O6 ? ? B DC 16 D DG 8  1_555 ? ? ? ? ? ? WATSON-CRICK    ? ? ? 
hydrog34 hydrog ? ? B DC 5  O2 ? ? ? 1_555 D DG 8  N2 ? ? B DC 16 D DG 8  1_555 ? ? ? ? ? ? WATSON-CRICK    ? ? ? 
hydrog35 hydrog ? ? B DA 6  N1 ? ? ? 1_555 D DT 7  N3 ? ? B DA 17 D DT 7  1_555 ? ? ? ? ? ? WATSON-CRICK    ? ? ? 
hydrog36 hydrog ? ? B DA 6  N6 ? ? ? 1_555 D DT 7  O4 ? ? B DA 17 D DT 7  1_555 ? ? ? ? ? ? WATSON-CRICK    ? ? ? 
hydrog37 hydrog ? ? B DC 7  N3 ? ? ? 1_555 D DG 6  N1 ? ? B DC 18 D DG 6  1_555 ? ? ? ? ? ? WATSON-CRICK    ? ? ? 
hydrog38 hydrog ? ? B DC 7  N4 ? ? ? 1_555 D DG 6  O6 ? ? B DC 18 D DG 6  1_555 ? ? ? ? ? ? WATSON-CRICK    ? ? ? 
hydrog39 hydrog ? ? B DC 7  O2 ? ? ? 1_555 D DG 6  N2 ? ? B DC 18 D DG 6  1_555 ? ? ? ? ? ? WATSON-CRICK    ? ? ? 
hydrog40 hydrog ? ? B DT 8  N3 ? ? ? 1_555 D DA 5  N1 ? ? B DT 19 D DA 5  1_555 ? ? ? ? ? ? WATSON-CRICK    ? ? ? 
hydrog41 hydrog ? ? B DT 8  O4 ? ? ? 1_555 D DA 5  N6 ? ? B DT 19 D DA 5  1_555 ? ? ? ? ? ? WATSON-CRICK    ? ? ? 
hydrog42 hydrog ? ? B DC 9  N3 ? ? ? 1_555 D DG 4  N1 ? ? B DC 20 D DG 4  1_555 ? ? ? ? ? ? WATSON-CRICK    ? ? ? 
hydrog43 hydrog ? ? B DC 9  N4 ? ? ? 1_555 D DG 4  O6 ? ? B DC 20 D DG 4  1_555 ? ? ? ? ? ? WATSON-CRICK    ? ? ? 
hydrog44 hydrog ? ? B DC 9  O2 ? ? ? 1_555 D DG 4  N2 ? ? B DC 20 D DG 4  1_555 ? ? ? ? ? ? WATSON-CRICK    ? ? ? 
hydrog45 hydrog ? ? B DA 10 N1 ? ? ? 1_555 D DT 3  N3 ? ? B DA 21 D DT 3  1_555 ? ? ? ? ? ? WATSON-CRICK    ? ? ? 
hydrog46 hydrog ? ? B DA 10 N6 ? ? ? 1_555 D DT 3  O4 ? ? B DA 21 D DT 3  1_555 ? ? ? ? ? ? WATSON-CRICK    ? ? ? 
# 
_struct_conn_type.id          hydrog 
_struct_conn_type.criteria    ? 
_struct_conn_type.reference   ? 
# 
_atom_sites.entry_id                    6XGO 
_atom_sites.Cartn_transf_matrix[1][1]   ? 
_atom_sites.Cartn_transf_matrix[1][2]   ? 
_atom_sites.Cartn_transf_matrix[1][3]   ? 
_atom_sites.Cartn_transf_matrix[2][1]   ? 
_atom_sites.Cartn_transf_matrix[2][2]   ? 
_atom_sites.Cartn_transf_matrix[2][3]   ? 
_atom_sites.Cartn_transf_matrix[3][1]   ? 
_atom_sites.Cartn_transf_matrix[3][2]   ? 
_atom_sites.Cartn_transf_matrix[3][3]   ? 
_atom_sites.Cartn_transf_vector[1]      ? 
_atom_sites.Cartn_transf_vector[2]      ? 
_atom_sites.Cartn_transf_vector[3]      ? 
_atom_sites.fract_transf_matrix[1][1]   0.00062114 
_atom_sites.fract_transf_matrix[1][2]   0.00512463 
_atom_sites.fract_transf_matrix[1][3]   0.01596776 
_atom_sites.fract_transf_matrix[2][1]   -0.01334219 
_atom_sites.fract_transf_matrix[2][2]   0.00743399 
_atom_sites.fract_transf_matrix[2][3]   0.00695153 
_atom_sites.fract_transf_matrix[3][1]   -0.00570508 
_atom_sites.fract_transf_matrix[3][2]   -0.01492619 
_atom_sites.fract_transf_matrix[3][3]   0.00501228 
_atom_sites.fract_transf_vector[1]      -0.163124 
_atom_sites.fract_transf_vector[2]      0.126811 
_atom_sites.fract_transf_vector[3]      0.145508 
_atom_sites.solution_primary            ? 
_atom_sites.solution_secondary          ? 
_atom_sites.solution_hydrogens          ? 
_atom_sites.special_details             ? 
# 
loop_
_atom_type.symbol 
C  
MG 
N  
O  
P  
# 
loop_
_atom_site.group_PDB 
_atom_site.id 
_atom_site.type_symbol 
_atom_site.label_atom_id 
_atom_site.label_alt_id 
_atom_site.label_comp_id 
_atom_site.label_asym_id 
_atom_site.label_entity_id 
_atom_site.label_seq_id 
_atom_site.pdbx_PDB_ins_code 
_atom_site.Cartn_x 
_atom_site.Cartn_y 
_atom_site.Cartn_z 
_atom_site.occupancy 
_atom_site.B_iso_or_equiv 
_atom_site.pdbx_formal_charge 
_atom_site.auth_seq_id 
_atom_site.auth_comp_id 
_atom_site.auth_asym_id 
_atom_site.auth_atom_id 
_atom_site.pdbx_PDB_model_num 
ATOM   1   O  "O5'" . DG A 1 1  ? -4.684  -15.599 -17.737 1.00 151.16 ? 1   DG A "O5'" 1 
ATOM   2   C  "C5'" . DG A 1 1  ? -6.073  -15.234 -17.573 1.00 180.13 ? 1   DG A "C5'" 1 
ATOM   3   C  "C4'" . DG A 1 1  ? -6.512  -14.327 -18.705 1.00 200.45 ? 1   DG A "C4'" 1 
ATOM   4   O  "O4'" . DG A 1 1  ? -7.521  -14.987 -19.508 1.00 188.57 ? 1   DG A "O4'" 1 
ATOM   5   C  "C3'" . DG A 1 1  ? -7.136  -12.986 -18.284 1.00 205.19 ? 1   DG A "C3'" 1 
ATOM   6   O  "O3'" . DG A 1 1  ? -6.232  -11.911 -18.522 1.00 219.75 ? 1   DG A "O3'" 1 
ATOM   7   C  "C2'" . DG A 1 1  ? -8.322  -12.834 -19.219 1.00 177.24 ? 1   DG A "C2'" 1 
ATOM   8   C  "C1'" . DG A 1 1  ? -8.737  -14.282 -19.350 1.00 171.03 ? 1   DG A "C1'" 1 
ATOM   9   N  N9    . DG A 1 1  ? -9.434  -14.864 -18.205 1.00 154.23 ? 1   DG A N9    1 
ATOM   10  C  C8    . DG A 1 1  ? -9.361  -16.171 -17.781 1.00 139.86 ? 1   DG A C8    1 
ATOM   11  N  N7    . DG A 1 1  ? -10.122 -16.420 -16.751 1.00 121.25 ? 1   DG A N7    1 
ATOM   12  C  C5    . DG A 1 1  ? -10.745 -15.208 -16.483 1.00 110.23 ? 1   DG A C5    1 
ATOM   13  C  C6    . DG A 1 1  ? -11.695 -14.863 -15.486 1.00 97.42  ? 1   DG A C6    1 
ATOM   14  O  O6    . DG A 1 1  ? -12.199 -15.587 -14.617 1.00 98.41  ? 1   DG A O6    1 
ATOM   15  N  N1    . DG A 1 1  ? -12.064 -13.523 -15.570 1.00 88.20  ? 1   DG A N1    1 
ATOM   16  C  C2    . DG A 1 1  ? -11.578 -12.626 -16.495 1.00 103.31 ? 1   DG A C2    1 
ATOM   17  N  N2    . DG A 1 1  ? -12.052 -11.370 -16.412 1.00 97.74  ? 1   DG A N2    1 
ATOM   18  N  N3    . DG A 1 1  ? -10.701 -12.938 -17.438 1.00 107.03 ? 1   DG A N3    1 
ATOM   19  C  C4    . DG A 1 1  ? -10.327 -14.235 -17.371 1.00 126.56 ? 1   DG A C4    1 
ATOM   20  P  P     . DA A 1 2  ? -4.944  -11.770 -17.617 1.00 211.56 ? 2   DA A P     1 
ATOM   21  O  OP1   . DA A 1 2  ? -3.801  -12.361 -18.366 1.00 214.44 ? 2   DA A OP1   1 
ATOM   22  O  OP2   . DA A 1 2  ? -5.288  -12.310 -16.278 1.00 176.36 ? 2   DA A OP2   1 
ATOM   23  O  "O5'" . DA A 1 2  ? -4.700  -10.194 -17.573 1.00 182.24 ? 2   DA A "O5'" 1 
ATOM   24  C  "C5'" . DA A 1 2  ? -5.698  -9.231  -17.979 1.00 155.53 ? 2   DA A "C5'" 1 
ATOM   25  C  "C4'" . DA A 1 2  ? -6.496  -8.771  -16.778 1.00 152.66 ? 2   DA A "C4'" 1 
ATOM   26  O  "O4'" . DA A 1 2  ? -7.506  -9.757  -16.428 1.00 147.75 ? 2   DA A "O4'" 1 
ATOM   27  C  "C3'" . DA A 1 2  ? -5.674  -8.543  -15.498 1.00 139.73 ? 2   DA A "C3'" 1 
ATOM   28  O  "O3'" . DA A 1 2  ? -6.002  -7.319  -14.819 1.00 126.68 ? 2   DA A "O3'" 1 
ATOM   29  C  "C2'" . DA A 1 2  ? -6.132  -9.673  -14.602 1.00 137.85 ? 2   DA A "C2'" 1 
ATOM   30  C  "C1'" . DA A 1 2  ? -7.577  -9.739  -15.022 1.00 134.85 ? 2   DA A "C1'" 1 
ATOM   31  N  N9    . DA A 1 2  ? -8.318  -10.909 -14.558 1.00 134.24 ? 2   DA A N9    1 
ATOM   32  C  C8    . DA A 1 2  ? -7.944  -12.231 -14.556 1.00 127.87 ? 2   DA A C8    1 
ATOM   33  N  N7    . DA A 1 2  ? -8.811  -13.023 -13.971 1.00 133.37 ? 2   DA A N7    1 
ATOM   34  C  C5    . DA A 1 2  ? -9.811  -12.163 -13.536 1.00 134.03 ? 2   DA A C5    1 
ATOM   35  C  C6    . DA A 1 2  ? -11.021 -12.383 -12.842 1.00 140.12 ? 2   DA A C6    1 
ATOM   36  N  N6    . DA A 1 2  ? -11.447 -13.587 -12.463 1.00 158.68 ? 2   DA A N6    1 
ATOM   37  N  N1    . DA A 1 2  ? -11.801 -11.309 -12.576 1.00 127.95 ? 2   DA A N1    1 
ATOM   38  C  C2    . DA A 1 2  ? -11.375 -10.097 -12.966 1.00 136.75 ? 2   DA A C2    1 
ATOM   39  N  N3    . DA A 1 2  ? -10.258 -9.764  -13.620 1.00 135.86 ? 2   DA A N3    1 
ATOM   40  C  C4    . DA A 1 2  ? -9.513  -10.856 -13.878 1.00 140.18 ? 2   DA A C4    1 
ATOM   41  P  P     . DG A 1 3  ? -5.097  -6.003  -15.017 1.00 154.91 ? 3   DG A P     1 
ATOM   42  O  OP1   . DG A 1 3  ? -5.999  -4.869  -15.368 1.00 140.16 ? 3   DG A OP1   1 
ATOM   43  O  OP2   . DG A 1 3  ? -3.957  -6.355  -15.915 1.00 146.66 ? 3   DG A OP2   1 
ATOM   44  O  "O5'" . DG A 1 3  ? -4.483  -5.704  -13.570 1.00 159.64 ? 3   DG A "O5'" 1 
ATOM   45  C  "C5'" . DG A 1 3  ? -5.209  -5.850  -12.325 1.00 147.17 ? 3   DG A "C5'" 1 
ATOM   46  C  "C4'" . DG A 1 3  ? -6.538  -5.130  -12.377 1.00 141.64 ? 3   DG A "C4'" 1 
ATOM   47  O  "O4'" . DG A 1 3  ? -7.608  -6.051  -12.691 1.00 133.67 ? 3   DG A "O4'" 1 
ATOM   48  C  "C3'" . DG A 1 3  ? -6.958  -4.445  -11.088 1.00 138.26 ? 3   DG A "C3'" 1 
ATOM   49  O  "O3'" . DG A 1 3  ? -7.708  -3.294  -11.445 1.00 163.08 ? 3   DG A "O3'" 1 
ATOM   50  C  "C2'" . DG A 1 3  ? -7.854  -5.458  -10.411 1.00 131.92 ? 3   DG A "C2'" 1 
ATOM   51  C  "C1'" . DG A 1 3  ? -8.427  -6.288  -11.550 1.00 122.56 ? 3   DG A "C1'" 1 
ATOM   52  N  N9    . DG A 1 3  ? -8.416  -7.725  -11.276 1.00 123.19 ? 3   DG A N9    1 
ATOM   53  C  C8    . DG A 1 3  ? -7.469  -8.645  -11.667 1.00 121.97 ? 3   DG A C8    1 
ATOM   54  N  N7    . DG A 1 3  ? -7.724  -9.856  -11.248 1.00 100.63 ? 3   DG A N7    1 
ATOM   55  C  C5    . DG A 1 3  ? -8.899  -9.727  -10.520 1.00 97.00  ? 3   DG A C5    1 
ATOM   56  C  C6    . DG A 1 3  ? -9.655  -10.702 -9.817  1.00 105.37 ? 3   DG A C6    1 
ATOM   57  O  O6    . DG A 1 3  ? -9.429  -11.914 -9.700  1.00 109.95 ? 3   DG A O6    1 
ATOM   58  N  N1    . DG A 1 3  ? -10.779 -10.140 -9.214  1.00 102.02 ? 3   DG A N1    1 
ATOM   59  C  C2    . DG A 1 3  ? -11.130 -8.809  -9.279  1.00 117.69 ? 3   DG A C2    1 
ATOM   60  N  N2    . DG A 1 3  ? -12.252 -8.456  -8.627  1.00 134.34 ? 3   DG A N2    1 
ATOM   61  N  N3    . DG A 1 3  ? -10.428 -7.888  -9.929  1.00 88.12  ? 3   DG A N3    1 
ATOM   62  C  C4    . DG A 1 3  ? -9.337  -8.415  -10.523 1.00 99.57  ? 3   DG A C4    1 
ATOM   63  P  P     . DC A 1 4  ? -7.542  -1.969  -10.608 1.00 193.91 ? 4   DC A P     1 
ATOM   64  O  OP1   . DC A 1 4  ? -8.056  -0.841  -11.423 1.00 220.27 ? 4   DC A OP1   1 
ATOM   65  O  OP2   . DC A 1 4  ? -6.158  -1.926  -10.075 1.00 192.80 ? 4   DC A OP2   1 
ATOM   66  O  "O5'" . DC A 1 4  ? -8.546  -2.205  -9.405  1.00 175.77 ? 4   DC A "O5'" 1 
ATOM   67  C  "C5'" . DC A 1 4  ? -8.048  -2.553  -8.118  1.00 172.90 ? 4   DC A "C5'" 1 
ATOM   68  C  "C4'" . DC A 1 4  ? -9.223  -2.946  -7.261  1.00 172.42 ? 4   DC A "C4'" 1 
ATOM   69  O  "O4'" . DC A 1 4  ? -9.546  -4.330  -7.524  1.00 152.91 ? 4   DC A "O4'" 1 
ATOM   70  C  "C3'" . DC A 1 4  ? -9.000  -2.830  -5.756  1.00 168.65 ? 4   DC A "C3'" 1 
ATOM   71  O  "O3'" . DC A 1 4  ? -10.199 -2.295  -5.190  1.00 176.26 ? 4   DC A "O3'" 1 
ATOM   72  C  "C2'" . DC A 1 4  ? -8.711  -4.259  -5.337  1.00 155.32 ? 4   DC A "C2'" 1 
ATOM   73  C  "C1'" . DC A 1 4  ? -9.550  -5.063  -6.313  1.00 133.51 ? 4   DC A "C1'" 1 
ATOM   74  N  N1    . DC A 1 4  ? -9.009  -6.396  -6.600  1.00 107.89 ? 4   DC A N1    1 
ATOM   75  C  C2    . DC A 1 4  ? -9.730  -7.536  -6.201  1.00 108.64 ? 4   DC A C2    1 
ATOM   76  O  O2    . DC A 1 4  ? -10.824 -7.386  -5.631  1.00 128.75 ? 4   DC A O2    1 
ATOM   77  N  N3    . DC A 1 4  ? -9.220  -8.767  -6.455  1.00 81.91  ? 4   DC A N3    1 
ATOM   78  C  C4    . DC A 1 4  ? -8.051  -8.884  -7.097  1.00 84.27  ? 4   DC A C4    1 
ATOM   79  N  N4    . DC A 1 4  ? -7.590  -10.112 -7.337  1.00 79.84  ? 4   DC A N4    1 
ATOM   80  C  C5    . DC A 1 4  ? -7.293  -7.741  -7.505  1.00 85.51  ? 4   DC A C5    1 
ATOM   81  C  C6    . DC A 1 4  ? -7.804  -6.529  -7.238  1.00 91.23  ? 4   DC A C6    1 
ATOM   82  P  P     . DA A 1 5  ? -10.245 -1.861  -3.665  1.00 176.07 ? 5   DA A P     1 
ATOM   83  O  OP1   . DA A 1 5  ? -11.506 -1.108  -3.437  1.00 177.83 ? 5   DA A OP1   1 
ATOM   84  O  OP2   . DA A 1 5  ? -8.944  -1.234  -3.326  1.00 194.32 ? 5   DA A OP2   1 
ATOM   85  O  "O5'" . DA A 1 5  ? -10.353 -3.254  -2.911  1.00 149.77 ? 5   DA A "O5'" 1 
ATOM   86  C  "C5'" . DA A 1 5  ? -11.554 -4.039  -2.969  1.00 143.87 ? 5   DA A "C5'" 1 
ATOM   87  C  "C4'" . DA A 1 5  ? -11.544 -5.065  -1.862  1.00 140.11 ? 5   DA A "C4'" 1 
ATOM   88  O  "O4'" . DA A 1 5  ? -10.841 -6.255  -2.289  1.00 123.97 ? 5   DA A "O4'" 1 
ATOM   89  C  "C3'" . DA A 1 5  ? -10.838 -4.616  -0.587  1.00 140.06 ? 5   DA A "C3'" 1 
ATOM   90  O  "O3'" . DA A 1 5  ? -11.589 -5.136  0.508   1.00 144.13 ? 5   DA A "O3'" 1 
ATOM   91  C  "C2'" . DA A 1 5  ? -9.448  -5.209  -0.739  1.00 136.86 ? 5   DA A "C2'" 1 
ATOM   92  C  "C1'" . DA A 1 5  ? -9.758  -6.528  -1.417  1.00 120.35 ? 5   DA A "C1'" 1 
ATOM   93  N  N9    . DA A 1 5  ? -8.692  -7.109  -2.228  1.00 114.00 ? 5   DA A N9    1 
ATOM   94  C  C8    . DA A 1 5  ? -7.721  -6.479  -2.971  1.00 108.92 ? 5   DA A C8    1 
ATOM   95  N  N7    . DA A 1 5  ? -6.945  -7.302  -3.633  1.00 98.00  ? 5   DA A N7    1 
ATOM   96  C  C5    . DA A 1 5  ? -7.450  -8.557  -3.325  1.00 98.49  ? 5   DA A C5    1 
ATOM   97  C  C6    . DA A 1 5  ? -7.076  -9.852  -3.726  1.00 106.12 ? 5   DA A C6    1 
ATOM   98  N  N6    . DA A 1 5  ? -6.051  -10.104 -4.540  1.00 112.22 ? 5   DA A N6    1 
ATOM   99  N  N1    . DA A 1 5  ? -7.796  -10.893 -3.249  1.00 111.05 ? 5   DA A N1    1 
ATOM   100 C  C2    . DA A 1 5  ? -8.819  -10.638 -2.417  1.00 121.31 ? 5   DA A C2    1 
ATOM   101 N  N3    . DA A 1 5  ? -9.268  -9.462  -1.970  1.00 110.13 ? 5   DA A N3    1 
ATOM   102 C  C4    . DA A 1 5  ? -8.536  -8.452  -2.472  1.00 106.10 ? 5   DA A C4    1 
ATOM   103 P  P     . DG A 1 6  ? -11.782 -4.267  1.815   1.00 145.08 ? 6   DG A P     1 
ATOM   104 O  OP1   . DG A 1 6  ? -13.236 -4.062  2.041   1.00 141.74 ? 6   DG A OP1   1 
ATOM   105 O  OP2   . DG A 1 6  ? -10.874 -3.096  1.730   1.00 141.51 ? 6   DG A OP2   1 
ATOM   106 O  "O5'" . DG A 1 6  ? -11.222 -5.241  2.930   1.00 131.73 ? 6   DG A "O5'" 1 
ATOM   107 C  "C5'" . DG A 1 6  ? -10.226 -6.192  2.583   1.00 115.63 ? 6   DG A "C5'" 1 
ATOM   108 C  "C4'" . DG A 1 6  ? -10.738 -7.554  2.957   1.00 114.34 ? 6   DG A "C4'" 1 
ATOM   109 O  "O4'" . DG A 1 6  ? -10.303 -8.488  1.954   1.00 120.44 ? 6   DG A "O4'" 1 
ATOM   110 C  "C3'" . DG A 1 6  ? -10.168 -8.052  4.275   1.00 116.62 ? 6   DG A "C3'" 1 
ATOM   111 O  "O3'" . DG A 1 6  ? -11.091 -8.814  5.044   1.00 120.68 ? 6   DG A "O3'" 1 
ATOM   112 C  "C2'" . DG A 1 6  ? -8.961  -8.862  3.857   1.00 114.72 ? 6   DG A "C2'" 1 
ATOM   113 C  "C1'" . DG A 1 6  ? -9.258  -9.308  2.447   1.00 112.24 ? 6   DG A "C1'" 1 
ATOM   114 N  N9    . DG A 1 6  ? -8.137  -9.156  1.540   1.00 100.31 ? 6   DG A N9    1 
ATOM   115 C  C8    . DG A 1 6  ? -7.592  -7.976  1.097   1.00 99.93  ? 6   DG A C8    1 
ATOM   116 N  N7    . DG A 1 6  ? -6.618  -8.150  0.245   1.00 105.81 ? 6   DG A N7    1 
ATOM   117 C  C5    . DG A 1 6  ? -6.531  -9.528  0.101   1.00 91.56  ? 6   DG A C5    1 
ATOM   118 C  C6    . DG A 1 6  ? -5.671  -10.312 -0.708  1.00 91.21  ? 6   DG A C6    1 
ATOM   119 O  O6    . DG A 1 6  ? -4.785  -9.932  -1.480  1.00 92.33  ? 6   DG A O6    1 
ATOM   120 N  N1    . DG A 1 6  ? -5.927  -11.674 -0.562  1.00 86.30  ? 6   DG A N1    1 
ATOM   121 C  C2    . DG A 1 6  ? -6.894  -12.211 0.249   1.00 102.83 ? 6   DG A C2    1 
ATOM   122 N  N2    . DG A 1 6  ? -6.981  -13.554 0.249   1.00 94.39  ? 6   DG A N2    1 
ATOM   123 N  N3    . DG A 1 6  ? -7.708  -11.487 1.010   1.00 97.12  ? 6   DG A N3    1 
ATOM   124 C  C4    . DG A 1 6  ? -7.470  -10.164 0.885   1.00 97.51  ? 6   DG A C4    1 
ATOM   125 P  P     . DA A 1 7  ? -10.796 -9.079  6.592   1.00 153.70 ? 7   DA A P     1 
ATOM   126 O  OP1   . DA A 1 7  ? -12.094 -9.363  7.250   1.00 143.81 ? 7   DA A OP1   1 
ATOM   127 O  OP2   . DA A 1 7  ? -9.948  -7.965  7.118   1.00 124.46 ? 7   DA A OP2   1 
ATOM   128 O  "O5'" . DA A 1 7  ? -9.942  -10.422 6.541   1.00 144.60 ? 7   DA A "O5'" 1 
ATOM   129 C  "C5'" . DA A 1 7  ? -10.398 -11.540 5.760   1.00 125.11 ? 7   DA A "C5'" 1 
ATOM   130 C  "C4'" . DA A 1 7  ? -9.356  -12.630 5.757   1.00 132.23 ? 7   DA A "C4'" 1 
ATOM   131 O  "O4'" . DA A 1 7  ? -8.394  -12.380 4.704   1.00 131.41 ? 7   DA A "O4'" 1 
ATOM   132 C  "C3'" . DA A 1 7  ? -8.537  -12.750 7.044   1.00 140.10 ? 7   DA A "C3'" 1 
ATOM   133 O  "O3'" . DA A 1 7  ? -8.331  -14.152 7.267   1.00 151.58 ? 7   DA A "O3'" 1 
ATOM   134 C  "C2'" . DA A 1 7  ? -7.254  -12.014 6.693   1.00 137.37 ? 7   DA A "C2'" 1 
ATOM   135 C  "C1'" . DA A 1 7  ? -7.088  -12.451 5.255   1.00 130.68 ? 7   DA A "C1'" 1 
ATOM   136 N  N9    . DA A 1 7  ? -6.210  -11.655 4.405   1.00 116.94 ? 7   DA A N9    1 
ATOM   137 C  C8    . DA A 1 7  ? -6.212  -10.296 4.216   1.00 104.14 ? 7   DA A C8    1 
ATOM   138 N  N7    . DA A 1 7  ? -5.333  -9.883  3.335   1.00 91.56  ? 7   DA A N7    1 
ATOM   139 C  C5    . DA A 1 7  ? -4.724  -11.052 2.900   1.00 89.25  ? 7   DA A C5    1 
ATOM   140 C  C6    . DA A 1 7  ? -3.697  -11.295 1.968   1.00 84.26  ? 7   DA A C6    1 
ATOM   141 N  N6    . DA A 1 7  ? -3.095  -10.334 1.275   1.00 73.50  ? 7   DA A N6    1 
ATOM   142 N  N1    . DA A 1 7  ? -3.305  -12.575 1.776   1.00 91.82  ? 7   DA A N1    1 
ATOM   143 C  C2    . DA A 1 7  ? -3.912  -13.541 2.481   1.00 105.59 ? 7   DA A C2    1 
ATOM   144 N  N3    . DA A 1 7  ? -4.892  -13.438 3.386   1.00 94.79  ? 7   DA A N3    1 
ATOM   145 C  C4    . DA A 1 7  ? -5.258  -12.152 3.546   1.00 102.38 ? 7   DA A C4    1 
ATOM   146 P  P     . DC A 1 8  ? -7.628  -14.690 8.607   1.00 161.98 ? 8   DC A P     1 
ATOM   147 O  OP1   . DC A 1 8  ? -8.206  -16.019 8.922   1.00 170.46 ? 8   DC A OP1   1 
ATOM   148 O  OP2   . DC A 1 8  ? -7.658  -13.608 9.632   1.00 144.53 ? 8   DC A OP2   1 
ATOM   149 O  "O5'" . DC A 1 8  ? -6.145  -15.007 8.129   1.00 124.50 ? 8   DC A "O5'" 1 
ATOM   150 C  "C5'" . DC A 1 8  ? -5.867  -16.235 7.451   1.00 117.87 ? 8   DC A "C5'" 1 
ATOM   151 C  "C4'" . DC A 1 8  ? -4.417  -16.265 7.033   1.00 121.84 ? 8   DC A "C4'" 1 
ATOM   152 O  "O4'" . DC A 1 8  ? -4.131  -15.153 6.152   1.00 133.76 ? 8   DC A "O4'" 1 
ATOM   153 C  "C3'" . DC A 1 8  ? -3.431  -16.153 8.196   1.00 112.34 ? 8   DC A "C3'" 1 
ATOM   154 O  "O3'" . DC A 1 8  ? -2.729  -17.390 8.336   1.00 112.39 ? 8   DC A "O3'" 1 
ATOM   155 C  "C2'" . DC A 1 8  ? -2.556  -14.966 7.826   1.00 117.26 ? 8   DC A "C2'" 1 
ATOM   156 C  "C1'" . DC A 1 8  ? -2.780  -14.789 6.339   1.00 109.74 ? 8   DC A "C1'" 1 
ATOM   157 N  N1    . DC A 1 8  ? -2.601  -13.394 5.865   1.00 97.92  ? 8   DC A N1    1 
ATOM   158 C  C2    . DC A 1 8  ? -1.572  -13.088 4.951   1.00 89.52  ? 8   DC A C2    1 
ATOM   159 O  O2    . DC A 1 8  ? -0.838  -14.001 4.539   1.00 86.68  ? 8   DC A O2    1 
ATOM   160 N  N3    . DC A 1 8  ? -1.400  -11.804 4.554   1.00 66.26  ? 8   DC A N3    1 
ATOM   161 C  C4    . DC A 1 8  ? -2.209  -10.850 5.022   1.00 80.91  ? 8   DC A C4    1 
ATOM   162 N  N4    . DC A 1 8  ? -2.021  -9.606  4.594   1.00 82.60  ? 8   DC A N4    1 
ATOM   163 C  C5    . DC A 1 8  ? -3.262  -11.133 5.943   1.00 92.40  ? 8   DC A C5    1 
ATOM   164 C  C6    . DC A 1 8  ? -3.413  -12.404 6.342   1.00 95.60  ? 8   DC A C6    1 
ATOM   165 P  P     . DA A 1 9  ? -1.393  -17.455 9.194   1.00 136.87 ? 9   DA A P     1 
ATOM   166 O  OP1   . DA A 1 9  ? -1.029  -18.881 9.431   1.00 133.19 ? 9   DA A OP1   1 
ATOM   167 O  OP2   . DA A 1 9  ? -1.528  -16.499 10.318  1.00 123.13 ? 9   DA A OP2   1 
ATOM   168 O  "O5'" . DA A 1 9  ? -0.312  -16.923 8.166   1.00 121.96 ? 9   DA A "O5'" 1 
ATOM   169 C  "C5'" . DA A 1 9  ? -0.186  -17.552 6.894   1.00 115.85 ? 9   DA A "C5'" 1 
ATOM   170 C  "C4'" . DA A 1 9  ? 1.272   -17.586 6.515   1.00 124.06 ? 9   DA A "C4'" 1 
ATOM   171 O  "O4'" . DA A 1 9  ? 1.650   -16.351 5.858   1.00 134.56 ? 9   DA A "O4'" 1 
ATOM   172 C  "C3'" . DA A 1 9  ? 2.236   -17.722 7.683   1.00 108.68 ? 9   DA A "C3'" 1 
ATOM   173 O  "O3'" . DA A 1 9  ? 3.320   -18.413 7.085   1.00 105.75 ? 9   DA A "O3'" 1 
ATOM   174 C  "C2'" . DA A 1 9  ? 2.531   -16.276 8.047   1.00 106.87 ? 9   DA A "C2'" 1 
ATOM   175 C  "C1'" . DA A 1 9  ? 2.526   -15.580 6.684   1.00 105.78 ? 9   DA A "C1'" 1 
ATOM   176 N  N9    . DA A 1 9  ? 2.054   -14.186 6.648   1.00 96.32  ? 9   DA A N9    1 
ATOM   177 C  C8    . DA A 1 9  ? 0.902   -13.695 7.221   1.00 90.03  ? 9   DA A C8    1 
ATOM   178 N  N7    . DA A 1 9  ? 0.705   -12.415 7.008   1.00 67.10  ? 9   DA A N7    1 
ATOM   179 C  C5    . DA A 1 9  ? 1.778   -12.043 6.216   1.00 63.82  ? 9   DA A C5    1 
ATOM   180 C  C6    . DA A 1 9  ? 2.129   -10.822 5.639   1.00 65.68  ? 9   DA A C6    1 
ATOM   181 N  N6    . DA A 1 9  ? 1.402   -9.713  5.790   1.00 58.67  ? 9   DA A N6    1 
ATOM   182 N  N1    . DA A 1 9  ? 3.275   -10.768 4.918   1.00 62.08  ? 9   DA A N1    1 
ATOM   183 C  C2    . DA A 1 9  ? 4.002   -11.892 4.784   1.00 71.59  ? 9   DA A C2    1 
ATOM   184 N  N3    . DA A 1 9  ? 3.760   -13.113 5.264   1.00 79.60  ? 9   DA A N3    1 
ATOM   185 C  C4    . DA A 1 9  ? 2.621   -13.120 5.986   1.00 76.69  ? 9   DA A C4    1 
ATOM   186 P  P     . DA A 1 10 ? 4.689   -18.496 7.825   1.00 129.38 ? 10  DA A P     1 
ATOM   187 O  OP1   . DA A 1 10 ? 5.352   -19.761 7.410   1.00 131.60 ? 10  DA A OP1   1 
ATOM   188 O  OP2   . DA A 1 10 ? 4.449   -18.165 9.259   1.00 112.83 ? 10  DA A OP2   1 
ATOM   189 O  "O5'" . DA A 1 10 ? 5.524   -17.314 7.176   1.00 105.74 ? 10  DA A "O5'" 1 
ATOM   190 C  "C5'" . DA A 1 10 ? 5.772   -17.291 5.776   1.00 98.31  ? 10  DA A "C5'" 1 
ATOM   191 C  "C4'" . DA A 1 10 ? 7.180   -16.812 5.528   1.00 98.17  ? 10  DA A "C4'" 1 
ATOM   192 O  "O4'" . DA A 1 10 ? 7.212   -15.367 5.472   1.00 113.26 ? 10  DA A "O4'" 1 
ATOM   193 C  "C3'" . DA A 1 10 ? 8.196   -17.183 6.592   1.00 85.61  ? 10  DA A "C3'" 1 
ATOM   194 O  "O3'" . DA A 1 10 ? 9.449   -17.122 5.913   1.00 90.01  ? 10  DA A "O3'" 1 
ATOM   195 C  "C2'" . DA A 1 10 ? 8.080   -16.031 7.571   1.00 95.06  ? 10  DA A "C2'" 1 
ATOM   196 C  "C1'" . DA A 1 10 ? 7.784   -14.830 6.662   1.00 92.39  ? 10  DA A "C1'" 1 
ATOM   197 N  N9    . DA A 1 10 ? 6.857   -13.806 7.168   1.00 77.39  ? 10  DA A N9    1 
ATOM   198 C  C8    . DA A 1 10 ? 5.761   -13.986 7.974   1.00 68.51  ? 10  DA A C8    1 
ATOM   199 N  N7    . DA A 1 10 ? 5.099   -12.881 8.222   1.00 66.11  ? 10  DA A N7    1 
ATOM   200 C  C5    . DA A 1 10 ? 5.785   -11.916 7.504   1.00 67.16  ? 10  DA A C5    1 
ATOM   201 C  C6    . DA A 1 10 ? 5.584   -10.539 7.354   1.00 74.94  ? 10  DA A C6    1 
ATOM   202 N  N6    . DA A 1 10 ? 4.584   -9.879  7.937   1.00 75.27  ? 10  DA A N6    1 
ATOM   203 N  N1    . DA A 1 10 ? 6.466   -9.852  6.597   1.00 76.14  ? 10  DA A N1    1 
ATOM   204 C  C2    . DA A 1 10 ? 7.472   -10.522 6.019   1.00 77.22  ? 10  DA A C2    1 
ATOM   205 N  N3    . DA A 1 10 ? 7.758   -11.822 6.074   1.00 81.38  ? 10  DA A N3    1 
ATOM   206 C  C4    . DA A 1 10 ? 6.862   -12.471 6.839   1.00 74.09  ? 10  DA A C4    1 
ATOM   207 P  P     . DG A 1 11 ? 10.753  -17.741 6.569   1.00 114.95 ? 11  DG A P     1 
ATOM   208 O  OP1   . DG A 1 11 ? 11.601  -18.316 5.482   1.00 97.65  ? 11  DG A OP1   1 
ATOM   209 O  OP2   . DG A 1 11 ? 10.330  -18.558 7.734   1.00 115.79 ? 11  DG A OP2   1 
ATOM   210 O  "O5'" . DG A 1 11 ? 11.520  -16.472 7.138   1.00 105.59 ? 11  DG A "O5'" 1 
ATOM   211 C  "C5'" . DG A 1 11 ? 12.444  -15.740 6.313   1.00 99.74  ? 11  DG A "C5'" 1 
ATOM   212 C  "C4'" . DG A 1 11 ? 12.631  -14.372 6.918   1.00 93.18  ? 11  DG A "C4'" 1 
ATOM   213 O  "O4'" . DG A 1 11 ? 11.319  -13.815 7.123   1.00 92.11  ? 11  DG A "O4'" 1 
ATOM   214 C  "C3'" . DG A 1 11 ? 13.237  -14.385 8.316   1.00 95.86  ? 11  DG A "C3'" 1 
ATOM   215 O  "O3'" . DG A 1 11 ? 14.644  -14.197 8.400   1.00 95.01  ? 11  DG A "O3'" 1 
ATOM   216 C  "C2'" . DG A 1 11 ? 12.580  -13.201 8.989   1.00 91.81  ? 11  DG A "C2'" 1 
ATOM   217 C  "C1'" . DG A 1 11 ? 11.481  -12.774 8.048   1.00 83.50  ? 11  DG A "C1'" 1 
ATOM   218 N  N9    . DG A 1 11 ? 10.223  -12.594 8.742   1.00 76.75  ? 11  DG A N9    1 
ATOM   219 C  C8    . DG A 1 11 ? 9.486   -13.552 9.390   1.00 80.34  ? 11  DG A C8    1 
ATOM   220 N  N7    . DG A 1 11 ? 8.422   -13.068 9.977   1.00 74.19  ? 11  DG A N7    1 
ATOM   221 C  C5    . DG A 1 11 ? 8.479   -11.709 9.720   1.00 63.18  ? 11  DG A C5    1 
ATOM   222 C  C6    . DG A 1 11 ? 7.584   -10.683 10.068  1.00 75.81  ? 11  DG A C6    1 
ATOM   223 O  O6    . DG A 1 11 ? 6.540   -10.769 10.725  1.00 80.72  ? 11  DG A O6    1 
ATOM   224 N  N1    . DG A 1 11 ? 8.018   -9.446  9.604   1.00 71.35  ? 11  DG A N1    1 
ATOM   225 C  C2    . DG A 1 11 ? 9.164   -9.236  8.882   1.00 78.51  ? 11  DG A C2    1 
ATOM   226 N  N2    . DG A 1 11 ? 9.404   -7.977  8.508   1.00 92.15  ? 11  DG A N2    1 
ATOM   227 N  N3    . DG A 1 11 ? 9.999   -10.195 8.528   1.00 70.36  ? 11  DG A N3    1 
ATOM   228 C  C4    . DG A 1 11 ? 9.597   -11.397 8.978   1.00 71.95  ? 11  DG A C4    1 
ATOM   229 P  P     . DA B 2 1  ? 20.190  10.011  15.089  1.00 125.78 ? 12  DA B P     1 
ATOM   230 O  OP1   . DA B 2 1  ? 18.826  9.510   15.450  1.00 114.04 ? 12  DA B OP1   1 
ATOM   231 O  OP2   . DA B 2 1  ? 21.389  9.361   15.656  1.00 136.60 ? 12  DA B OP2   1 
ATOM   232 O  "O5'" . DA B 2 1  ? 20.370  9.892   13.514  1.00 114.75 ? 12  DA B "O5'" 1 
ATOM   233 C  "C5'" . DA B 2 1  ? 19.267  10.253  12.684  1.00 118.59 ? 12  DA B "C5'" 1 
ATOM   234 C  "C4'" . DA B 2 1  ? 19.699  11.172  11.568  1.00 113.34 ? 12  DA B "C4'" 1 
ATOM   235 O  "O4'" . DA B 2 1  ? 20.117  10.389  10.419  1.00 98.86  ? 12  DA B "O4'" 1 
ATOM   236 C  "C3'" . DA B 2 1  ? 18.514  12.006  11.096  1.00 119.04 ? 12  DA B "C3'" 1 
ATOM   237 O  "O3'" . DA B 2 1  ? 18.777  13.341  10.688  1.00 123.06 ? 12  DA B "O3'" 1 
ATOM   238 C  "C2'" . DA B 2 1  ? 17.969  11.195  9.942   1.00 112.88 ? 12  DA B "C2'" 1 
ATOM   239 C  "C1'" . DA B 2 1  ? 19.218  10.601  9.340   1.00 85.77  ? 12  DA B "C1'" 1 
ATOM   240 N  N9    . DA B 2 1  ? 18.913  9.314   8.727   1.00 76.57  ? 12  DA B N9    1 
ATOM   241 C  C8    . DA B 2 1  ? 18.400  8.182   9.313   1.00 74.62  ? 12  DA B C8    1 
ATOM   242 N  N7    . DA B 2 1  ? 18.162  7.212   8.464   1.00 70.57  ? 12  DA B N7    1 
ATOM   243 C  C5    . DA B 2 1  ? 18.522  7.750   7.237   1.00 55.37  ? 12  DA B C5    1 
ATOM   244 C  C6    . DA B 2 1  ? 18.472  7.238   5.941   1.00 59.51  ? 12  DA B C6    1 
ATOM   245 N  N6    . DA B 2 1  ? 18.075  6.003   5.658   1.00 57.97  ? 12  DA B N6    1 
ATOM   246 N  N1    . DA B 2 1  ? 18.850  8.044   4.927   1.00 70.54  ? 12  DA B N1    1 
ATOM   247 C  C2    . DA B 2 1  ? 19.241  9.290   5.216   1.00 76.71  ? 12  DA B C2    1 
ATOM   248 N  N3    . DA B 2 1  ? 19.319  9.892   6.402   1.00 60.46  ? 12  DA B N3    1 
ATOM   249 C  C4    . DA B 2 1  ? 18.938  9.058   7.380   1.00 60.30  ? 12  DA B C4    1 
ATOM   250 P  P     . DC B 2 2  ? 17.531  14.254  10.278  1.00 121.91 ? 13  DC B P     1 
ATOM   251 O  OP1   . DC B 2 2  ? 17.966  15.668  10.414  1.00 130.11 ? 13  DC B OP1   1 
ATOM   252 O  OP2   . DC B 2 2  ? 16.316  13.762  10.995  1.00 98.65  ? 13  DC B OP2   1 
ATOM   253 O  "O5'" . DC B 2 2  ? 17.350  13.905  8.737   1.00 110.56 ? 13  DC B "O5'" 1 
ATOM   254 C  "C5'" . DC B 2 2  ? 18.478  14.116  7.849   1.00 113.96 ? 13  DC B "C5'" 1 
ATOM   255 C  "C4'" . DC B 2 2  ? 18.049  13.877  6.422   1.00 96.26  ? 13  DC B "C4'" 1 
ATOM   256 O  "O4'" . DC B 2 2  ? 17.983  12.444  6.254   1.00 101.72 ? 13  DC B "O4'" 1 
ATOM   257 C  "C3'" . DC B 2 2  ? 16.647  14.412  6.096   1.00 106.24 ? 13  DC B "C3'" 1 
ATOM   258 O  "O3'" . DC B 2 2  ? 16.502  15.211  4.910   1.00 119.85 ? 13  DC B "O3'" 1 
ATOM   259 C  "C2'" . DC B 2 2  ? 15.824  13.157  5.945   1.00 96.43  ? 13  DC B "C2'" 1 
ATOM   260 C  "C1'" . DC B 2 2  ? 16.848  12.153  5.489   1.00 75.95  ? 13  DC B "C1'" 1 
ATOM   261 N  N1    . DC B 2 2  ? 16.378  10.813  5.822   1.00 60.85  ? 13  DC B N1    1 
ATOM   262 C  C2    . DC B 2 2  ? 16.138  9.902   4.793   1.00 67.13  ? 13  DC B C2    1 
ATOM   263 O  O2    . DC B 2 2  ? 16.518  10.180  3.646   1.00 76.65  ? 13  DC B O2    1 
ATOM   264 N  N3    . DC B 2 2  ? 15.550  8.719   5.081   1.00 61.59  ? 13  DC B N3    1 
ATOM   265 C  C4    . DC B 2 2  ? 15.200  8.441   6.339   1.00 58.83  ? 13  DC B C4    1 
ATOM   266 N  N4    . DC B 2 2  ? 14.668  7.252   6.594   1.00 73.35  ? 13  DC B N4    1 
ATOM   267 C  C5    . DC B 2 2  ? 15.410  9.362   7.399   1.00 54.03  ? 13  DC B C5    1 
ATOM   268 C  C6    . DC B 2 2  ? 15.974  10.534  7.097   1.00 55.11  ? 13  DC B C6    1 
ATOM   269 P  P     . DT B 2 3  ? 15.020  15.741  4.433   1.00 126.66 ? 14  DT B P     1 
ATOM   270 O  OP1   . DT B 2 3  ? 15.207  17.121  3.916   1.00 130.15 ? 14  DT B OP1   1 
ATOM   271 O  OP2   . DT B 2 3  ? 13.985  15.449  5.503   1.00 80.68  ? 14  DT B OP2   1 
ATOM   272 O  "O5'" . DT B 2 3  ? 14.739  14.832  3.161   1.00 94.55  ? 14  DT B "O5'" 1 
ATOM   273 C  "C5'" . DT B 2 3  ? 15.836  14.597  2.266   1.00 92.20  ? 14  DT B "C5'" 1 
ATOM   274 C  "C4'" . DT B 2 3  ? 15.340  13.784  1.100   1.00 95.12  ? 14  DT B "C4'" 1 
ATOM   275 O  "O4'" . DT B 2 3  ? 15.042  12.433  1.536   1.00 96.65  ? 14  DT B "O4'" 1 
ATOM   276 C  "C3'" . DT B 2 3  ? 14.054  14.328  0.489   1.00 92.53  ? 14  DT B "C3'" 1 
ATOM   277 O  "O3'" . DT B 2 3  ? 14.195  14.196  -0.918  1.00 102.09 ? 14  DT B "O3'" 1 
ATOM   278 C  "C2'" . DT B 2 3  ? 12.989  13.392  1.026   1.00 99.30  ? 14  DT B "C2'" 1 
ATOM   279 C  "C1'" . DT B 2 3  ? 13.733  12.072  1.138   1.00 79.81  ? 14  DT B "C1'" 1 
ATOM   280 N  N1    . DT B 2 3  ? 13.189  11.152  2.154   1.00 66.73  ? 14  DT B N1    1 
ATOM   281 C  C2    . DT B 2 3  ? 12.771  9.886   1.796   1.00 69.34  ? 14  DT B C2    1 
ATOM   282 O  O2    . DT B 2 3  ? 12.820  9.464   0.654   1.00 65.88  ? 14  DT B O2    1 
ATOM   283 N  N3    . DT B 2 3  ? 12.273  9.134   2.832   1.00 71.21  ? 14  DT B N3    1 
ATOM   284 C  C4    . DT B 2 3  ? 12.175  9.508   4.161   1.00 67.44  ? 14  DT B C4    1 
ATOM   285 O  O4    . DT B 2 3  ? 11.739  8.720   4.994   1.00 61.88  ? 14  DT B O4    1 
ATOM   286 C  C5    . DT B 2 3  ? 12.625  10.840  4.458   1.00 63.70  ? 14  DT B C5    1 
ATOM   287 C  C7    . DT B 2 3  ? 12.556  11.321  5.869   1.00 68.77  ? 14  DT B C7    1 
ATOM   288 C  C6    . DT B 2 3  ? 13.106  11.586  3.456   1.00 63.45  ? 14  DT B C6    1 
ATOM   289 P  P     . DC B 2 4  ? 13.166  14.862  -1.913  1.00 92.59  ? 15  DC B P     1 
ATOM   290 O  OP1   . DC B 2 4  ? 13.941  15.175  -3.152  1.00 83.89  ? 15  DC B OP1   1 
ATOM   291 O  OP2   . DC B 2 4  ? 12.418  15.905  -1.158  1.00 84.10  ? 15  DC B OP2   1 
ATOM   292 O  "O5'" . DC B 2 4  ? 12.163  13.671  -2.244  1.00 85.84  ? 15  DC B "O5'" 1 
ATOM   293 C  "C5'" . DC B 2 4  ? 12.644  12.326  -2.211  1.00 88.05  ? 15  DC B "C5'" 1 
ATOM   294 C  "C4'" . DC B 2 4  ? 12.025  11.459  -3.278  1.00 82.00  ? 15  DC B "C4'" 1 
ATOM   295 O  "O4'" . DC B 2 4  ? 11.577  10.237  -2.654  1.00 80.79  ? 15  DC B "O4'" 1 
ATOM   296 C  "C3'" . DC B 2 4  ? 10.803  12.021  -3.964  1.00 86.61  ? 15  DC B "C3'" 1 
ATOM   297 O  "O3'" . DC B 2 4  ? 10.677  11.418  -5.246  1.00 98.43  ? 15  DC B "O3'" 1 
ATOM   298 C  "C2'" . DC B 2 4  ? 9.680   11.579  -3.049  1.00 87.83  ? 15  DC B "C2'" 1 
ATOM   299 C  "C1'" . DC B 2 4  ? 10.193  10.271  -2.448  1.00 71.31  ? 15  DC B "C1'" 1 
ATOM   300 N  N1    . DC B 2 4  ? 9.935   10.117  -1.007  1.00 54.85  ? 15  DC B N1    1 
ATOM   301 C  C2    . DC B 2 4  ? 9.362   8.922   -0.565  1.00 60.76  ? 15  DC B C2    1 
ATOM   302 O  O2    . DC B 2 4  ? 9.200   8.000   -1.378  1.00 68.45  ? 15  DC B O2    1 
ATOM   303 N  N3    . DC B 2 4  ? 9.043   8.782   0.739   1.00 58.10  ? 15  DC B N3    1 
ATOM   304 C  C4    . DC B 2 4  ? 9.231   9.800   1.583   1.00 65.11  ? 15  DC B C4    1 
ATOM   305 N  N4    . DC B 2 4  ? 8.896   9.623   2.864   1.00 67.28  ? 15  DC B N4    1 
ATOM   306 C  C5    . DC B 2 4  ? 9.786   11.040  1.155   1.00 58.76  ? 15  DC B C5    1 
ATOM   307 C  C6    . DC B 2 4  ? 10.118  11.155  -0.140  1.00 52.12  ? 15  DC B C6    1 
ATOM   308 P  P     . DC B 2 5  ? 9.642   12.030  -6.255  1.00 84.93  ? 16  DC B P     1 
ATOM   309 O  OP1   . DC B 2 5  ? 10.029  11.572  -7.610  1.00 83.33  ? 16  DC B OP1   1 
ATOM   310 O  OP2   . DC B 2 5  ? 9.489   13.476  -5.901  1.00 67.42  ? 16  DC B OP2   1 
ATOM   311 O  "O5'" . DC B 2 5  ? 8.329   11.209  -5.931  1.00 70.35  ? 16  DC B "O5'" 1 
ATOM   312 C  "C5'" . DC B 2 5  ? 8.104   9.955   -6.601  1.00 73.02  ? 16  DC B "C5'" 1 
ATOM   313 C  "C4'" . DC B 2 5  ? 6.762   9.446   -6.147  1.00 80.47  ? 16  DC B "C4'" 1 
ATOM   314 O  "O4'" . DC B 2 5  ? 6.757   9.303   -4.700  1.00 86.43  ? 16  DC B "O4'" 1 
ATOM   315 C  "C3'" . DC B 2 5  ? 5.660   10.460  -6.449  1.00 81.42  ? 16  DC B "C3'" 1 
ATOM   316 O  "O3'" . DC B 2 5  ? 4.467   9.755   -6.735  1.00 85.74  ? 16  DC B "O3'" 1 
ATOM   317 C  "C2'" . DC B 2 5  ? 5.511   11.193  -5.133  1.00 78.61  ? 16  DC B "C2'" 1 
ATOM   318 C  "C1'" . DC B 2 5  ? 5.623   9.998   -4.237  1.00 78.91  ? 16  DC B "C1'" 1 
ATOM   319 N  N1    . DC B 2 5  ? 5.755   10.223  -2.807  1.00 72.41  ? 16  DC B N1    1 
ATOM   320 C  C2    . DC B 2 5  ? 5.313   9.212   -1.958  1.00 73.80  ? 16  DC B C2    1 
ATOM   321 O  O2    . DC B 2 5  ? 4.921   8.144   -2.453  1.00 77.15  ? 16  DC B O2    1 
ATOM   322 N  N3    . DC B 2 5  ? 5.341   9.412   -0.624  1.00 71.96  ? 16  DC B N3    1 
ATOM   323 C  C4    . DC B 2 5  ? 5.785   10.570  -0.133  1.00 73.64  ? 16  DC B C4    1 
ATOM   324 N  N4    . DC B 2 5  ? 5.815   10.720  1.196   1.00 77.92  ? 16  DC B N4    1 
ATOM   325 C  C5    . DC B 2 5  ? 6.200   11.637  -0.979  1.00 62.86  ? 16  DC B C5    1 
ATOM   326 C  C6    . DC B 2 5  ? 6.145   11.430  -2.299  1.00 69.02  ? 16  DC B C6    1 
ATOM   327 P  P     . DA B 2 6  ? 4.115   9.431   -8.206  1.00 100.37 ? 17  DA B P     1 
ATOM   328 O  OP1   . DA B 2 6  ? 5.278   8.755   -8.837  1.00 95.80  ? 17  DA B OP1   1 
ATOM   329 O  OP2   . DA B 2 6  ? 3.595   10.682  -8.793  1.00 100.01 ? 17  DA B OP2   1 
ATOM   330 O  "O5'" . DA B 2 6  ? 3.113   8.217   -8.016  1.00 90.72  ? 17  DA B "O5'" 1 
ATOM   331 C  "C5'" . DA B 2 6  ? 3.664   6.937   -7.670  1.00 84.17  ? 17  DA B "C5'" 1 
ATOM   332 C  "C4'" . DA B 2 6  ? 2.679   6.168   -6.832  1.00 82.81  ? 17  DA B "C4'" 1 
ATOM   333 O  "O4'" . DA B 2 6  ? 2.566   6.751   -5.514  1.00 100.79 ? 17  DA B "O4'" 1 
ATOM   334 C  "C3'" . DA B 2 6  ? 1.261   6.145   -7.378  1.00 84.15  ? 17  DA B "C3'" 1 
ATOM   335 O  "O3'" . DA B 2 6  ? 0.823   4.816   -7.100  1.00 85.18  ? 17  DA B "O3'" 1 
ATOM   336 C  "C2'" . DA B 2 6  ? 0.574   7.279   -6.621  1.00 81.20  ? 17  DA B "C2'" 1 
ATOM   337 C  "C1'" . DA B 2 6  ? 1.256   7.259   -5.276  1.00 75.02  ? 17  DA B "C1'" 1 
ATOM   338 N  N9    . DA B 2 6  ? 1.442   8.528   -4.595  1.00 67.66  ? 17  DA B N9    1 
ATOM   339 C  C8    . DA B 2 6  ? 1.831   9.735   -5.120  1.00 77.21  ? 17  DA B C8    1 
ATOM   340 N  N7    . DA B 2 6  ? 2.070   10.654  -4.210  1.00 70.66  ? 17  DA B N7    1 
ATOM   341 C  C5    . DA B 2 6  ? 1.909   9.979   -3.008  1.00 59.47  ? 17  DA B C5    1 
ATOM   342 C  C6    . DA B 2 6  ? 2.042   10.387  -1.669  1.00 58.66  ? 17  DA B C6    1 
ATOM   343 N  N6    . DA B 2 6  ? 2.362   11.627  -1.305  1.00 64.35  ? 17  DA B N6    1 
ATOM   344 N  N1    . DA B 2 6  ? 1.790   9.476   -0.703  1.00 57.29  ? 17  DA B N1    1 
ATOM   345 C  C2    . DA B 2 6  ? 1.443   8.233   -1.074  1.00 69.91  ? 17  DA B C2    1 
ATOM   346 N  N3    . DA B 2 6  ? 1.299   7.724   -2.303  1.00 65.82  ? 17  DA B N3    1 
ATOM   347 C  C4    . DA B 2 6  ? 1.558   8.658   -3.234  1.00 63.85  ? 17  DA B C4    1 
ATOM   348 P  P     . DC B 2 7  ? -0.616  4.384   -7.481  1.00 93.61  ? 18  DC B P     1 
ATOM   349 O  OP1   . DC B 2 7  ? -0.705  2.902   -7.525  1.00 72.60  ? 18  DC B OP1   1 
ATOM   350 O  OP2   . DC B 2 7  ? -1.036  5.223   -8.616  1.00 97.01  ? 18  DC B OP2   1 
ATOM   351 O  "O5'" . DC B 2 7  ? -1.458  4.897   -6.253  1.00 85.91  ? 18  DC B "O5'" 1 
ATOM   352 C  "C5'" . DC B 2 7  ? -2.180  3.994   -5.466  1.00 79.75  ? 18  DC B "C5'" 1 
ATOM   353 C  "C4'" . DC B 2 7  ? -2.192  4.614   -4.099  1.00 78.76  ? 18  DC B "C4'" 1 
ATOM   354 O  "O4'" . DC B 2 7  ? -1.735  5.981   -4.136  1.00 70.67  ? 18  DC B "O4'" 1 
ATOM   355 C  "C3'" . DC B 2 7  ? -3.557  4.719   -3.458  1.00 81.03  ? 18  DC B "C3'" 1 
ATOM   356 O  "O3'" . DC B 2 7  ? -3.887  3.521   -2.783  1.00 98.86  ? 18  DC B "O3'" 1 
ATOM   357 C  "C2'" . DC B 2 7  ? -3.398  5.888   -2.502  1.00 75.54  ? 18  DC B "C2'" 1 
ATOM   358 C  "C1'" . DC B 2 7  ? -2.022  6.420   -2.814  1.00 67.86  ? 18  DC B "C1'" 1 
ATOM   359 N  N1    . DC B 2 7  ? -1.836  7.875   -2.727  1.00 63.78  ? 18  DC B N1    1 
ATOM   360 C  C2    . DC B 2 7  ? -1.720  8.445   -1.456  1.00 68.45  ? 18  DC B C2    1 
ATOM   361 O  O2    . DC B 2 7  ? -1.822  7.716   -0.462  1.00 77.73  ? 18  DC B O2    1 
ATOM   362 N  N3    . DC B 2 7  ? -1.458  9.764   -1.341  1.00 68.39  ? 18  DC B N3    1 
ATOM   363 C  C4    . DC B 2 7  ? -1.335  10.515  -2.438  1.00 74.78  ? 18  DC B C4    1 
ATOM   364 N  N4    . DC B 2 7  ? -1.106  11.822  -2.281  1.00 75.43  ? 18  DC B N4    1 
ATOM   365 C  C5    . DC B 2 7  ? -1.450  9.961   -3.747  1.00 66.54  ? 18  DC B C5    1 
ATOM   366 C  C6    . DC B 2 7  ? -1.682  8.646   -3.844  1.00 67.97  ? 18  DC B C6    1 
ATOM   367 P  P     . DT B 2 8  ? -5.345  3.006   -2.897  1.00 119.91 ? 19  DT B P     1 
ATOM   368 O  OP1   . DT B 2 8  ? -5.509  1.873   -1.943  1.00 121.99 ? 19  DT B OP1   1 
ATOM   369 O  OP2   . DT B 2 8  ? -5.641  2.841   -4.339  1.00 116.32 ? 19  DT B OP2   1 
ATOM   370 O  "O5'" . DT B 2 8  ? -6.174  4.275   -2.436  1.00 109.41 ? 19  DT B "O5'" 1 
ATOM   371 C  "C5'" . DT B 2 8  ? -7.038  4.144   -1.328  1.00 114.86 ? 19  DT B "C5'" 1 
ATOM   372 C  "C4'" . DT B 2 8  ? -6.257  4.248   -0.040  1.00 98.13  ? 19  DT B "C4'" 1 
ATOM   373 O  "O4'" . DT B 2 8  ? -5.272  5.299   -0.155  1.00 77.23  ? 19  DT B "O4'" 1 
ATOM   374 C  "C3'" . DT B 2 8  ? -7.193  4.673   1.086   1.00 98.52  ? 19  DT B "C3'" 1 
ATOM   375 O  "O3'" . DT B 2 8  ? -7.052  4.122   2.374   1.00 86.79  ? 19  DT B "O3'" 1 
ATOM   376 C  "C2'" . DT B 2 8  ? -6.999  6.163   1.183   1.00 96.07  ? 19  DT B "C2'" 1 
ATOM   377 C  "C1'" . DT B 2 8  ? -5.567  6.320   0.804   1.00 83.58  ? 19  DT B "C1'" 1 
ATOM   378 N  N1    . DT B 2 8  ? -5.329  7.659   0.201   1.00 81.17  ? 19  DT B N1    1 
ATOM   379 C  C2    . DT B 2 8  ? -5.113  8.658   1.118   1.00 83.64  ? 19  DT B C2    1 
ATOM   380 O  O2    . DT B 2 8  ? -5.067  8.454   2.324   1.00 108.79 ? 19  DT B O2    1 
ATOM   381 N  N3    . DT B 2 8  ? -4.889  9.901   0.571   1.00 77.58  ? 19  DT B N3    1 
ATOM   382 C  C4    . DT B 2 8  ? -4.882  10.237  -0.771  1.00 80.33  ? 19  DT B C4    1 
ATOM   383 O  O4    . DT B 2 8  ? -4.643  11.398  -1.114  1.00 78.55  ? 19  DT B O4    1 
ATOM   384 C  C5    . DT B 2 8  ? -5.183  9.150   -1.678  1.00 76.21  ? 19  DT B C5    1 
ATOM   385 C  C7    . DT B 2 8  ? -5.214  9.424   -3.149  1.00 61.81  ? 19  DT B C7    1 
ATOM   386 C  C6    . DT B 2 8  ? -5.415  7.935   -1.150  1.00 81.63  ? 19  DT B C6    1 
ATOM   387 P  P     . DC B 2 9  ? -8.395  3.952   3.176   1.00 131.62 ? 20  DC B P     1 
ATOM   388 O  OP1   . DC B 2 9  ? -8.110  3.149   4.396   1.00 125.70 ? 20  DC B OP1   1 
ATOM   389 O  OP2   . DC B 2 9  ? -9.445  3.526   2.190   1.00 105.12 ? 20  DC B OP2   1 
ATOM   390 O  "O5'" . DC B 2 9  ? -8.720  5.436   3.639   1.00 98.01  ? 20  DC B "O5'" 1 
ATOM   391 C  "C5'" . DC B 2 9  ? -7.816  6.096   4.530   1.00 109.58 ? 20  DC B "C5'" 1 
ATOM   392 C  "C4'" . DC B 2 9  ? -8.307  7.507   4.715   1.00 117.73 ? 20  DC B "C4'" 1 
ATOM   393 O  "O4'" . DC B 2 9  ? -7.957  8.361   3.596   1.00 115.54 ? 20  DC B "O4'" 1 
ATOM   394 C  "C3'" . DC B 2 9  ? -9.827  7.564   4.805   1.00 130.45 ? 20  DC B "C3'" 1 
ATOM   395 O  "O3'" . DC B 2 9  ? -10.136 8.461   5.853   1.00 138.09 ? 20  DC B "O3'" 1 
ATOM   396 C  "C2'" . DC B 2 9  ? -10.248 8.110   3.453   1.00 125.51 ? 20  DC B "C2'" 1 
ATOM   397 C  "C1'" . DC B 2 9  ? -9.120  9.089   3.234   1.00 111.94 ? 20  DC B "C1'" 1 
ATOM   398 N  N1    . DC B 2 9  ? -8.919  9.655   1.886   1.00 95.93  ? 20  DC B N1    1 
ATOM   399 C  C2    . DC B 2 9  ? -8.352  10.939  1.786   1.00 87.37  ? 20  DC B C2    1 
ATOM   400 O  O2    . DC B 2 9  ? -8.032  11.532  2.823   1.00 96.47  ? 20  DC B O2    1 
ATOM   401 N  N3    . DC B 2 9  ? -8.154  11.485  0.562   1.00 79.39  ? 20  DC B N3    1 
ATOM   402 C  C4    . DC B 2 9  ? -8.479  10.791  -0.536  1.00 103.96 ? 20  DC B C4    1 
ATOM   403 N  N4    . DC B 2 9  ? -8.251  11.357  -1.727  1.00 103.21 ? 20  DC B N4    1 
ATOM   404 C  C5    . DC B 2 9  ? -9.071  9.488   -0.464  1.00 85.29  ? 20  DC B C5    1 
ATOM   405 C  C6    . DC B 2 9  ? -9.277  8.968   0.756   1.00 93.08  ? 20  DC B C6    1 
ATOM   406 P  P     . DA B 2 10 ? -11.336 8.121   6.758   1.00 136.89 ? 21  DA B P     1 
ATOM   407 O  OP1   . DA B 2 10 ? -10.864 7.137   7.775   1.00 130.55 ? 21  DA B OP1   1 
ATOM   408 O  OP2   . DA B 2 10 ? -12.443 7.739   5.838   1.00 118.74 ? 21  DA B OP2   1 
ATOM   409 O  "O5'" . DA B 2 10 ? -11.600 9.512   7.488   1.00 123.62 ? 21  DA B "O5'" 1 
ATOM   410 C  "C5'" . DA B 2 10 ? -10.652 10.068  8.422   1.00 116.09 ? 21  DA B "C5'" 1 
ATOM   411 C  "C4'" . DA B 2 10 ? -10.393 11.517  8.078   1.00 132.48 ? 21  DA B "C4'" 1 
ATOM   412 O  "O4'" . DA B 2 10 ? -10.241 11.655  6.645   1.00 138.06 ? 21  DA B "O4'" 1 
ATOM   413 C  "C3'" . DA B 2 10 ? -11.512 12.486  8.455   1.00 144.99 ? 21  DA B "C3'" 1 
ATOM   414 O  "O3'" . DA B 2 10 ? -10.953 13.769  8.747   1.00 156.06 ? 21  DA B "O3'" 1 
ATOM   415 C  "C2'" . DA B 2 10 ? -12.327 12.576  7.179   1.00 138.50 ? 21  DA B "C2'" 1 
ATOM   416 C  "C1'" . DA B 2 10 ? -11.216 12.563  6.149   1.00 129.83 ? 21  DA B "C1'" 1 
ATOM   417 N  N9    . DA B 2 10 ? -11.593 12.121  4.809   1.00 120.47 ? 21  DA B N9    1 
ATOM   418 C  C8    . DA B 2 10 ? -12.280 10.997  4.419   1.00 114.14 ? 21  DA B C8    1 
ATOM   419 N  N7    . DA B 2 10 ? -12.426 10.893  3.120   1.00 109.53 ? 21  DA B N7    1 
ATOM   420 C  C5    . DA B 2 10 ? -11.774 12.012  2.621   1.00 100.03 ? 21  DA B C5    1 
ATOM   421 C  C6    . DA B 2 10 ? -11.558 12.478  1.309   1.00 106.47 ? 21  DA B C6    1 
ATOM   422 N  N6    . DA B 2 10 ? -12.003 11.851  0.216   1.00 99.26  ? 21  DA B N6    1 
ATOM   423 N  N1    . DA B 2 10 ? -10.863 13.631  1.154   1.00 98.02  ? 21  DA B N1    1 
ATOM   424 C  C2    . DA B 2 10 ? -10.424 14.265  2.253   1.00 103.41 ? 21  DA B C2    1 
ATOM   425 N  N3    . DA B 2 10 ? -10.563 13.924  3.536   1.00 96.14  ? 21  DA B N3    1 
ATOM   426 C  C4    . DA B 2 10 ? -11.254 12.775  3.651   1.00 106.07 ? 21  DA B C4    1 
ATOM   427 P  P     . DC C 3 1  ? 4.597   0.617   12.639  1.00 86.17  ? 1   DC C P     1 
ATOM   428 O  OP1   . DC C 3 1  ? 3.391   -0.113  12.154  1.00 75.07  ? 1   DC C OP1   1 
ATOM   429 O  OP2   . DC C 3 1  ? 4.678   0.974   14.080  1.00 104.59 ? 1   DC C OP2   1 
ATOM   430 O  "O5'" . DC C 3 1  ? 5.843   -0.344  12.500  1.00 55.45  ? 1   DC C "O5'" 1 
ATOM   431 C  "C5'" . DC C 3 1  ? 5.914   -1.245  11.419  1.00 58.25  ? 1   DC C "C5'" 1 
ATOM   432 C  "C4'" . DC C 3 1  ? 7.288   -1.207  10.801  1.00 55.48  ? 1   DC C "C4'" 1 
ATOM   433 O  "O4'" . DC C 3 1  ? 7.800   -2.552  10.842  1.00 57.44  ? 1   DC C "O4'" 1 
ATOM   434 C  "C3'" . DC C 3 1  ? 7.253   -0.853  9.318   1.00 58.78  ? 1   DC C "C3'" 1 
ATOM   435 O  "O3'" . DC C 3 1  ? 8.446   -0.281  8.772   1.00 52.87  ? 1   DC C "O3'" 1 
ATOM   436 C  "C2'" . DC C 3 1  ? 6.860   -2.180  8.694   1.00 61.02  ? 1   DC C "C2'" 1 
ATOM   437 C  "C1'" . DC C 3 1  ? 7.574   -3.192  9.576   1.00 59.55  ? 1   DC C "C1'" 1 
ATOM   438 N  N1    . DC C 3 1  ? 6.859   -4.458  9.835   1.00 53.58  ? 1   DC C N1    1 
ATOM   439 C  C2    . DC C 3 1  ? 7.457   -5.667  9.455   1.00 57.75  ? 1   DC C C2    1 
ATOM   440 O  O2    . DC C 3 1  ? 8.531   -5.638  8.836   1.00 60.69  ? 1   DC C O2    1 
ATOM   441 N  N3    . DC C 3 1  ? 6.841   -6.834  9.754   1.00 54.37  ? 1   DC C N3    1 
ATOM   442 C  C4    . DC C 3 1  ? 5.683   -6.821  10.417  1.00 65.86  ? 1   DC C C4    1 
ATOM   443 N  N4    . DC C 3 1  ? 5.104   -7.989  10.690  1.00 74.85  ? 1   DC C N4    1 
ATOM   444 C  C5    . DC C 3 1  ? 5.069   -5.607  10.840  1.00 59.84  ? 1   DC C C5    1 
ATOM   445 C  C6    . DC C 3 1  ? 5.671   -4.460  10.508  1.00 50.61  ? 1   DC C C6    1 
ATOM   446 P  P     . DT C 3 2  ? 8.444   0.075   7.276   1.00 65.00  ? 2   DT C P     1 
ATOM   447 O  OP1   . DT C 3 2  ? 9.618   0.952   6.929   1.00 54.81  ? 2   DT C OP1   1 
ATOM   448 O  OP2   . DT C 3 2  ? 7.078   0.560   6.985   1.00 65.02  ? 2   DT C OP2   1 
ATOM   449 O  "O5'" . DT C 3 2  ? 8.734   -1.350  6.630   1.00 51.82  ? 2   DT C "O5'" 1 
ATOM   450 C  "C5'" . DT C 3 2  ? 10.007  -1.517  5.964   1.00 58.35  ? 2   DT C "C5'" 1 
ATOM   451 C  "C4'" . DT C 3 2  ? 10.021  -2.823  5.213   1.00 51.68  ? 2   DT C "C4'" 1 
ATOM   452 O  "O4'" . DT C 3 2  ? 9.111   -3.750  5.863   1.00 66.50  ? 2   DT C "O4'" 1 
ATOM   453 C  "C3'" . DT C 3 2  ? 9.476   -2.657  3.812   1.00 56.37  ? 2   DT C "C3'" 1 
ATOM   454 O  "O3'" . DT C 3 2  ? 10.421  -3.194  2.913   1.00 52.52  ? 2   DT C "O3'" 1 
ATOM   455 C  "C2'" . DT C 3 2  ? 8.104   -3.314  3.905   1.00 67.36  ? 2   DT C "C2'" 1 
ATOM   456 C  "C1'" . DT C 3 2  ? 8.413   -4.427  4.851   1.00 56.94  ? 2   DT C "C1'" 1 
ATOM   457 N  N1    . DT C 3 2  ? 7.287   -5.173  5.470   1.00 55.98  ? 2   DT C N1    1 
ATOM   458 C  C2    . DT C 3 2  ? 7.343   -6.548  5.437   1.00 59.52  ? 2   DT C C2    1 
ATOM   459 O  O2    . DT C 3 2  ? 8.265   -7.164  4.934   1.00 67.60  ? 2   DT C O2    1 
ATOM   460 N  N3    . DT C 3 2  ? 6.298   -7.178  6.062   1.00 52.01  ? 2   DT C N3    1 
ATOM   461 C  C4    . DT C 3 2  ? 5.236   -6.580  6.712   1.00 56.96  ? 2   DT C C4    1 
ATOM   462 O  O4    . DT C 3 2  ? 4.377   -7.265  7.251   1.00 68.07  ? 2   DT C O4    1 
ATOM   463 C  C5    . DT C 3 2  ? 5.215   -5.153  6.669   1.00 51.67  ? 2   DT C C5    1 
ATOM   464 C  C7    . DT C 3 2  ? 4.075   -4.441  7.318   1.00 56.73  ? 2   DT C C7    1 
ATOM   465 C  C6    . DT C 3 2  ? 6.239   -4.520  6.078   1.00 53.34  ? 2   DT C C6    1 
ATOM   466 P  P     . DA C 3 3  ? 11.557  -2.259  2.461   1.00 74.05  ? 3   DA C P     1 
ATOM   467 O  OP1   . DA C 3 3  ? 12.351  -2.929  1.400   1.00 62.84  ? 3   DA C OP1   1 
ATOM   468 O  OP2   . DA C 3 3  ? 12.189  -1.706  3.703   1.00 66.29  ? 3   DA C OP2   1 
ATOM   469 O  "O5'" . DA C 3 3  ? 10.773  -1.147  1.645   1.00 64.16  ? 3   DA C "O5'" 1 
ATOM   470 C  "C5'" . DA C 3 3  ? 10.353  -1.459  0.315   1.00 72.90  ? 3   DA C "C5'" 1 
ATOM   471 C  "C4'" . DA C 3 3  ? 10.293  -0.198  -0.507  1.00 62.49  ? 3   DA C "C4'" 1 
ATOM   472 O  "O4'" . DA C 3 3  ? 9.668   0.794   0.299   1.00 56.85  ? 3   DA C "O4'" 1 
ATOM   473 C  "C3'" . DA C 3 3  ? 11.631  0.422   -0.820  1.00 56.44  ? 3   DA C "C3'" 1 
ATOM   474 O  "O3'" . DA C 3 3  ? 12.184  -0.163  -1.963  1.00 58.35  ? 3   DA C "O3'" 1 
ATOM   475 C  "C2'" . DA C 3 3  ? 11.246  1.854   -1.076  1.00 51.87  ? 3   DA C "C2'" 1 
ATOM   476 C  "C1'" . DA C 3 3  ? 10.157  2.055   -0.063  1.00 48.30  ? 3   DA C "C1'" 1 
ATOM   477 N  N9    . DA C 3 3  ? 10.544  2.704   1.154   1.00 44.68  ? 3   DA C N9    1 
ATOM   478 C  C8    . DA C 3 3  ? 10.342  2.307   2.448   1.00 53.57  ? 3   DA C C8    1 
ATOM   479 N  N7    . DA C 3 3  ? 10.713  3.198   3.338   1.00 49.41  ? 3   DA C N7    1 
ATOM   480 C  C5    . DA C 3 3  ? 11.165  4.256   2.572   1.00 47.98  ? 3   DA C C5    1 
ATOM   481 C  C6    . DA C 3 3  ? 11.644  5.517   2.914   1.00 57.38  ? 3   DA C C6    1 
ATOM   482 N  N6    . DA C 3 3  ? 11.829  5.920   4.174   1.00 63.55  ? 3   DA C N6    1 
ATOM   483 N  N1    . DA C 3 3  ? 11.924  6.372   1.914   1.00 57.45  ? 3   DA C N1    1 
ATOM   484 C  C2    . DA C 3 3  ? 11.762  5.953   0.653   1.00 72.10  ? 3   DA C C2    1 
ATOM   485 N  N3    . DA C 3 3  ? 11.306  4.786   0.203   1.00 47.37  ? 3   DA C N3    1 
ATOM   486 C  C4    . DA C 3 3  ? 11.040  3.973   1.226   1.00 46.57  ? 3   DA C C4    1 
ATOM   487 P  P     . DG C 3 4  ? 13.752  -0.309  -2.056  1.00 73.33  ? 4   DG C P     1 
ATOM   488 O  OP1   . DG C 3 4  ? 14.022  -1.006  -3.350  1.00 69.41  ? 4   DG C OP1   1 
ATOM   489 O  OP2   . DG C 3 4  ? 14.266  -0.853  -0.765  1.00 63.79  ? 4   DG C OP2   1 
ATOM   490 O  "O5'" . DG C 3 4  ? 14.203  1.201   -2.151  1.00 50.85  ? 4   DG C "O5'" 1 
ATOM   491 C  "C5'" . DG C 3 4  ? 14.143  1.801   -3.449  1.00 55.76  ? 4   DG C "C5'" 1 
ATOM   492 C  "C4'" . DG C 3 4  ? 14.431  3.262   -3.252  1.00 64.68  ? 4   DG C "C4'" 1 
ATOM   493 O  "O4'" . DG C 3 4  ? 14.009  3.467   -1.903  1.00 68.57  ? 4   DG C "O4'" 1 
ATOM   494 C  "C3'" . DG C 3 4  ? 15.899  3.647   -3.218  1.00 68.23  ? 4   DG C "C3'" 1 
ATOM   495 O  "O3'" . DG C 3 4  ? 16.424  4.112   -4.455  1.00 81.54  ? 4   DG C "O3'" 1 
ATOM   496 C  "C2'" . DG C 3 4  ? 15.961  4.703   -2.117  1.00 65.54  ? 4   DG C "C2'" 1 
ATOM   497 C  "C1'" . DG C 3 4  ? 14.636  4.602   -1.402  1.00 57.43  ? 4   DG C "C1'" 1 
ATOM   498 N  N9    . DG C 3 4  ? 14.726  4.405   0.022   1.00 55.82  ? 4   DG C N9    1 
ATOM   499 C  C8    . DG C 3 4  ? 14.454  3.245   0.709   1.00 57.60  ? 4   DG C C8    1 
ATOM   500 N  N7    . DG C 3 4  ? 14.496  3.398   2.005   1.00 59.64  ? 4   DG C N7    1 
ATOM   501 C  C5    . DG C 3 4  ? 14.808  4.737   2.179   1.00 49.18  ? 4   DG C C5    1 
ATOM   502 C  C6    . DG C 3 4  ? 15.034  5.473   3.365   1.00 62.12  ? 4   DG C C6    1 
ATOM   503 O  O6    . DG C 3 4  ? 15.021  5.063   4.541   1.00 54.66  ? 4   DG C O6    1 
ATOM   504 N  N1    . DG C 3 4  ? 15.295  6.818   3.092   1.00 60.57  ? 4   DG C N1    1 
ATOM   505 C  C2    . DG C 3 4  ? 15.367  7.365   1.830   1.00 65.88  ? 4   DG C C2    1 
ATOM   506 N  N2    . DG C 3 4  ? 15.628  8.678   1.771   1.00 64.11  ? 4   DG C N2    1 
ATOM   507 N  N3    . DG C 3 4  ? 15.191  6.674   0.711   1.00 48.42  ? 4   DG C N3    1 
ATOM   508 C  C4    . DG C 3 4  ? 14.935  5.375   0.962   1.00 49.84  ? 4   DG C C4    1 
ATOM   509 P  P     . DT C 3 5  ? 17.912  4.717   -4.469  1.00 103.24 ? 5   DT C P     1 
ATOM   510 O  OP1   . DT C 3 5  ? 18.382  4.738   -5.873  1.00 86.16  ? 5   DT C OP1   1 
ATOM   511 O  OP2   . DT C 3 5  ? 18.711  4.085   -3.373  1.00 95.92  ? 5   DT C OP2   1 
ATOM   512 O  "O5'" . DT C 3 5  ? 17.714  6.199   -3.934  1.00 71.02  ? 5   DT C "O5'" 1 
ATOM   513 C  "C5'" . DT C 3 5  ? 18.605  7.213   -4.347  1.00 72.76  ? 5   DT C "C5'" 1 
ATOM   514 C  "C4'" . DT C 3 5  ? 18.831  8.106   -3.164  1.00 64.70  ? 5   DT C "C4'" 1 
ATOM   515 O  "O4'" . DT C 3 5  ? 18.220  7.474   -2.040  1.00 62.70  ? 5   DT C "O4'" 1 
ATOM   516 C  "C3'" . DT C 3 5  ? 20.273  8.244   -2.714  1.00 69.71  ? 5   DT C "C3'" 1 
ATOM   517 O  "O3'" . DT C 3 5  ? 20.995  9.123   -3.558  1.00 55.90  ? 5   DT C "O3'" 1 
ATOM   518 C  "C2'" . DT C 3 5  ? 20.099  8.724   -1.285  1.00 66.30  ? 5   DT C "C2'" 1 
ATOM   519 C  "C1'" . DT C 3 5  ? 18.739  8.163   -0.900  1.00 69.55  ? 5   DT C "C1'" 1 
ATOM   520 N  N1    . DT C 3 5  ? 18.750  7.239   0.236   1.00 60.38  ? 5   DT C N1    1 
ATOM   521 C  C2    . DT C 3 5  ? 18.816  7.779   1.502   1.00 65.35  ? 5   DT C C2    1 
ATOM   522 O  O2    . DT C 3 5  ? 18.969  8.970   1.717   1.00 70.31  ? 5   DT C O2    1 
ATOM   523 N  N3    . DT C 3 5  ? 18.703  6.867   2.517   1.00 64.97  ? 5   DT C N3    1 
ATOM   524 C  C4    . DT C 3 5  ? 18.537  5.501   2.396   1.00 67.05  ? 5   DT C C4    1 
ATOM   525 O  O4    . DT C 3 5  ? 18.515  4.794   3.404   1.00 53.37  ? 5   DT C O4    1 
ATOM   526 C  C5    . DT C 3 5  ? 18.430  5.010   1.038   1.00 60.06  ? 5   DT C C5    1 
ATOM   527 C  C7    . DT C 3 5  ? 18.232  3.545   0.810   1.00 56.14  ? 5   DT C C7    1 
ATOM   528 C  C6    . DT C 3 5  ? 18.549  5.892   0.039   1.00 58.35  ? 5   DT C C6    1 
ATOM   529 O  "O5'" . DT D 4 1  ? -16.529 13.050  -10.846 1.00 135.66 ? 1   DT D "O5'" 1 
ATOM   530 C  "C5'" . DT D 4 1  ? -15.978 14.139  -11.612 1.00 138.67 ? 1   DT D "C5'" 1 
ATOM   531 C  "C4'" . DT D 4 1  ? -15.713 15.312  -10.697 1.00 148.61 ? 1   DT D "C4'" 1 
ATOM   532 O  "O4'" . DT D 4 1  ? -16.567 15.219  -9.525  1.00 151.64 ? 1   DT D "O4'" 1 
ATOM   533 C  "C3'" . DT D 4 1  ? -14.277 15.423  -10.162 1.00 147.01 ? 1   DT D "C3'" 1 
ATOM   534 O  "O3'" . DT D 4 1  ? -13.751 16.735  -10.420 1.00 168.02 ? 1   DT D "O3'" 1 
ATOM   535 C  "C2'" . DT D 4 1  ? -14.438 15.140  -8.677  1.00 140.86 ? 1   DT D "C2'" 1 
ATOM   536 C  "C1'" . DT D 4 1  ? -15.815 15.686  -8.426  1.00 137.99 ? 1   DT D "C1'" 1 
ATOM   537 N  N1    . DT D 4 1  ? -16.428 15.190  -7.177  1.00 148.77 ? 1   DT D N1    1 
ATOM   538 C  C2    . DT D 4 1  ? -16.091 15.855  -6.017  1.00 155.95 ? 1   DT D C2    1 
ATOM   539 O  O2    . DT D 4 1  ? -15.353 16.828  -5.996  1.00 157.78 ? 1   DT D O2    1 
ATOM   540 N  N3    . DT D 4 1  ? -16.654 15.338  -4.873  1.00 147.84 ? 1   DT D N3    1 
ATOM   541 C  C4    . DT D 4 1  ? -17.492 14.242  -4.778  1.00 141.43 ? 1   DT D C4    1 
ATOM   542 O  O4    . DT D 4 1  ? -17.911 13.890  -3.678  1.00 130.20 ? 1   DT D O4    1 
ATOM   543 C  C5    . DT D 4 1  ? -17.794 13.586  -6.036  1.00 143.52 ? 1   DT D C5    1 
ATOM   544 C  C7    . DT D 4 1  ? -18.702 12.398  -6.036  1.00 144.63 ? 1   DT D C7    1 
ATOM   545 C  C6    . DT D 4 1  ? -17.250 14.082  -7.155  1.00 141.33 ? 1   DT D C6    1 
ATOM   546 P  P     . DC D 4 2  ? -12.381 17.247  -9.721  1.00 183.89 ? 2   DC D P     1 
ATOM   547 O  OP1   . DC D 4 2  ? -11.777 18.302  -10.585 1.00 187.52 ? 2   DC D OP1   1 
ATOM   548 O  OP2   . DC D 4 2  ? -11.571 16.064  -9.368  1.00 212.59 ? 2   DC D OP2   1 
ATOM   549 O  "O5'" . DC D 4 2  ? -12.883 17.884  -8.351  1.00 141.61 ? 2   DC D "O5'" 1 
ATOM   550 C  "C5'" . DC D 4 2  ? -12.962 19.306  -8.204  1.00 149.14 ? 2   DC D "C5'" 1 
ATOM   551 C  "C4'" . DC D 4 2  ? -11.788 19.786  -7.392  1.00 144.49 ? 2   DC D "C4'" 1 
ATOM   552 O  "O4'" . DC D 4 2  ? -12.045 19.417  -6.021  1.00 144.41 ? 2   DC D "O4'" 1 
ATOM   553 C  "C3'" . DC D 4 2  ? -10.443 19.169  -7.772  1.00 141.20 ? 2   DC D "C3'" 1 
ATOM   554 O  "O3'" . DC D 4 2  ? -9.444  20.183  -7.982  1.00 157.24 ? 2   DC D "O3'" 1 
ATOM   555 C  "C2'" . DC D 4 2  ? -10.241 18.059  -6.748  1.00 156.27 ? 2   DC D "C2'" 1 
ATOM   556 C  "C1'" . DC D 4 2  ? -11.188 18.383  -5.586  1.00 153.72 ? 2   DC D "C1'" 1 
ATOM   557 N  N1    . DC D 4 2  ? -12.029 17.304  -4.994  1.00 165.35 ? 2   DC D N1    1 
ATOM   558 C  C2    . DC D 4 2  ? -12.463 17.455  -3.666  1.00 168.05 ? 2   DC D C2    1 
ATOM   559 O  O2    . DC D 4 2  ? -12.146 18.480  -3.043  1.00 184.44 ? 2   DC D O2    1 
ATOM   560 N  N3    . DC D 4 2  ? -13.206 16.476  -3.095  1.00 147.07 ? 2   DC D N3    1 
ATOM   561 C  C4    . DC D 4 2  ? -13.524 15.385  -3.796  1.00 128.46 ? 2   DC D C4    1 
ATOM   562 N  N4    . DC D 4 2  ? -14.272 14.455  -3.198  1.00 114.76 ? 2   DC D N4    1 
ATOM   563 C  C5    . DC D 4 2  ? -13.093 15.202  -5.144  1.00 131.90 ? 2   DC D C5    1 
ATOM   564 C  C6    . DC D 4 2  ? -12.368 16.183  -5.704  1.00 152.14 ? 2   DC D C6    1 
ATOM   565 P  P     . DT D 4 3  ? -8.579  20.794  -6.773  1.00 192.91 ? 3   DT D P     1 
ATOM   566 O  OP1   . DT D 4 3  ? -8.271  22.205  -7.109  1.00 206.64 ? 3   DT D OP1   1 
ATOM   567 O  OP2   . DT D 4 3  ? -7.450  19.861  -6.506  1.00 172.24 ? 3   DT D OP2   1 
ATOM   568 O  "O5'" . DT D 4 3  ? -9.613  20.813  -5.559  1.00 172.17 ? 3   DT D "O5'" 1 
ATOM   569 C  "C5'" . DT D 4 3  ? -9.603  21.824  -4.535  1.00 155.66 ? 3   DT D "C5'" 1 
ATOM   570 C  "C4'" . DT D 4 3  ? -8.843  21.313  -3.337  1.00 148.09 ? 3   DT D "C4'" 1 
ATOM   571 O  "O4'" . DT D 4 3  ? -9.479  20.119  -2.806  1.00 148.73 ? 3   DT D "O4'" 1 
ATOM   572 C  "C3'" . DT D 4 3  ? -7.401  20.907  -3.644  1.00 140.70 ? 3   DT D "C3'" 1 
ATOM   573 O  "O3'" . DT D 4 3  ? -6.593  21.247  -2.532  1.00 160.23 ? 3   DT D "O3'" 1 
ATOM   574 C  "C2'" . DT D 4 3  ? -7.470  19.394  -3.678  1.00 136.86 ? 3   DT D "C2'" 1 
ATOM   575 C  "C1'" . DT D 4 3  ? -8.456  19.171  -2.550  1.00 137.84 ? 3   DT D "C1'" 1 
ATOM   576 N  N1    . DT D 4 3  ? -9.067  17.817  -2.397  1.00 120.84 ? 3   DT D N1    1 
ATOM   577 C  C2    . DT D 4 3  ? -9.498  17.442  -1.136  1.00 118.34 ? 3   DT D C2    1 
ATOM   578 O  O2    . DT D 4 3  ? -9.455  18.181  -0.162  1.00 119.85 ? 3   DT D O2    1 
ATOM   579 N  N3    . DT D 4 3  ? -10.007 16.166  -1.061  1.00 109.63 ? 3   DT D N3    1 
ATOM   580 C  C4    . DT D 4 3  ? -10.116 15.247  -2.092  1.00 106.30 ? 3   DT D C4    1 
ATOM   581 O  O4    . DT D 4 3  ? -10.598 14.137  -1.874  1.00 93.64  ? 3   DT D O4    1 
ATOM   582 C  C5    . DT D 4 3  ? -9.623  15.697  -3.376  1.00 93.28  ? 3   DT D C5    1 
ATOM   583 C  C7    . DT D 4 3  ? -9.694  14.764  -4.544  1.00 84.26  ? 3   DT D C7    1 
ATOM   584 C  C6    . DT D 4 3  ? -9.119  16.937  -3.462  1.00 99.32  ? 3   DT D C6    1 
ATOM   585 P  P     . DG D 4 4  ? -5.385  22.223  -2.714  1.00 184.51 ? 4   DG D P     1 
ATOM   586 O  OP1   . DG D 4 4  ? -5.914  23.454  -3.348  1.00 185.01 ? 4   DG D OP1   1 
ATOM   587 O  OP2   . DG D 4 4  ? -4.297  21.464  -3.384  1.00 177.93 ? 4   DG D OP2   1 
ATOM   588 O  "O5'" . DG D 4 4  ? -4.959  22.544  -1.209  1.00 188.25 ? 4   DG D "O5'" 1 
ATOM   589 C  "C5'" . DG D 4 4  ? -5.837  22.297  -0.078  1.00 175.49 ? 4   DG D "C5'" 1 
ATOM   590 C  "C4'" . DG D 4 4  ? -5.301  21.183  0.795   1.00 167.49 ? 4   DG D "C4'" 1 
ATOM   591 O  "O4'" . DG D 4 4  ? -5.818  19.888  0.380   1.00 152.95 ? 4   DG D "O4'" 1 
ATOM   592 C  "C3'" . DG D 4 4  ? -3.779  21.045  0.785   1.00 147.78 ? 4   DG D "C3'" 1 
ATOM   593 O  "O3'" . DG D 4 4  ? -3.316  20.649  2.061   1.00 122.64 ? 4   DG D "O3'" 1 
ATOM   594 C  "C2'" . DG D 4 4  ? -3.542  19.875  -0.139  1.00 140.38 ? 4   DG D "C2'" 1 
ATOM   595 C  "C1'" . DG D 4 4  ? -4.724  18.994  0.232   1.00 136.46 ? 4   DG D "C1'" 1 
ATOM   596 N  N9    . DG D 4 4  ? -5.073  18.001  -0.776  1.00 122.87 ? 4   DG D N9    1 
ATOM   597 C  C8    . DG D 4 4  ? -4.779  18.042  -2.120  1.00 132.32 ? 4   DG D C8    1 
ATOM   598 N  N7    . DG D 4 4  ? -5.191  16.985  -2.768  1.00 105.92 ? 4   DG D N7    1 
ATOM   599 C  C5    . DG D 4 4  ? -5.782  16.196  -1.794  1.00 82.94  ? 4   DG D C5    1 
ATOM   600 C  C6    . DG D 4 4  ? -6.384  14.922  -1.897  1.00 77.10  ? 4   DG D C6    1 
ATOM   601 O  O6    . DG D 4 4  ? -6.545  14.230  -2.905  1.00 93.27  ? 4   DG D O6    1 
ATOM   602 N  N1    . DG D 4 4  ? -6.815  14.456  -0.658  1.00 72.41  ? 4   DG D N1    1 
ATOM   603 C  C2    . DG D 4 4  ? -6.698  15.145  0.528   1.00 96.71  ? 4   DG D C2    1 
ATOM   604 N  N2    . DG D 4 4  ? -7.202  14.539  1.614   1.00 97.77  ? 4   DG D N2    1 
ATOM   605 N  N3    . DG D 4 4  ? -6.134  16.341  0.639   1.00 86.22  ? 4   DG D N3    1 
ATOM   606 C  C4    . DG D 4 4  ? -5.700  16.801  -0.554  1.00 94.89  ? 4   DG D C4    1 
ATOM   607 P  P     . DA D 4 5  ? -2.049  21.341  2.640   1.00 163.95 ? 5   DA D P     1 
ATOM   608 O  OP1   . DA D 4 5  ? -2.290  22.804  2.623   1.00 175.43 ? 5   DA D OP1   1 
ATOM   609 O  OP2   . DA D 4 5  ? -0.875  20.791  1.923   1.00 162.27 ? 5   DA D OP2   1 
ATOM   610 O  "O5'" . DA D 4 5  ? -2.043  20.826  4.145   1.00 167.44 ? 5   DA D "O5'" 1 
ATOM   611 C  "C5'" . DA D 4 5  ? -3.271  20.530  4.839   1.00 153.34 ? 5   DA D "C5'" 1 
ATOM   612 C  "C4'" . DA D 4 5  ? -3.274  19.095  5.312   1.00 143.40 ? 5   DA D "C4'" 1 
ATOM   613 O  "O4'" . DA D 4 5  ? -3.654  18.189  4.250   1.00 133.03 ? 5   DA D "O4'" 1 
ATOM   614 C  "C3'" . DA D 4 5  ? -1.932  18.586  5.841   1.00 132.46 ? 5   DA D "C3'" 1 
ATOM   615 O  "O3'" . DA D 4 5  ? -2.248  17.927  7.062   1.00 133.39 ? 5   DA D "O3'" 1 
ATOM   616 C  "C2'" . DA D 4 5  ? -1.432  17.681  4.726   1.00 126.89 ? 5   DA D "C2'" 1 
ATOM   617 C  "C1'" . DA D 4 5  ? -2.737  17.110  4.214   1.00 126.96 ? 5   DA D "C1'" 1 
ATOM   618 N  N9    . DA D 4 5  ? -2.701  16.612  2.845   1.00 112.42 ? 5   DA D N9    1 
ATOM   619 C  C8    . DA D 4 5  ? -2.242  17.259  1.723   1.00 121.99 ? 5   DA D C8    1 
ATOM   620 N  N7    . DA D 4 5  ? -2.381  16.563  0.618   1.00 112.82 ? 5   DA D N7    1 
ATOM   621 C  C5    . DA D 4 5  ? -2.978  15.384  1.040   1.00 95.65  ? 5   DA D C5    1 
ATOM   622 C  C6    . DA D 4 5  ? -3.373  14.222  0.348   1.00 88.56  ? 5   DA D C6    1 
ATOM   623 N  N6    . DA D 4 5  ? -3.232  14.060  -0.966  1.00 89.36  ? 5   DA D N6    1 
ATOM   624 N  N1    . DA D 4 5  ? -3.910  13.212  1.068   1.00 83.71  ? 5   DA D N1    1 
ATOM   625 C  C2    . DA D 4 5  ? -4.062  13.380  2.392   1.00 105.74 ? 5   DA D C2    1 
ATOM   626 N  N3    . DA D 4 5  ? -3.737  14.430  3.154   1.00 103.05 ? 5   DA D N3    1 
ATOM   627 C  C4    . DA D 4 5  ? -3.186  15.403  2.409   1.00 103.09 ? 5   DA D C4    1 
ATOM   628 P  P     . DG D 4 6  ? -1.152  17.111  7.821   1.00 145.48 ? 6   DG D P     1 
ATOM   629 O  OP1   . DG D 4 6  ? -1.514  17.102  9.268   1.00 127.90 ? 6   DG D OP1   1 
ATOM   630 O  OP2   . DG D 4 6  ? 0.176   17.639  7.394   1.00 140.77 ? 6   DG D OP2   1 
ATOM   631 O  "O5'" . DG D 4 6  ? -1.385  15.657  7.223   1.00 134.25 ? 6   DG D "O5'" 1 
ATOM   632 C  "C5'" . DG D 4 6  ? -2.359  14.774  7.807   1.00 130.66 ? 6   DG D "C5'" 1 
ATOM   633 C  "C4'" . DG D 4 6  ? -1.885  13.349  7.664   1.00 127.74 ? 6   DG D "C4'" 1 
ATOM   634 O  "O4'" . DG D 4 6  ? -1.855  13.023  6.255   1.00 119.51 ? 6   DG D "O4'" 1 
ATOM   635 C  "C3'" . DG D 4 6  ? -0.472  13.075  8.197   1.00 109.86 ? 6   DG D "C3'" 1 
ATOM   636 O  "O3'" . DG D 4 6  ? -0.503  11.864  8.985   1.00 93.85  ? 6   DG D "O3'" 1 
ATOM   637 C  "C2'" . DG D 4 6  ? 0.389   13.138  6.938   1.00 99.48  ? 6   DG D "C2'" 1 
ATOM   638 C  "C1'" . DG D 4 6  ? -0.559  12.586  5.882   1.00 97.97  ? 6   DG D "C1'" 1 
ATOM   639 N  N9    . DG D 4 6  ? -0.349  12.978  4.495   1.00 78.46  ? 6   DG D N9    1 
ATOM   640 C  C8    . DG D 4 6  ? 0.087   14.185  4.003   1.00 82.00  ? 6   DG D C8    1 
ATOM   641 N  N7    . DG D 4 6  ? 0.133   14.218  2.698   1.00 67.40  ? 6   DG D N7    1 
ATOM   642 C  C5    . DG D 4 6  ? -0.336  12.975  2.305   1.00 55.78  ? 6   DG D C5    1 
ATOM   643 C  C6    . DG D 4 6  ? -0.506  12.424  1.011   1.00 62.67  ? 6   DG D C6    1 
ATOM   644 O  O6    . DG D 4 6  ? -0.298  12.952  -0.085  1.00 70.29  ? 6   DG D O6    1 
ATOM   645 N  N1    . DG D 4 6  ? -0.980  11.119  1.067   1.00 59.68  ? 6   DG D N1    1 
ATOM   646 C  C2    . DG D 4 6  ? -1.278  10.440  2.221   1.00 71.05  ? 6   DG D C2    1 
ATOM   647 N  N2    . DG D 4 6  ? -1.729  9.187   2.069   1.00 70.05  ? 6   DG D N2    1 
ATOM   648 N  N3    . DG D 4 6  ? -1.141  10.948  3.436   1.00 69.41  ? 6   DG D N3    1 
ATOM   649 C  C4    . DG D 4 6  ? -0.653  12.203  3.403   1.00 64.77  ? 6   DG D C4    1 
ATOM   650 P  P     . DT D 4 7  ? 0.845   11.054  9.240   1.00 107.23 ? 7   DT D P     1 
ATOM   651 O  OP1   . DT D 4 7  ? 0.672   10.080  10.399  1.00 71.74  ? 7   DT D OP1   1 
ATOM   652 O  OP2   . DT D 4 7  ? 1.959   12.049  9.228   1.00 85.17  ? 7   DT D OP2   1 
ATOM   653 O  "O5'" . DT D 4 7  ? 0.873   10.149  7.940   1.00 91.63  ? 7   DT D "O5'" 1 
ATOM   654 C  "C5'" . DT D 4 7  ? -0.256  9.315   7.701   1.00 90.48  ? 7   DT D "C5'" 1 
ATOM   655 C  "C4'" . DT D 4 7  ? 0.188   8.091   6.946   1.00 93.02  ? 7   DT D "C4'" 1 
ATOM   656 O  "O4'" . DT D 4 7  ? 0.466   8.431   5.571   1.00 86.93  ? 7   DT D "O4'" 1 
ATOM   657 C  "C3'" . DT D 4 7  ? 1.459   7.454   7.492   1.00 78.00  ? 7   DT D "C3'" 1 
ATOM   658 O  "O3'" . DT D 4 7  ? 1.079   6.090   7.603   1.00 74.10  ? 7   DT D "O3'" 1 
ATOM   659 C  "C2'" . DT D 4 7  ? 2.534   7.918   6.518   1.00 73.65  ? 7   DT D "C2'" 1 
ATOM   660 C  "C1'" . DT D 4 7  ? 1.778   8.037   5.212   1.00 80.22  ? 7   DT D "C1'" 1 
ATOM   661 N  N1    . DT D 4 7  ? 2.219   8.979   4.162   1.00 72.61  ? 7   DT D N1    1 
ATOM   662 C  C2    . DT D 4 7  ? 2.094   8.570   2.849   1.00 78.91  ? 7   DT D C2    1 
ATOM   663 O  O2    . DT D 4 7  ? 1.813   7.425   2.526   1.00 91.46  ? 7   DT D O2    1 
ATOM   664 N  N3    . DT D 4 7  ? 2.351   9.541   1.921   1.00 70.56  ? 7   DT D N3    1 
ATOM   665 C  C4    . DT D 4 7  ? 2.687   10.852  2.163   1.00 70.32  ? 7   DT D C4    1 
ATOM   666 O  O4    . DT D 4 7  ? 2.884   11.616  1.222   1.00 69.99  ? 7   DT D O4    1 
ATOM   667 C  C5    . DT D 4 7  ? 2.791   11.216  3.553   1.00 74.62  ? 7   DT D C5    1 
ATOM   668 C  C7    . DT D 4 7  ? 3.147   12.627  3.902   1.00 90.03  ? 7   DT D C7    1 
ATOM   669 C  C6    . DT D 4 7  ? 2.538   10.278  4.474   1.00 60.42  ? 7   DT D C6    1 
ATOM   670 P  P     . DG D 4 8  ? 2.151   4.968   7.916   1.00 97.95  ? 8   DG D P     1 
ATOM   671 O  OP1   . DG D 4 8  ? 1.495   3.964   8.824   1.00 78.58  ? 8   DG D OP1   1 
ATOM   672 O  OP2   . DG D 4 8  ? 3.452   5.622   8.332   1.00 84.68  ? 8   DG D OP2   1 
ATOM   673 O  "O5'" . DG D 4 8  ? 2.185   4.195   6.524   1.00 70.54  ? 8   DG D "O5'" 1 
ATOM   674 C  "C5'" . DG D 4 8  ? 0.977   3.493   6.146   1.00 64.66  ? 8   DG D "C5'" 1 
ATOM   675 C  "C4'" . DG D 4 8  ? 1.177   2.717   4.873   1.00 53.25  ? 8   DG D "C4'" 1 
ATOM   676 O  "O4'" . DG D 4 8  ? 1.846   3.528   3.882   1.00 65.58  ? 8   DG D "O4'" 1 
ATOM   677 C  "C3'" . DG D 4 8  ? 2.047   1.502   5.026   1.00 54.14  ? 8   DG D "C3'" 1 
ATOM   678 O  "O3'" . DG D 4 8  ? 1.620   0.645   4.021   1.00 58.04  ? 8   DG D "O3'" 1 
ATOM   679 C  "C2'" . DG D 4 8  ? 3.435   1.999   4.670   1.00 59.60  ? 8   DG D "C2'" 1 
ATOM   680 C  "C1'" . DG D 4 8  ? 3.197   3.135   3.692   1.00 64.61  ? 8   DG D "C1'" 1 
ATOM   681 N  N9    . DG D 4 8  ? 4.013   4.340   3.870   1.00 62.23  ? 8   DG D N9    1 
ATOM   682 C  C8    . DG D 4 8  ? 4.437   4.883   5.057   1.00 62.76  ? 8   DG D C8    1 
ATOM   683 N  N7    . DG D 4 8  ? 5.092   5.999   4.904   1.00 64.09  ? 8   DG D N7    1 
ATOM   684 C  C5    . DG D 4 8  ? 5.054   6.233   3.541   1.00 53.86  ? 8   DG D C5    1 
ATOM   685 C  C6    . DG D 4 8  ? 5.554   7.307   2.799   1.00 60.04  ? 8   DG D C6    1 
ATOM   686 O  O6    . DG D 4 8  ? 6.198   8.275   3.197   1.00 85.99  ? 8   DG D O6    1 
ATOM   687 N  N1    . DG D 4 8  ? 5.324   7.142   1.444   1.00 68.20  ? 8   DG D N1    1 
ATOM   688 C  C2    . DG D 4 8  ? 4.632   6.103   0.888   1.00 70.01  ? 8   DG D C2    1 
ATOM   689 N  N2    . DG D 4 8  ? 4.472   6.149   -0.433  1.00 79.02  ? 8   DG D N2    1 
ATOM   690 N  N3    . DG D 4 8  ? 4.144   5.090   1.576   1.00 60.27  ? 8   DG D N3    1 
ATOM   691 C  C4    . DG D 4 8  ? 4.396   5.216   2.888   1.00 54.56  ? 8   DG D C4    1 
ATOM   692 P  P     . DG D 4 9  ? 2.294   -0.694  3.985   1.00 68.29  ? 9   DG D P     1 
ATOM   693 O  OP1   . DG D 4 9  ? 1.458   -1.627  3.185   1.00 75.22  ? 9   DG D OP1   1 
ATOM   694 O  OP2   . DG D 4 9  ? 2.588   -1.043  5.367   1.00 57.26  ? 9   DG D OP2   1 
ATOM   695 O  "O5'" . DG D 4 9  ? 3.646   -0.325  3.247   1.00 60.39  ? 9   DG D "O5'" 1 
ATOM   696 C  "C5'" . DG D 4 9  ? 3.977   -0.978  2.007   1.00 64.73  ? 9   DG D "C5'" 1 
ATOM   697 C  "C4'" . DG D 4 9  ? 5.136   -0.271  1.349   1.00 59.33  ? 9   DG D "C4'" 1 
ATOM   698 O  "O4'" . DG D 4 9  ? 5.360   1.002   2.026   1.00 60.64  ? 9   DG D "O4'" 1 
ATOM   699 C  "C3'" . DG D 4 9  ? 6.454   -1.033  1.473   1.00 55.14  ? 9   DG D "C3'" 1 
ATOM   700 O  "O3'" . DG D 4 9  ? 6.920   -1.538  0.211   1.00 60.54  ? 9   DG D "O3'" 1 
ATOM   701 C  "C2'" . DG D 4 9  ? 7.371   -0.033  2.149   1.00 56.22  ? 9   DG D "C2'" 1 
ATOM   702 C  "C1'" . DG D 4 9  ? 6.717   1.282   1.838   1.00 45.59  ? 9   DG D "C1'" 1 
ATOM   703 N  N9    . DG D 4 9  ? 7.107   2.399   2.695   1.00 48.71  ? 9   DG D N9    1 
ATOM   704 C  C8    . DG D 4 9  ? 7.167   2.454   4.073   1.00 49.70  ? 9   DG D C8    1 
ATOM   705 N  N7    . DG D 4 9  ? 7.562   3.619   4.522   1.00 40.68  ? 9   DG D N7    1 
ATOM   706 C  C5    . DG D 4 9  ? 7.871   4.338   3.375   1.00 46.56  ? 9   DG D C5    1 
ATOM   707 C  C6    . DG D 4 9  ? 8.366   5.653   3.223   1.00 53.23  ? 9   DG D C6    1 
ATOM   708 O  O6    . DG D 4 9  ? 8.678   6.462   4.097   1.00 62.90  ? 9   DG D O6    1 
ATOM   709 N  N1    . DG D 4 9  ? 8.427   6.025   1.888   1.00 56.07  ? 9   DG D N1    1 
ATOM   710 C  C2    . DG D 4 9  ? 8.045   5.240   0.836   1.00 59.51  ? 9   DG D C2    1 
ATOM   711 N  N2    . DG D 4 9  ? 8.228   5.760   -0.377  1.00 71.12  ? 9   DG D N2    1 
ATOM   712 N  N3    . DG D 4 9  ? 7.616   3.997   0.957   1.00 49.84  ? 9   DG D N3    1 
ATOM   713 C  C4    . DG D 4 9  ? 7.571   3.607   2.241   1.00 45.32  ? 9   DG D C4    1 
ATOM   714 P  P     . DT D 4 10 ? 6.123   -2.726  -0.403  1.00 65.85  ? 10  DT D P     1 
ATOM   715 O  OP1   . DT D 4 10 ? 5.613   -2.304  -1.695  1.00 109.65 ? 10  DT D OP1   1 
ATOM   716 O  OP2   . DT D 4 10 ? 5.249   -3.260  0.639   1.00 68.37  ? 10  DT D OP2   1 
ATOM   717 O  "O5'" . DT D 4 10 ? 7.114   -3.942  -0.647  1.00 73.66  ? 10  DT D "O5'" 1 
ATOM   718 C  "C5'" . DT D 4 10 ? 8.112   -4.321  0.294   1.00 74.78  ? 10  DT D "C5'" 1 
ATOM   719 C  "C4'" . DT D 4 10 ? 8.120   -5.803  0.574   1.00 63.24  ? 10  DT D "C4'" 1 
ATOM   720 O  "O4'" . DT D 4 10 ? 7.688   -6.041  1.915   1.00 65.35  ? 10  DT D "O4'" 1 
ATOM   721 C  "C3'" . DT D 4 10 ? 7.204   -6.676  -0.233  1.00 63.96  ? 10  DT D "C3'" 1 
ATOM   722 O  "O3'" . DT D 4 10 ? 7.834   -6.945  -1.475  1.00 72.75  ? 10  DT D "O3'" 1 
ATOM   723 C  "C2'" . DT D 4 10 ? 7.147   -7.919  0.628   1.00 59.76  ? 10  DT D "C2'" 1 
ATOM   724 C  "C1'" . DT D 4 10 ? 7.206   -7.359  2.022   1.00 54.77  ? 10  DT D "C1'" 1 
ATOM   725 N  N1    . DT D 4 10 ? 5.919   -7.282  2.680   1.00 49.93  ? 10  DT D N1    1 
ATOM   726 C  C2    . DT D 4 10 ? 5.410   -8.444  3.177   1.00 57.84  ? 10  DT D C2    1 
ATOM   727 O  O2    . DT D 4 10 ? 5.979   -9.519  3.055   1.00 66.97  ? 10  DT D O2    1 
ATOM   728 N  N3    . DT D 4 10 ? 4.196   -8.311  3.810   1.00 58.36  ? 10  DT D N3    1 
ATOM   729 C  C4    . DT D 4 10 ? 3.464   -7.147  3.968   1.00 59.16  ? 10  DT D C4    1 
ATOM   730 O  O4    . DT D 4 10 ? 2.380   -7.168  4.553   1.00 59.02  ? 10  DT D O4    1 
ATOM   731 C  C5    . DT D 4 10 ? 4.066   -5.972  3.421   1.00 48.06  ? 10  DT D C5    1 
ATOM   732 C  C7    . DT D 4 10 ? 3.323   -4.678  3.505   1.00 61.21  ? 10  DT D C7    1 
ATOM   733 C  C6    . DT D 4 10 ? 5.247   -6.094  2.811   1.00 46.20  ? 10  DT D C6    1 
ATOM   734 P  P     . DG D 4 11 ? 6.934   -7.358  -2.749  1.00 77.68  ? 11  DG D P     1 
ATOM   735 O  OP1   . DG D 4 11 ? 7.885   -7.445  -3.887  1.00 70.94  ? 11  DG D OP1   1 
ATOM   736 O  OP2   . DG D 4 11 ? 5.716   -6.464  -2.806  1.00 60.72  ? 11  DG D OP2   1 
ATOM   737 O  "O5'" . DG D 4 11 ? 6.309   -8.762  -2.324  1.00 66.34  ? 11  DG D "O5'" 1 
ATOM   738 C  "C5'" . DG D 4 11 ? 7.150   -9.927  -2.243  1.00 77.05  ? 11  DG D "C5'" 1 
ATOM   739 C  "C4'" . DG D 4 11 ? 6.349   -11.023 -1.585  1.00 90.49  ? 11  DG D "C4'" 1 
ATOM   740 O  "O4'" . DG D 4 11 ? 5.653   -10.461 -0.454  1.00 82.92  ? 11  DG D "O4'" 1 
ATOM   741 C  "C3'" . DG D 4 11 ? 5.235   -11.575 -2.468  1.00 99.33  ? 11  DG D "C3'" 1 
ATOM   742 O  "O3'" . DG D 4 11 ? 5.629   -12.686 -3.288  1.00 105.06 ? 11  DG D "O3'" 1 
ATOM   743 C  "C2'" . DG D 4 11 ? 4.155   -11.954 -1.468  1.00 91.08  ? 11  DG D "C2'" 1 
ATOM   744 C  "C1'" . DG D 4 11 ? 4.581   -11.311 -0.150  1.00 75.46  ? 11  DG D "C1'" 1 
ATOM   745 N  N9    . DG D 4 11 ? 3.527   -10.510 0.455   1.00 70.49  ? 11  DG D N9    1 
ATOM   746 C  C8    . DG D 4 11 ? 3.291   -9.162  0.316   1.00 76.27  ? 11  DG D C8    1 
ATOM   747 N  N7    . DG D 4 11 ? 2.236   -8.755  0.976   1.00 58.87  ? 11  DG D N7    1 
ATOM   748 C  C5    . DG D 4 11 ? 1.721   -9.913  1.540   1.00 57.91  ? 11  DG D C5    1 
ATOM   749 C  C6    . DG D 4 11 ? 0.607   -10.093 2.391   1.00 65.01  ? 11  DG D C6    1 
ATOM   750 O  O6    . DG D 4 11 ? -0.204  -9.245  2.778   1.00 63.05  ? 11  DG D O6    1 
ATOM   751 N  N1    . DG D 4 11 ? 0.450   -11.429 2.757   1.00 59.25  ? 11  DG D N1    1 
ATOM   752 C  C2    . DG D 4 11 ? 1.297   -12.449 2.396   1.00 74.00  ? 11  DG D C2    1 
ATOM   753 N  N2    . DG D 4 11 ? 1.004   -13.667 2.875   1.00 81.74  ? 11  DG D N2    1 
ATOM   754 N  N3    . DG D 4 11 ? 2.361   -12.286 1.621   1.00 69.17  ? 11  DG D N3    1 
ATOM   755 C  C4    . DG D 4 11 ? 2.503   -11.004 1.224   1.00 64.55  ? 11  DG D C4    1 
ATOM   756 P  P     . DT D 4 12 ? 4.635   -13.240 -4.440  1.00 121.94 ? 12  DT D P     1 
ATOM   757 O  OP1   . DT D 4 12 ? 5.481   -13.884 -5.462  1.00 101.80 ? 12  DT D OP1   1 
ATOM   758 O  OP2   . DT D 4 12 ? 3.599   -12.213 -4.789  1.00 99.13  ? 12  DT D OP2   1 
ATOM   759 O  "O5'" . DT D 4 12 ? 3.728   -14.301 -3.690  1.00 99.97  ? 12  DT D "O5'" 1 
ATOM   760 C  "C5'" . DT D 4 12 ? 4.302   -15.529 -3.267  1.00 104.08 ? 12  DT D "C5'" 1 
ATOM   761 C  "C4'" . DT D 4 12 ? 3.262   -16.218 -2.425  1.00 111.12 ? 12  DT D "C4'" 1 
ATOM   762 O  "O4'" . DT D 4 12 ? 2.651   -15.210 -1.596  1.00 107.66 ? 12  DT D "O4'" 1 
ATOM   763 C  "C3'" . DT D 4 12 ? 2.123   -16.839 -3.237  1.00 126.86 ? 12  DT D "C3'" 1 
ATOM   764 O  "O3'" . DT D 4 12 ? 2.030   -18.242 -2.972  1.00 128.82 ? 12  DT D "O3'" 1 
ATOM   765 C  "C2'" . DT D 4 12 ? 0.884   -16.066 -2.807  1.00 116.18 ? 12  DT D "C2'" 1 
ATOM   766 C  "C1'" . DT D 4 12 ? 1.281   -15.498 -1.470  1.00 95.93  ? 12  DT D "C1'" 1 
ATOM   767 N  N1    . DT D 4 12 ? 0.597   -14.248 -1.183  1.00 80.92  ? 12  DT D N1    1 
ATOM   768 C  C2    . DT D 4 12 ? -0.439  -14.226 -0.270  1.00 82.16  ? 12  DT D C2    1 
ATOM   769 O  O2    . DT D 4 12 ? -0.798  -15.207 0.359   1.00 105.04 ? 12  DT D O2    1 
ATOM   770 N  N3    . DT D 4 12 ? -1.038  -13.000 -0.114  1.00 70.63  ? 12  DT D N3    1 
ATOM   771 C  C4    . DT D 4 12 ? -0.686  -11.818 -0.746  1.00 78.76  ? 12  DT D C4    1 
ATOM   772 O  O4    . DT D 4 12 ? -1.302  -10.785 -0.508  1.00 74.04  ? 12  DT D O4    1 
ATOM   773 C  C5    . DT D 4 12 ? 0.397   -11.919 -1.693  1.00 78.56  ? 12  DT D C5    1 
ATOM   774 C  C7    . DT D 4 12 ? 0.822   -10.693 -2.431  1.00 82.57  ? 12  DT D C7    1 
ATOM   775 C  C6    . DT D 4 12 ? 0.969   -13.115 -1.875  1.00 80.32  ? 12  DT D C6    1 
ATOM   776 P  P     . DC D 4 13 ? 1.012   -19.130 -3.798  1.00 127.09 ? 13  DC D P     1 
ATOM   777 O  OP1   . DC D 4 13 ? 1.329   -20.540 -3.487  1.00 134.44 ? 13  DC D OP1   1 
ATOM   778 O  OP2   . DC D 4 13 ? 1.013   -18.643 -5.211  1.00 114.77 ? 13  DC D OP2   1 
ATOM   779 O  "O5'" . DC D 4 13 ? -0.378  -18.825 -3.094  1.00 93.15  ? 13  DC D "O5'" 1 
ATOM   780 C  "C5'" . DC D 4 13 ? -0.535  -19.313 -1.768  1.00 110.16 ? 13  DC D "C5'" 1 
ATOM   781 C  "C4'" . DC D 4 13 ? -1.978  -19.160 -1.380  1.00 119.46 ? 13  DC D "C4'" 1 
ATOM   782 O  "O4'" . DC D 4 13 ? -2.250  -17.754 -1.206  1.00 113.10 ? 13  DC D "O4'" 1 
ATOM   783 C  "C3'" . DC D 4 13 ? -2.946  -19.651 -2.455  1.00 137.81 ? 13  DC D "C3'" 1 
ATOM   784 O  "O3'" . DC D 4 13 ? -3.851  -20.561 -1.817  1.00 160.14 ? 13  DC D "O3'" 1 
ATOM   785 C  "C2'" . DC D 4 13 ? -3.548  -18.365 -3.003  1.00 133.71 ? 13  DC D "C2'" 1 
ATOM   786 C  "C1'" . DC D 4 13 ? -3.493  -17.462 -1.784  1.00 106.86 ? 13  DC D "C1'" 1 
ATOM   787 N  N1    . DC D 4 13 ? -3.533  -16.013 -2.055  1.00 94.76  ? 13  DC D N1    1 
ATOM   788 C  C2    . DC D 4 13 ? -4.538  -15.216 -1.465  1.00 96.66  ? 13  DC D C2    1 
ATOM   789 O  O2    . DC D 4 13 ? -5.362  -15.746 -0.704  1.00 108.56 ? 13  DC D O2    1 
ATOM   790 N  N3    . DC D 4 13 ? -4.569  -13.887 -1.724  1.00 79.22  ? 13  DC D N3    1 
ATOM   791 C  C4    . DC D 4 13 ? -3.657  -13.349 -2.538  1.00 91.68  ? 13  DC D C4    1 
ATOM   792 N  N4    . DC D 4 13 ? -3.726  -12.035 -2.772  1.00 90.42  ? 13  DC D N4    1 
ATOM   793 C  C5    . DC D 4 13 ? -2.632  -14.135 -3.160  1.00 87.69  ? 13  DC D C5    1 
ATOM   794 C  C6    . DC D 4 13 ? -2.601  -15.446 -2.881  1.00 92.24  ? 13  DC D C6    1 
ATOM   795 P  P     . DT D 4 14 ? -4.995  -21.289 -2.653  1.00 159.50 ? 14  DT D P     1 
ATOM   796 O  OP1   . DT D 4 14 ? -5.336  -22.554 -1.948  1.00 163.13 ? 14  DT D OP1   1 
ATOM   797 O  OP2   . DT D 4 14 ? -4.557  -21.333 -4.076  1.00 149.95 ? 14  DT D OP2   1 
ATOM   798 O  "O5'" . DT D 4 14 ? -6.226  -20.293 -2.479  1.00 126.99 ? 14  DT D "O5'" 1 
ATOM   799 C  "C5'" . DT D 4 14 ? -6.670  -19.922 -1.162  1.00 120.51 ? 14  DT D "C5'" 1 
ATOM   800 C  "C4'" . DT D 4 14 ? -7.846  -18.984 -1.274  1.00 135.72 ? 14  DT D "C4'" 1 
ATOM   801 O  "O4'" . DT D 4 14 ? -7.390  -17.655 -1.635  1.00 140.64 ? 14  DT D "O4'" 1 
ATOM   802 C  "C3'" . DT D 4 14 ? -8.865  -19.383 -2.348  1.00 147.72 ? 14  DT D "C3'" 1 
ATOM   803 O  "O3'" . DT D 4 14 ? -10.200 -19.311 -1.837  1.00 171.00 ? 14  DT D "O3'" 1 
ATOM   804 C  "C2'" . DT D 4 14 ? -8.684  -18.322 -3.413  1.00 141.35 ? 14  DT D "C2'" 1 
ATOM   805 C  "C1'" . DT D 4 14 ? -8.339  -17.135 -2.533  1.00 125.84 ? 14  DT D "C1'" 1 
ATOM   806 N  N1    . DT D 4 14 ? -7.755  -15.967 -3.239  1.00 110.81 ? 14  DT D N1    1 
ATOM   807 C  C2    . DT D 4 14 ? -8.373  -14.737 -3.093  1.00 110.94 ? 14  DT D C2    1 
ATOM   808 O  O2    . DT D 4 14 ? -9.319  -14.545 -2.344  1.00 103.69 ? 14  DT D O2    1 
ATOM   809 N  N3    . DT D 4 14 ? -7.825  -13.727 -3.851  1.00 105.64 ? 14  DT D N3    1 
ATOM   810 C  C4    . DT D 4 14 ? -6.757  -13.823 -4.727  1.00 107.02 ? 14  DT D C4    1 
ATOM   811 O  O4    . DT D 4 14 ? -6.369  -12.824 -5.332  1.00 99.32  ? 14  DT D O4    1 
ATOM   812 C  C5    . DT D 4 14 ? -6.168  -15.146 -4.843  1.00 99.59  ? 14  DT D C5    1 
ATOM   813 C  C7    . DT D 4 14 ? -4.985  -15.343 -5.741  1.00 88.47  ? 14  DT D C7    1 
ATOM   814 C  C6    . DT D 4 14 ? -6.699  -16.139 -4.112  1.00 104.18 ? 14  DT D C6    1 
ATOM   815 P  P     . DG D 4 15 ? -11.317 -20.342 -2.339  1.00 172.76 ? 15  DG D P     1 
ATOM   816 O  OP1   . DG D 4 15 ? -11.704 -21.205 -1.189  1.00 167.84 ? 15  DG D OP1   1 
ATOM   817 O  OP2   . DG D 4 15 ? -10.851 -20.954 -3.615  1.00 169.94 ? 15  DG D OP2   1 
ATOM   818 O  "O5'" . DG D 4 15 ? -12.554 -19.397 -2.665  1.00 146.73 ? 15  DG D "O5'" 1 
ATOM   819 C  "C5'" . DG D 4 15 ? -13.412 -18.915 -1.625  1.00 133.06 ? 15  DG D "C5'" 1 
ATOM   820 C  "C4'" . DG D 4 15 ? -13.761 -17.483 -1.936  1.00 152.58 ? 15  DG D "C4'" 1 
ATOM   821 O  "O4'" . DG D 4 15 ? -12.553 -16.732 -2.183  1.00 152.10 ? 15  DG D "O4'" 1 
ATOM   822 C  "C3'" . DG D 4 15 ? -14.560 -17.273 -3.215  1.00 176.08 ? 15  DG D "C3'" 1 
ATOM   823 O  "O3'" . DG D 4 15 ? -15.910 -17.781 -3.218  1.00 192.45 ? 15  DG D "O3'" 1 
ATOM   824 C  "C2'" . DG D 4 15 ? -14.326 -15.794 -3.458  1.00 168.93 ? 15  DG D "C2'" 1 
ATOM   825 C  "C1'" . DG D 4 15 ? -12.875 -15.618 -3.024  1.00 161.54 ? 15  DG D "C1'" 1 
ATOM   826 N  N9    . DG D 4 15 ? -11.935 -15.602 -4.139  1.00 152.64 ? 15  DG D N9    1 
ATOM   827 C  C8    . DG D 4 15 ? -11.463 -16.685 -4.840  1.00 138.77 ? 15  DG D C8    1 
ATOM   828 N  N7    . DG D 4 15 ? -10.629 -16.356 -5.790  1.00 138.25 ? 15  DG D N7    1 
ATOM   829 C  C5    . DG D 4 15 ? -10.562 -14.971 -5.726  1.00 140.84 ? 15  DG D C5    1 
ATOM   830 C  C6    . DG D 4 15 ? -9.810  -14.045 -6.504  1.00 137.07 ? 15  DG D C6    1 
ATOM   831 O  O6    . DG D 4 15 ? -9.045  -14.275 -7.448  1.00 135.27 ? 15  DG D O6    1 
ATOM   832 N  N1    . DG D 4 15 ? -10.026 -12.733 -6.091  1.00 136.78 ? 15  DG D N1    1 
ATOM   833 C  C2    . DG D 4 15 ? -10.847 -12.355 -5.054  1.00 139.28 ? 15  DG D C2    1 
ATOM   834 N  N2    . DG D 4 15 ? -10.927 -11.035 -4.813  1.00 113.36 ? 15  DG D N2    1 
ATOM   835 N  N3    . DG D 4 15 ? -11.558 -13.206 -4.325  1.00 137.82 ? 15  DG D N3    1 
ATOM   836 C  C4    . DG D 4 15 ? -11.368 -14.488 -4.714  1.00 146.47 ? 15  DG D C4    1 
ATOM   837 P  P     . DC D 4 16 ? -17.106 -17.061 -2.423  1.00 188.42 ? 16  DC D P     1 
ATOM   838 O  OP1   . DC D 4 16 ? -16.663 -16.848 -1.022  1.00 201.80 ? 16  DC D OP1   1 
ATOM   839 O  OP2   . DC D 4 16 ? -18.340 -17.847 -2.669  1.00 184.19 ? 16  DC D OP2   1 
ATOM   840 O  "O5'" . DC D 4 16 ? -17.289 -15.672 -3.185  1.00 154.75 ? 16  DC D "O5'" 1 
ATOM   841 C  "C5'" . DC D 4 16 ? -17.526 -14.466 -2.439  1.00 145.42 ? 16  DC D "C5'" 1 
ATOM   842 C  "C4'" . DC D 4 16 ? -17.191 -13.254 -3.274  1.00 149.95 ? 16  DC D "C4'" 1 
ATOM   843 O  "O4'" . DC D 4 16 ? -15.921 -13.400 -3.945  1.00 149.76 ? 16  DC D "O4'" 1 
ATOM   844 C  "C3'" . DC D 4 16 ? -18.195 -12.968 -4.385  1.00 155.76 ? 16  DC D "C3'" 1 
ATOM   845 O  "O3'" . DC D 4 16 ? -19.178 -12.043 -3.912  1.00 137.49 ? 16  DC D "O3'" 1 
ATOM   846 C  "C2'" . DC D 4 16 ? -17.342 -12.410 -5.517  1.00 154.68 ? 16  DC D "C2'" 1 
ATOM   847 C  "C1'" . DC D 4 16 ? -15.915 -12.435 -4.976  1.00 155.87 ? 16  DC D "C1'" 1 
ATOM   848 N  N1    . DC D 4 16 ? -14.867 -12.800 -5.950  1.00 156.65 ? 16  DC D N1    1 
ATOM   849 C  C2    . DC D 4 16 ? -13.979 -11.811 -6.397  1.00 165.60 ? 16  DC D C2    1 
ATOM   850 O  O2    . DC D 4 16 ? -14.088 -10.660 -5.952  1.00 199.40 ? 16  DC D O2    1 
ATOM   851 N  N3    . DC D 4 16 ? -13.025 -12.136 -7.302  1.00 147.33 ? 16  DC D N3    1 
ATOM   852 C  C4    . DC D 4 16 ? -12.937 -13.388 -7.756  1.00 146.19 ? 16  DC D C4    1 
ATOM   853 N  N4    . DC D 4 16 ? -11.981 -13.665 -8.644  1.00 134.21 ? 16  DC D N4    1 
ATOM   854 C  C5    . DC D 4 16 ? -13.830 -14.413 -7.321  1.00 148.54 ? 16  DC D C5    1 
ATOM   855 C  C6    . DC D 4 16 ? -14.777 -14.075 -6.434  1.00 150.81 ? 16  DC D C6    1 
HETATM 856 MG MG    . MG E 5 .  ? 14.123  1.410   5.531   1.00 63.65  ? 101 MG C MG    1 
HETATM 857 MG MG    . MG F 5 .  ? -0.255  -5.125  1.325   1.00 74.48  ? 101 MG D MG    1 
# 
loop_
_pdbx_poly_seq_scheme.asym_id 
_pdbx_poly_seq_scheme.entity_id 
_pdbx_poly_seq_scheme.seq_id 
_pdbx_poly_seq_scheme.mon_id 
_pdbx_poly_seq_scheme.ndb_seq_num 
_pdbx_poly_seq_scheme.pdb_seq_num 
_pdbx_poly_seq_scheme.auth_seq_num 
_pdbx_poly_seq_scheme.pdb_mon_id 
_pdbx_poly_seq_scheme.auth_mon_id 
_pdbx_poly_seq_scheme.pdb_strand_id 
_pdbx_poly_seq_scheme.pdb_ins_code 
_pdbx_poly_seq_scheme.hetero 
A 1 1  DG 1  1  1  DG DG A . n 
A 1 2  DA 2  2  2  DA DA A . n 
A 1 3  DG 3  3  3  DG DG A . n 
A 1 4  DC 4  4  4  DC DC A . n 
A 1 5  DA 5  5  5  DA DA A . n 
A 1 6  DG 6  6  6  DG DG A . n 
A 1 7  DA 7  7  7  DA DA A . n 
A 1 8  DC 8  8  8  DC DC A . n 
A 1 9  DA 9  9  9  DA DA A . n 
A 1 10 DA 10 10 10 DA DA A . n 
A 1 11 DG 11 11 11 DG DG A . n 
B 2 1  DA 1  12 12 DA DA B . n 
B 2 2  DC 2  13 13 DC DC B . n 
B 2 3  DT 3  14 14 DT DT B . n 
B 2 4  DC 4  15 15 DC DC B . n 
B 2 5  DC 5  16 16 DC DC B . n 
B 2 6  DA 6  17 17 DA DA B . n 
B 2 7  DC 7  18 18 DC DC B . n 
B 2 8  DT 8  19 19 DT DT B . n 
B 2 9  DC 9  20 20 DC DC B . n 
B 2 10 DA 10 21 21 DA DA B . n 
C 3 1  DC 1  1  1  DC DC C . n 
C 3 2  DT 2  2  2  DT DT C . n 
C 3 3  DA 3  3  3  DA DA C . n 
C 3 4  DG 4  4  4  DG DG C . n 
C 3 5  DT 5  5  5  DT DT C . n 
D 4 1  DT 1  1  1  DT DT D . n 
D 4 2  DC 2  2  2  DC DC D . n 
D 4 3  DT 3  3  3  DT DT D . n 
D 4 4  DG 4  4  4  DG DG D . n 
D 4 5  DA 5  5  5  DA DA D . n 
D 4 6  DG 6  6  6  DG DG D . n 
D 4 7  DT 7  7  7  DT DT D . n 
D 4 8  DG 8  8  8  DG DG D . n 
D 4 9  DG 9  9  9  DG DG D . n 
D 4 10 DT 10 10 10 DT DT D . n 
D 4 11 DG 11 11 11 DG DG D . n 
D 4 12 DT 12 12 12 DT DT D . n 
D 4 13 DC 13 13 13 DC DC D . n 
D 4 14 DT 14 14 14 DT DT D . n 
D 4 15 DG 15 15 15 DG DG D . n 
D 4 16 DC 16 16 16 DC DC D . n 
# 
loop_
_pdbx_nonpoly_scheme.asym_id 
_pdbx_nonpoly_scheme.entity_id 
_pdbx_nonpoly_scheme.mon_id 
_pdbx_nonpoly_scheme.ndb_seq_num 
_pdbx_nonpoly_scheme.pdb_seq_num 
_pdbx_nonpoly_scheme.auth_seq_num 
_pdbx_nonpoly_scheme.pdb_mon_id 
_pdbx_nonpoly_scheme.auth_mon_id 
_pdbx_nonpoly_scheme.pdb_strand_id 
_pdbx_nonpoly_scheme.pdb_ins_code 
E 5 MG 1 101 2 MG MG C . 
F 5 MG 1 101 3 MG MG D . 
# 
_pdbx_struct_assembly.id                   1 
_pdbx_struct_assembly.details              author_defined_assembly 
_pdbx_struct_assembly.method_details       ? 
_pdbx_struct_assembly.oligomeric_details   tetrameric 
_pdbx_struct_assembly.oligomeric_count     4 
# 
_pdbx_struct_assembly_gen.assembly_id       1 
_pdbx_struct_assembly_gen.oper_expression   1 
_pdbx_struct_assembly_gen.asym_id_list      A,B,C,D,E,F 
# 
_pdbx_struct_oper_list.id                   1 
_pdbx_struct_oper_list.type                 'identity operation' 
_pdbx_struct_oper_list.name                 1_555 
_pdbx_struct_oper_list.symmetry_operation   x,y,z 
_pdbx_struct_oper_list.matrix[1][1]         1.0000000000 
_pdbx_struct_oper_list.matrix[1][2]         0.0000000000 
_pdbx_struct_oper_list.matrix[1][3]         0.0000000000 
_pdbx_struct_oper_list.vector[1]            0.0000000000 
_pdbx_struct_oper_list.matrix[2][1]         0.0000000000 
_pdbx_struct_oper_list.matrix[2][2]         1.0000000000 
_pdbx_struct_oper_list.matrix[2][3]         0.0000000000 
_pdbx_struct_oper_list.vector[2]            0.0000000000 
_pdbx_struct_oper_list.matrix[3][1]         0.0000000000 
_pdbx_struct_oper_list.matrix[3][2]         0.0000000000 
_pdbx_struct_oper_list.matrix[3][3]         1.0000000000 
_pdbx_struct_oper_list.vector[3]            0.0000000000 
# 
loop_
_pdbx_audit_revision_history.ordinal 
_pdbx_audit_revision_history.data_content_type 
_pdbx_audit_revision_history.major_revision 
_pdbx_audit_revision_history.minor_revision 
_pdbx_audit_revision_history.revision_date 
1 'Structure model' 1 0 2021-07-14 
2 'Structure model' 1 1 2022-07-06 
3 'Structure model' 1 2 2023-10-18 
# 
_pdbx_audit_revision_details.ordinal             1 
_pdbx_audit_revision_details.revision_ordinal    1 
_pdbx_audit_revision_details.data_content_type   'Structure model' 
_pdbx_audit_revision_details.provider            repository 
_pdbx_audit_revision_details.type                'Initial release' 
_pdbx_audit_revision_details.description         ? 
_pdbx_audit_revision_details.details             ? 
# 
loop_
_pdbx_audit_revision_group.ordinal 
_pdbx_audit_revision_group.revision_ordinal 
_pdbx_audit_revision_group.data_content_type 
_pdbx_audit_revision_group.group 
1 2 'Structure model' 'Database references'    
2 3 'Structure model' 'Data collection'        
3 3 'Structure model' 'Refinement description' 
# 
loop_
_pdbx_audit_revision_category.ordinal 
_pdbx_audit_revision_category.revision_ordinal 
_pdbx_audit_revision_category.data_content_type 
_pdbx_audit_revision_category.category 
1 2 'Structure model' citation                      
2 2 'Structure model' citation_author               
3 2 'Structure model' database_2                    
4 3 'Structure model' chem_comp_atom                
5 3 'Structure model' chem_comp_bond                
6 3 'Structure model' pdbx_initial_refinement_model 
# 
loop_
_pdbx_audit_revision_item.ordinal 
_pdbx_audit_revision_item.revision_ordinal 
_pdbx_audit_revision_item.data_content_type 
_pdbx_audit_revision_item.item 
1  2 'Structure model' '_citation.country'                   
2  2 'Structure model' '_citation.journal_abbrev'            
3  2 'Structure model' '_citation.journal_id_CSD'            
4  2 'Structure model' '_citation.journal_id_ISSN'           
5  2 'Structure model' '_citation.journal_volume'            
6  2 'Structure model' '_citation.page_first'                
7  2 'Structure model' '_citation.page_last'                 
8  2 'Structure model' '_citation.pdbx_database_id_DOI'      
9  2 'Structure model' '_citation.pdbx_database_id_PubMed'   
10 2 'Structure model' '_citation.title'                     
11 2 'Structure model' '_citation.year'                      
12 2 'Structure model' '_database_2.pdbx_DOI'                
13 2 'Structure model' '_database_2.pdbx_database_accession' 
# 
loop_
_software.citation_id 
_software.classification 
_software.compiler_name 
_software.compiler_version 
_software.contact_author 
_software.contact_author_email 
_software.date 
_software.description 
_software.dependencies 
_software.hardware 
_software.language 
_software.location 
_software.mods 
_software.name 
_software.os 
_software.os_version 
_software.type 
_software.version 
_software.pdbx_ordinal 
? refinement        ? ? ? ? ? ? ? ? ? ? ? PHENIX      ? ? ? 1.11.1_2575 1 
? 'data reduction'  ? ? ? ? ? ? ? ? ? ? ? HKL-2000    ? ? ? .           2 
? 'data scaling'    ? ? ? ? ? ? ? ? ? ? ? HKL-2000    ? ? ? .           3 
? 'data extraction' ? ? ? ? ? ? ? ? ? ? ? PDB_EXTRACT ? ? ? 3.25        4 
? phasing           ? ? ? ? ? ? ? ? ? ? ? PHASER      ? ? ? .           5 
# 
_pdbx_entry_details.entry_id                 6XGO 
_pdbx_entry_details.has_ligand_of_interest   N 
_pdbx_entry_details.compound_details         ? 
_pdbx_entry_details.source_details           ? 
_pdbx_entry_details.nonpolymer_details       ? 
_pdbx_entry_details.sequence_details         ? 
# 
loop_
_pdbx_validate_symm_contact.id 
_pdbx_validate_symm_contact.PDB_model_num 
_pdbx_validate_symm_contact.auth_atom_id_1 
_pdbx_validate_symm_contact.auth_asym_id_1 
_pdbx_validate_symm_contact.auth_comp_id_1 
_pdbx_validate_symm_contact.auth_seq_id_1 
_pdbx_validate_symm_contact.PDB_ins_code_1 
_pdbx_validate_symm_contact.label_alt_id_1 
_pdbx_validate_symm_contact.site_symmetry_1 
_pdbx_validate_symm_contact.auth_atom_id_2 
_pdbx_validate_symm_contact.auth_asym_id_2 
_pdbx_validate_symm_contact.auth_comp_id_2 
_pdbx_validate_symm_contact.auth_seq_id_2 
_pdbx_validate_symm_contact.PDB_ins_code_2 
_pdbx_validate_symm_contact.label_alt_id_2 
_pdbx_validate_symm_contact.site_symmetry_2 
_pdbx_validate_symm_contact.dist 
1 1 OP1   C DC 1  ? ? 1_555 "O3'" C DT 5  ? ? 3_555 1.71 
2 1 P     C DC 1  ? ? 1_555 "O3'" C DT 5  ? ? 3_555 1.91 
3 1 "O3'" A DG 11 ? ? 1_555 "O5'" B DA 12 ? ? 3_555 1.99 
4 1 "O3'" A DG 11 ? ? 1_555 OP1   B DA 12 ? ? 3_555 2.10 
5 1 OP2   C DC 1  ? ? 1_555 "O3'" C DT 5  ? ? 3_555 2.15 
# 
_pdbx_validate_rmsd_bond.id                        1 
_pdbx_validate_rmsd_bond.PDB_model_num             1 
_pdbx_validate_rmsd_bond.auth_atom_id_1            "O3'" 
_pdbx_validate_rmsd_bond.auth_asym_id_1            D 
_pdbx_validate_rmsd_bond.auth_comp_id_1            DG 
_pdbx_validate_rmsd_bond.auth_seq_id_1             8 
_pdbx_validate_rmsd_bond.PDB_ins_code_1            ? 
_pdbx_validate_rmsd_bond.label_alt_id_1            ? 
_pdbx_validate_rmsd_bond.auth_atom_id_2            P 
_pdbx_validate_rmsd_bond.auth_asym_id_2            D 
_pdbx_validate_rmsd_bond.auth_comp_id_2            DG 
_pdbx_validate_rmsd_bond.auth_seq_id_2             9 
_pdbx_validate_rmsd_bond.PDB_ins_code_2            ? 
_pdbx_validate_rmsd_bond.label_alt_id_2            ? 
_pdbx_validate_rmsd_bond.bond_value                1.500 
_pdbx_validate_rmsd_bond.bond_target_value         1.607 
_pdbx_validate_rmsd_bond.bond_deviation            -0.107 
_pdbx_validate_rmsd_bond.bond_standard_deviation   0.012 
_pdbx_validate_rmsd_bond.linker_flag               Y 
# 
loop_
_pdbx_validate_rmsd_angle.id 
_pdbx_validate_rmsd_angle.PDB_model_num 
_pdbx_validate_rmsd_angle.auth_atom_id_1 
_pdbx_validate_rmsd_angle.auth_asym_id_1 
_pdbx_validate_rmsd_angle.auth_comp_id_1 
_pdbx_validate_rmsd_angle.auth_seq_id_1 
_pdbx_validate_rmsd_angle.PDB_ins_code_1 
_pdbx_validate_rmsd_angle.label_alt_id_1 
_pdbx_validate_rmsd_angle.auth_atom_id_2 
_pdbx_validate_rmsd_angle.auth_asym_id_2 
_pdbx_validate_rmsd_angle.auth_comp_id_2 
_pdbx_validate_rmsd_angle.auth_seq_id_2 
_pdbx_validate_rmsd_angle.PDB_ins_code_2 
_pdbx_validate_rmsd_angle.label_alt_id_2 
_pdbx_validate_rmsd_angle.auth_atom_id_3 
_pdbx_validate_rmsd_angle.auth_asym_id_3 
_pdbx_validate_rmsd_angle.auth_comp_id_3 
_pdbx_validate_rmsd_angle.auth_seq_id_3 
_pdbx_validate_rmsd_angle.PDB_ins_code_3 
_pdbx_validate_rmsd_angle.label_alt_id_3 
_pdbx_validate_rmsd_angle.angle_value 
_pdbx_validate_rmsd_angle.angle_target_value 
_pdbx_validate_rmsd_angle.angle_deviation 
_pdbx_validate_rmsd_angle.angle_standard_deviation 
_pdbx_validate_rmsd_angle.linker_flag 
1 1 "C3'" B DC 16 ? ? "C2'" B DC 16 ? ? "C1'" B DC 16 ? ? 97.25  102.40 -5.15 0.80 N 
2 1 "O5'" B DA 17 ? ? P     B DA 17 ? ? OP2   B DA 17 ? ? 118.30 110.70 7.60  1.20 N 
3 1 "O5'" B DC 18 ? ? "C5'" B DC 18 ? ? "C4'" B DC 18 ? ? 104.46 109.40 -4.94 0.80 N 
4 1 "C1'" B DC 18 ? ? "O4'" B DC 18 ? ? "C4'" B DC 18 ? ? 101.86 110.10 -8.24 1.00 N 
5 1 "O5'" D DT 12 ? ? P     D DT 12 ? ? OP2   D DT 12 ? ? 99.98  105.70 -5.72 0.90 N 
# 
loop_
_chem_comp_atom.comp_id 
_chem_comp_atom.atom_id 
_chem_comp_atom.type_symbol 
_chem_comp_atom.pdbx_aromatic_flag 
_chem_comp_atom.pdbx_stereo_config 
_chem_comp_atom.pdbx_ordinal 
DA OP3    O  N N 1   
DA P      P  N N 2   
DA OP1    O  N N 3   
DA OP2    O  N N 4   
DA "O5'"  O  N N 5   
DA "C5'"  C  N N 6   
DA "C4'"  C  N R 7   
DA "O4'"  O  N N 8   
DA "C3'"  C  N S 9   
DA "O3'"  O  N N 10  
DA "C2'"  C  N N 11  
DA "C1'"  C  N R 12  
DA N9     N  Y N 13  
DA C8     C  Y N 14  
DA N7     N  Y N 15  
DA C5     C  Y N 16  
DA C6     C  Y N 17  
DA N6     N  N N 18  
DA N1     N  Y N 19  
DA C2     C  Y N 20  
DA N3     N  Y N 21  
DA C4     C  Y N 22  
DA HOP3   H  N N 23  
DA HOP2   H  N N 24  
DA "H5'"  H  N N 25  
DA "H5''" H  N N 26  
DA "H4'"  H  N N 27  
DA "H3'"  H  N N 28  
DA "HO3'" H  N N 29  
DA "H2'"  H  N N 30  
DA "H2''" H  N N 31  
DA "H1'"  H  N N 32  
DA H8     H  N N 33  
DA H61    H  N N 34  
DA H62    H  N N 35  
DA H2     H  N N 36  
DC OP3    O  N N 37  
DC P      P  N N 38  
DC OP1    O  N N 39  
DC OP2    O  N N 40  
DC "O5'"  O  N N 41  
DC "C5'"  C  N N 42  
DC "C4'"  C  N R 43  
DC "O4'"  O  N N 44  
DC "C3'"  C  N S 45  
DC "O3'"  O  N N 46  
DC "C2'"  C  N N 47  
DC "C1'"  C  N R 48  
DC N1     N  N N 49  
DC C2     C  N N 50  
DC O2     O  N N 51  
DC N3     N  N N 52  
DC C4     C  N N 53  
DC N4     N  N N 54  
DC C5     C  N N 55  
DC C6     C  N N 56  
DC HOP3   H  N N 57  
DC HOP2   H  N N 58  
DC "H5'"  H  N N 59  
DC "H5''" H  N N 60  
DC "H4'"  H  N N 61  
DC "H3'"  H  N N 62  
DC "HO3'" H  N N 63  
DC "H2'"  H  N N 64  
DC "H2''" H  N N 65  
DC "H1'"  H  N N 66  
DC H41    H  N N 67  
DC H42    H  N N 68  
DC H5     H  N N 69  
DC H6     H  N N 70  
DG OP3    O  N N 71  
DG P      P  N N 72  
DG OP1    O  N N 73  
DG OP2    O  N N 74  
DG "O5'"  O  N N 75  
DG "C5'"  C  N N 76  
DG "C4'"  C  N R 77  
DG "O4'"  O  N N 78  
DG "C3'"  C  N S 79  
DG "O3'"  O  N N 80  
DG "C2'"  C  N N 81  
DG "C1'"  C  N R 82  
DG N9     N  Y N 83  
DG C8     C  Y N 84  
DG N7     N  Y N 85  
DG C5     C  Y N 86  
DG C6     C  N N 87  
DG O6     O  N N 88  
DG N1     N  N N 89  
DG C2     C  N N 90  
DG N2     N  N N 91  
DG N3     N  N N 92  
DG C4     C  Y N 93  
DG HOP3   H  N N 94  
DG HOP2   H  N N 95  
DG "H5'"  H  N N 96  
DG "H5''" H  N N 97  
DG "H4'"  H  N N 98  
DG "H3'"  H  N N 99  
DG "HO3'" H  N N 100 
DG "H2'"  H  N N 101 
DG "H2''" H  N N 102 
DG "H1'"  H  N N 103 
DG H8     H  N N 104 
DG H1     H  N N 105 
DG H21    H  N N 106 
DG H22    H  N N 107 
DT OP3    O  N N 108 
DT P      P  N N 109 
DT OP1    O  N N 110 
DT OP2    O  N N 111 
DT "O5'"  O  N N 112 
DT "C5'"  C  N N 113 
DT "C4'"  C  N R 114 
DT "O4'"  O  N N 115 
DT "C3'"  C  N S 116 
DT "O3'"  O  N N 117 
DT "C2'"  C  N N 118 
DT "C1'"  C  N R 119 
DT N1     N  N N 120 
DT C2     C  N N 121 
DT O2     O  N N 122 
DT N3     N  N N 123 
DT C4     C  N N 124 
DT O4     O  N N 125 
DT C5     C  N N 126 
DT C7     C  N N 127 
DT C6     C  N N 128 
DT HOP3   H  N N 129 
DT HOP2   H  N N 130 
DT "H5'"  H  N N 131 
DT "H5''" H  N N 132 
DT "H4'"  H  N N 133 
DT "H3'"  H  N N 134 
DT "HO3'" H  N N 135 
DT "H2'"  H  N N 136 
DT "H2''" H  N N 137 
DT "H1'"  H  N N 138 
DT H3     H  N N 139 
DT H71    H  N N 140 
DT H72    H  N N 141 
DT H73    H  N N 142 
DT H6     H  N N 143 
MG MG     MG N N 144 
# 
loop_
_chem_comp_bond.comp_id 
_chem_comp_bond.atom_id_1 
_chem_comp_bond.atom_id_2 
_chem_comp_bond.value_order 
_chem_comp_bond.pdbx_aromatic_flag 
_chem_comp_bond.pdbx_stereo_config 
_chem_comp_bond.pdbx_ordinal 
DA OP3   P      sing N N 1   
DA OP3   HOP3   sing N N 2   
DA P     OP1    doub N N 3   
DA P     OP2    sing N N 4   
DA P     "O5'"  sing N N 5   
DA OP2   HOP2   sing N N 6   
DA "O5'" "C5'"  sing N N 7   
DA "C5'" "C4'"  sing N N 8   
DA "C5'" "H5'"  sing N N 9   
DA "C5'" "H5''" sing N N 10  
DA "C4'" "O4'"  sing N N 11  
DA "C4'" "C3'"  sing N N 12  
DA "C4'" "H4'"  sing N N 13  
DA "O4'" "C1'"  sing N N 14  
DA "C3'" "O3'"  sing N N 15  
DA "C3'" "C2'"  sing N N 16  
DA "C3'" "H3'"  sing N N 17  
DA "O3'" "HO3'" sing N N 18  
DA "C2'" "C1'"  sing N N 19  
DA "C2'" "H2'"  sing N N 20  
DA "C2'" "H2''" sing N N 21  
DA "C1'" N9     sing N N 22  
DA "C1'" "H1'"  sing N N 23  
DA N9    C8     sing Y N 24  
DA N9    C4     sing Y N 25  
DA C8    N7     doub Y N 26  
DA C8    H8     sing N N 27  
DA N7    C5     sing Y N 28  
DA C5    C6     sing Y N 29  
DA C5    C4     doub Y N 30  
DA C6    N6     sing N N 31  
DA C6    N1     doub Y N 32  
DA N6    H61    sing N N 33  
DA N6    H62    sing N N 34  
DA N1    C2     sing Y N 35  
DA C2    N3     doub Y N 36  
DA C2    H2     sing N N 37  
DA N3    C4     sing Y N 38  
DC OP3   P      sing N N 39  
DC OP3   HOP3   sing N N 40  
DC P     OP1    doub N N 41  
DC P     OP2    sing N N 42  
DC P     "O5'"  sing N N 43  
DC OP2   HOP2   sing N N 44  
DC "O5'" "C5'"  sing N N 45  
DC "C5'" "C4'"  sing N N 46  
DC "C5'" "H5'"  sing N N 47  
DC "C5'" "H5''" sing N N 48  
DC "C4'" "O4'"  sing N N 49  
DC "C4'" "C3'"  sing N N 50  
DC "C4'" "H4'"  sing N N 51  
DC "O4'" "C1'"  sing N N 52  
DC "C3'" "O3'"  sing N N 53  
DC "C3'" "C2'"  sing N N 54  
DC "C3'" "H3'"  sing N N 55  
DC "O3'" "HO3'" sing N N 56  
DC "C2'" "C1'"  sing N N 57  
DC "C2'" "H2'"  sing N N 58  
DC "C2'" "H2''" sing N N 59  
DC "C1'" N1     sing N N 60  
DC "C1'" "H1'"  sing N N 61  
DC N1    C2     sing N N 62  
DC N1    C6     sing N N 63  
DC C2    O2     doub N N 64  
DC C2    N3     sing N N 65  
DC N3    C4     doub N N 66  
DC C4    N4     sing N N 67  
DC C4    C5     sing N N 68  
DC N4    H41    sing N N 69  
DC N4    H42    sing N N 70  
DC C5    C6     doub N N 71  
DC C5    H5     sing N N 72  
DC C6    H6     sing N N 73  
DG OP3   P      sing N N 74  
DG OP3   HOP3   sing N N 75  
DG P     OP1    doub N N 76  
DG P     OP2    sing N N 77  
DG P     "O5'"  sing N N 78  
DG OP2   HOP2   sing N N 79  
DG "O5'" "C5'"  sing N N 80  
DG "C5'" "C4'"  sing N N 81  
DG "C5'" "H5'"  sing N N 82  
DG "C5'" "H5''" sing N N 83  
DG "C4'" "O4'"  sing N N 84  
DG "C4'" "C3'"  sing N N 85  
DG "C4'" "H4'"  sing N N 86  
DG "O4'" "C1'"  sing N N 87  
DG "C3'" "O3'"  sing N N 88  
DG "C3'" "C2'"  sing N N 89  
DG "C3'" "H3'"  sing N N 90  
DG "O3'" "HO3'" sing N N 91  
DG "C2'" "C1'"  sing N N 92  
DG "C2'" "H2'"  sing N N 93  
DG "C2'" "H2''" sing N N 94  
DG "C1'" N9     sing N N 95  
DG "C1'" "H1'"  sing N N 96  
DG N9    C8     sing Y N 97  
DG N9    C4     sing Y N 98  
DG C8    N7     doub Y N 99  
DG C8    H8     sing N N 100 
DG N7    C5     sing Y N 101 
DG C5    C6     sing N N 102 
DG C5    C4     doub Y N 103 
DG C6    O6     doub N N 104 
DG C6    N1     sing N N 105 
DG N1    C2     sing N N 106 
DG N1    H1     sing N N 107 
DG C2    N2     sing N N 108 
DG C2    N3     doub N N 109 
DG N2    H21    sing N N 110 
DG N2    H22    sing N N 111 
DG N3    C4     sing N N 112 
DT OP3   P      sing N N 113 
DT OP3   HOP3   sing N N 114 
DT P     OP1    doub N N 115 
DT P     OP2    sing N N 116 
DT P     "O5'"  sing N N 117 
DT OP2   HOP2   sing N N 118 
DT "O5'" "C5'"  sing N N 119 
DT "C5'" "C4'"  sing N N 120 
DT "C5'" "H5'"  sing N N 121 
DT "C5'" "H5''" sing N N 122 
DT "C4'" "O4'"  sing N N 123 
DT "C4'" "C3'"  sing N N 124 
DT "C4'" "H4'"  sing N N 125 
DT "O4'" "C1'"  sing N N 126 
DT "C3'" "O3'"  sing N N 127 
DT "C3'" "C2'"  sing N N 128 
DT "C3'" "H3'"  sing N N 129 
DT "O3'" "HO3'" sing N N 130 
DT "C2'" "C1'"  sing N N 131 
DT "C2'" "H2'"  sing N N 132 
DT "C2'" "H2''" sing N N 133 
DT "C1'" N1     sing N N 134 
DT "C1'" "H1'"  sing N N 135 
DT N1    C2     sing N N 136 
DT N1    C6     sing N N 137 
DT C2    O2     doub N N 138 
DT C2    N3     sing N N 139 
DT N3    C4     sing N N 140 
DT N3    H3     sing N N 141 
DT C4    O4     doub N N 142 
DT C4    C5     sing N N 143 
DT C5    C7     sing N N 144 
DT C5    C6     doub N N 145 
DT C7    H71    sing N N 146 
DT C7    H72    sing N N 147 
DT C7    H73    sing N N 148 
DT C6    H6     sing N N 149 
# 
loop_
_ndb_struct_conf_na.entry_id 
_ndb_struct_conf_na.feature 
6XGO 'double helix'        
6XGO 'a-form double helix' 
6XGO 'b-form double helix' 
# 
loop_
_ndb_struct_na_base_pair.model_number 
_ndb_struct_na_base_pair.i_label_asym_id 
_ndb_struct_na_base_pair.i_label_comp_id 
_ndb_struct_na_base_pair.i_label_seq_id 
_ndb_struct_na_base_pair.i_symmetry 
_ndb_struct_na_base_pair.j_label_asym_id 
_ndb_struct_na_base_pair.j_label_comp_id 
_ndb_struct_na_base_pair.j_label_seq_id 
_ndb_struct_na_base_pair.j_symmetry 
_ndb_struct_na_base_pair.shear 
_ndb_struct_na_base_pair.stretch 
_ndb_struct_na_base_pair.stagger 
_ndb_struct_na_base_pair.buckle 
_ndb_struct_na_base_pair.propeller 
_ndb_struct_na_base_pair.opening 
_ndb_struct_na_base_pair.pair_number 
_ndb_struct_na_base_pair.pair_name 
_ndb_struct_na_base_pair.i_auth_asym_id 
_ndb_struct_na_base_pair.i_auth_seq_id 
_ndb_struct_na_base_pair.i_PDB_ins_code 
_ndb_struct_na_base_pair.j_auth_asym_id 
_ndb_struct_na_base_pair.j_auth_seq_id 
_ndb_struct_na_base_pair.j_PDB_ins_code 
_ndb_struct_na_base_pair.hbond_type_28 
_ndb_struct_na_base_pair.hbond_type_12 
1 A DG 3  1_555 D DC 16 1_555 0.395  0.507  -0.191 -7.355 -23.675 -8.795  1  A_DG3:DC16_D A 3  ? D 16 ? ?  1 
1 A DC 4  1_555 D DG 15 1_555 -1.539 0.937  0.205  7.426  -21.040 7.459   2  A_DC4:DG15_D A 4  ? D 15 ? ?  1 
1 A DA 5  1_555 D DT 14 1_555 0.788  -0.162 0.995  15.162 -5.867  -6.385  3  A_DA5:DT14_D A 5  ? D 14 ? 20 1 
1 A DG 6  1_555 D DC 13 1_555 0.667  -0.182 0.399  11.554 -5.827  -5.246  4  A_DG6:DC13_D A 6  ? D 13 ? 19 1 
1 A DA 7  1_555 D DT 12 1_555 0.230  -0.061 -0.008 3.289  -6.069  -13.444 5  A_DA7:DT12_D A 7  ? D 12 ? 20 1 
1 A DC 8  1_555 D DG 11 1_555 0.213  -0.450 0.204  4.153  -2.449  -1.034  6  A_DC8:DG11_D A 8  ? D 11 ? 19 1 
1 A DA 9  1_555 D DT 10 1_555 -0.113 -0.128 0.087  5.261  -0.789  0.440   7  A_DA9:DT10_D A 9  ? D 10 ? 20 1 
1 A DA 10 1_555 C DT 2  1_555 0.270  -0.255 0.465  9.817  -3.808  -4.111  8  A_DA10:DT2_C A 10 ? C 2  ? 20 1 
1 A DG 11 1_555 C DC 1  1_555 0.374  -0.088 0.521  8.171  -5.722  5.099   9  A_DG11:DC1_C A 11 ? C 1  ? 19 1 
1 B DA 1  1_555 C DT 5  1_555 -0.157 -0.380 0.172  3.829  -12.449 -6.478  10 B_DA12:DT5_C B 12 ? C 5  ? 20 1 
1 B DC 2  1_555 C DG 4  1_555 0.006  -0.215 0.383  -1.617 -16.254 2.870   11 B_DC13:DG4_C B 13 ? C 4  ? 19 1 
1 B DT 3  1_555 C DA 3  1_555 0.281  -0.219 0.664  0.919  -10.526 -5.965  12 B_DT14:DA3_C B 14 ? C 3  ? 20 1 
1 B DC 4  1_555 D DG 9  1_555 -0.123 0.084  0.713  -5.536 -12.666 6.204   13 B_DC15:DG9_D B 15 ? D 9  ? 19 1 
1 B DC 5  1_555 D DG 8  1_555 -0.296 -0.071 0.950  0.687  -12.171 -1.279  14 B_DC16:DG8_D B 16 ? D 8  ? 19 1 
1 B DA 6  1_555 D DT 7  1_555 0.620  -0.344 0.496  0.761  1.005   -5.213  15 B_DA17:DT7_D B 17 ? D 7  ? 20 1 
1 B DC 7  1_555 D DG 6  1_555 -0.183 -0.246 0.244  -4.484 -9.127  -6.257  16 B_DC18:DG6_D B 18 ? D 6  ? 19 1 
1 B DT 8  1_555 D DA 5  1_555 -1.701 0.283  0.090  -5.798 -16.142 -17.427 17 B_DT19:DA5_D B 19 ? D 5  ? 20 1 
1 B DC 9  1_555 D DG 4  1_555 -0.853 0.465  0.005  -4.050 -10.213 1.273   18 B_DC20:DG4_D B 20 ? D 4  ? 19 1 
1 B DA 10 1_555 D DT 3  1_555 1.538  0.291  -0.547 -7.876 -16.796 -3.743  19 B_DA21:DT3_D B 21 ? D 3  ? 20 1 
# 
loop_
_ndb_struct_na_base_pair_step.model_number 
_ndb_struct_na_base_pair_step.i_label_asym_id_1 
_ndb_struct_na_base_pair_step.i_label_comp_id_1 
_ndb_struct_na_base_pair_step.i_label_seq_id_1 
_ndb_struct_na_base_pair_step.i_symmetry_1 
_ndb_struct_na_base_pair_step.j_label_asym_id_1 
_ndb_struct_na_base_pair_step.j_label_comp_id_1 
_ndb_struct_na_base_pair_step.j_label_seq_id_1 
_ndb_struct_na_base_pair_step.j_symmetry_1 
_ndb_struct_na_base_pair_step.i_label_asym_id_2 
_ndb_struct_na_base_pair_step.i_label_comp_id_2 
_ndb_struct_na_base_pair_step.i_label_seq_id_2 
_ndb_struct_na_base_pair_step.i_symmetry_2 
_ndb_struct_na_base_pair_step.j_label_asym_id_2 
_ndb_struct_na_base_pair_step.j_label_comp_id_2 
_ndb_struct_na_base_pair_step.j_label_seq_id_2 
_ndb_struct_na_base_pair_step.j_symmetry_2 
_ndb_struct_na_base_pair_step.shift 
_ndb_struct_na_base_pair_step.slide 
_ndb_struct_na_base_pair_step.rise 
_ndb_struct_na_base_pair_step.tilt 
_ndb_struct_na_base_pair_step.roll 
_ndb_struct_na_base_pair_step.twist 
_ndb_struct_na_base_pair_step.x_displacement 
_ndb_struct_na_base_pair_step.y_displacement 
_ndb_struct_na_base_pair_step.helical_rise 
_ndb_struct_na_base_pair_step.inclination 
_ndb_struct_na_base_pair_step.tip 
_ndb_struct_na_base_pair_step.helical_twist 
_ndb_struct_na_base_pair_step.step_number 
_ndb_struct_na_base_pair_step.step_name 
_ndb_struct_na_base_pair_step.i_auth_asym_id_1 
_ndb_struct_na_base_pair_step.i_auth_seq_id_1 
_ndb_struct_na_base_pair_step.i_PDB_ins_code_1 
_ndb_struct_na_base_pair_step.j_auth_asym_id_1 
_ndb_struct_na_base_pair_step.j_auth_seq_id_1 
_ndb_struct_na_base_pair_step.j_PDB_ins_code_1 
_ndb_struct_na_base_pair_step.i_auth_asym_id_2 
_ndb_struct_na_base_pair_step.i_auth_seq_id_2 
_ndb_struct_na_base_pair_step.i_PDB_ins_code_2 
_ndb_struct_na_base_pair_step.j_auth_asym_id_2 
_ndb_struct_na_base_pair_step.j_auth_seq_id_2 
_ndb_struct_na_base_pair_step.j_PDB_ins_code_2 
1 A DG 3  1_555 D DC 16 1_555 A DC 4  1_555 D DG 15 1_555 0.303  -0.686 2.664 -1.497 2.351   24.294 -2.206 -1.090 2.564 5.562   
3.542   24.451 1  AA_DG3DC4:DG15DC16_DD A 3  ? D 16 ? A 4  ? D 15 ? 
1 A DC 4  1_555 D DG 15 1_555 A DA 5  1_555 D DT 14 1_555 -0.298 0.354  3.158 -6.484 -0.818  45.395 0.524  -0.164 3.163 -1.053  
8.350   45.838 2  AA_DC4DA5:DT14DG15_DD A 4  ? D 15 ? A 5  ? D 14 ? 
1 A DA 5  1_555 D DT 14 1_555 A DG 6  1_555 D DC 13 1_555 -0.341 -0.694 3.496 0.755  -0.402  30.895 -1.220 0.796  3.495 -0.755  
-1.417  30.906 3  AA_DA5DG6:DC13DT14_DD A 5  ? D 14 ? A 6  ? D 13 ? 
1 A DG 6  1_555 D DC 13 1_555 A DA 7  1_555 D DT 12 1_555 -0.446 -0.807 3.569 0.151  6.163   30.471 -2.767 0.864  3.343 11.576  
-0.284  31.074 4  AA_DG6DA7:DT12DC13_DD A 6  ? D 13 ? A 7  ? D 12 ? 
1 A DA 7  1_555 D DT 12 1_555 A DC 8  1_555 D DG 11 1_555 0.857  -0.940 3.352 -5.382 0.727   35.773 -1.617 -2.141 3.175 1.175   
8.699   36.169 5  AA_DA7DC8:DG11DT12_DD A 7  ? D 12 ? A 8  ? D 11 ? 
1 A DC 8  1_555 D DG 11 1_555 A DA 9  1_555 D DT 10 1_555 -0.723 -1.417 3.212 -4.182 5.846   29.562 -3.822 0.577  2.955 11.248  
8.047   30.405 6  AA_DC8DA9:DT10DG11_DD A 8  ? D 11 ? A 9  ? D 10 ? 
1 A DA 9  1_555 D DT 10 1_555 A DA 10 1_555 C DT 2  1_555 -1.469 -0.761 3.092 -4.759 -5.077  31.535 -0.471 1.800  3.351 -9.202  
8.625   32.275 7  AA_DA9DA10:DT2DT10_CD A 9  ? D 10 ? A 10 ? C 2  ? 
1 A DA 10 1_555 C DT 2  1_555 A DG 11 1_555 C DC 1  1_555 0.535  -0.063 3.394 -1.757 2.613   31.809 -0.603 -1.300 3.344 4.752   
3.195   31.961 8  AA_DA10DG11:DC1DT2_CC A 10 ? C 2  ? A 11 ? C 1  ? 
1 B DA 1  1_555 C DT 5  1_555 B DC 2  1_555 C DG 4  1_555 0.967  -1.209 3.376 -1.032 -4.939  36.660 -1.206 -1.670 3.476 -7.806  
1.632   36.994 9  BB_DA12DC13:DG4DT5_CC B 12 ? C 5  ? B 13 ? C 4  ? 
1 B DC 2  1_555 C DG 4  1_555 B DT 3  1_555 C DA 3  1_555 -0.508 -1.372 3.255 -2.438 -1.659  36.542 -1.952 0.471  3.338 -2.640  
3.880   36.656 10 BB_DC13DT14:DA3DG4_CC B 13 ? C 4  ? B 14 ? C 3  ? 
1 B DT 3  1_555 C DA 3  1_555 B DC 4  1_555 D DG 9  1_555 -0.389 -1.057 3.201 0.536  -0.066  28.431 -2.137 0.912  3.195 -0.134  
-1.092  28.437 11 BB_DT14DC15:DG9DA3_DC B 14 ? C 3  ? B 15 ? D 9  ? 
1 B DC 4  1_555 D DG 9  1_555 B DC 5  1_555 D DG 8  1_555 -0.730 0.275  3.321 0.208  8.367   22.556 -2.116 1.821  3.207 20.507  
-0.510  24.040 12 BB_DC15DC16:DG8DG9_DD B 15 ? D 9  ? B 16 ? D 8  ? 
1 B DC 5  1_555 D DG 8  1_555 B DA 6  1_555 D DT 7  1_555 -0.068 1.906  3.505 1.518  -10.150 52.341 2.785  0.175  3.109 -11.383 
-1.702  53.268 13 BB_DC16DA17:DT7DG8_DD B 16 ? D 8  ? B 17 ? D 7  ? 
1 B DA 6  1_555 D DT 7  1_555 B DC 7  1_555 D DG 6  1_555 0.327  -0.833 3.479 -0.649 0.954   27.179 -2.024 -0.867 3.440 2.029   
1.381   27.203 14 BB_DA17DC18:DG6DT7_DD B 17 ? D 7  ? B 18 ? D 6  ? 
1 B DC 7  1_555 D DG 6  1_555 B DT 8  1_555 D DA 5  1_555 -0.460 -0.671 3.301 0.246  2.665   29.021 -1.914 0.969  3.223 5.304   
-0.490  29.142 15 BB_DC18DT19:DA5DG6_DD B 18 ? D 6  ? B 19 ? D 5  ? 
1 B DT 8  1_555 D DA 5  1_555 B DC 9  1_555 D DG 4  1_555 1.552  0.199  3.321 7.305  2.465   37.195 -0.028 -1.395 3.557 3.814   
-11.304 37.958 16 BB_DT19DC20:DG4DA5_DD B 19 ? D 5  ? B 20 ? D 4  ? 
1 B DC 9  1_555 D DG 4  1_555 B DA 10 1_555 D DT 3  1_555 -0.712 1.859  3.570 1.505  0.529   47.540 2.259  1.015  3.567 0.656   
-1.867  47.565 17 BB_DC20DA21:DT3DG4_DD B 20 ? D 4  ? B 21 ? D 3  ? 
# 
loop_
_pdbx_audit_support.funding_organization 
_pdbx_audit_support.country 
_pdbx_audit_support.grant_number 
_pdbx_audit_support.ordinal 
'National Science Foundation (NSF, United States)'                                         'United States' 1360635     1 
'National Institutes of Health/National Institute of General Medical Sciences (NIH/NIGMS)' 'United States' R01GM104960 2 
'National Science Foundation (NSF, United States)'                                         'United States' NSF2004250  3 
# 
_pdbx_entity_nonpoly.entity_id   5 
_pdbx_entity_nonpoly.name        'MAGNESIUM ION' 
_pdbx_entity_nonpoly.comp_id     MG 
# 
_pdbx_initial_refinement_model.id               1 
_pdbx_initial_refinement_model.entity_id_list   ? 
_pdbx_initial_refinement_model.type             'experimental model' 
_pdbx_initial_refinement_model.source_name      PDB 
_pdbx_initial_refinement_model.accession_code   6X8C 
_pdbx_initial_refinement_model.details          ? 
# 
_pdbx_struct_assembly_auth_evidence.id                     1 
_pdbx_struct_assembly_auth_evidence.assembly_id            1 
_pdbx_struct_assembly_auth_evidence.experimental_support   none 
_pdbx_struct_assembly_auth_evidence.details                ? 
# 
